data_1RF7
# 
_entry.id   1RF7 
# 
_audit_conform.dict_name       mmcif_pdbx.dic 
_audit_conform.dict_version    5.399 
_audit_conform.dict_location   http://mmcif.pdb.org/dictionaries/ascii/mmcif_pdbx.dic 
# 
loop_
_database_2.database_id 
_database_2.database_code 
_database_2.pdbx_database_accession 
_database_2.pdbx_DOI 
PDB   1RF7         pdb_00001rf7 10.2210/pdb1rf7/pdb 
WWPDB D_1000176064 ?            ?                   
# 
loop_
_pdbx_audit_revision_history.ordinal 
_pdbx_audit_revision_history.data_content_type 
_pdbx_audit_revision_history.major_revision 
_pdbx_audit_revision_history.minor_revision 
_pdbx_audit_revision_history.revision_date 
1 'Structure model' 1 0 1997-03-12 
2 'Structure model' 1 1 2008-03-24 
3 'Structure model' 1 2 2011-07-13 
4 'Structure model' 1 3 2023-08-09 
5 'Structure model' 1 4 2024-12-25 
# 
_pdbx_audit_revision_details.ordinal             1 
_pdbx_audit_revision_details.revision_ordinal    1 
_pdbx_audit_revision_details.data_content_type   'Structure model' 
_pdbx_audit_revision_details.provider            repository 
_pdbx_audit_revision_details.type                'Initial release' 
_pdbx_audit_revision_details.description         ? 
_pdbx_audit_revision_details.details             ? 
# 
loop_
_pdbx_audit_revision_group.ordinal 
_pdbx_audit_revision_group.revision_ordinal 
_pdbx_audit_revision_group.data_content_type 
_pdbx_audit_revision_group.group 
1 2 'Structure model' 'Version format compliance' 
2 3 'Structure model' 'Version format compliance' 
3 4 'Structure model' 'Database references'       
4 4 'Structure model' 'Derived calculations'      
5 4 'Structure model' 'Refinement description'    
6 5 'Structure model' Advisory                    
7 5 'Structure model' 'Data collection'           
8 5 'Structure model' 'Derived calculations'      
9 5 'Structure model' 'Structure summary'         
# 
loop_
_pdbx_audit_revision_category.ordinal 
_pdbx_audit_revision_category.revision_ordinal 
_pdbx_audit_revision_category.data_content_type 
_pdbx_audit_revision_category.category 
1  4 'Structure model' database_2                    
2  4 'Structure model' pdbx_initial_refinement_model 
3  4 'Structure model' pdbx_struct_conn_angle        
4  4 'Structure model' struct_conn                   
5  4 'Structure model' struct_ref_seq_dif            
6  4 'Structure model' struct_site                   
7  5 'Structure model' chem_comp_atom                
8  5 'Structure model' chem_comp_bond                
9  5 'Structure model' pdbx_entry_details            
10 5 'Structure model' pdbx_validate_close_contact   
11 5 'Structure model' struct_conn                   
12 5 'Structure model' struct_conn_type              
# 
loop_
_pdbx_audit_revision_item.ordinal 
_pdbx_audit_revision_item.revision_ordinal 
_pdbx_audit_revision_item.data_content_type 
_pdbx_audit_revision_item.item 
1  4 'Structure model' '_database_2.pdbx_DOI'                         
2  4 'Structure model' '_database_2.pdbx_database_accession'          
3  4 'Structure model' '_pdbx_struct_conn_angle.ptnr1_auth_comp_id'   
4  4 'Structure model' '_pdbx_struct_conn_angle.ptnr1_auth_seq_id'    
5  4 'Structure model' '_pdbx_struct_conn_angle.ptnr1_label_asym_id'  
6  4 'Structure model' '_pdbx_struct_conn_angle.ptnr1_label_atom_id'  
7  4 'Structure model' '_pdbx_struct_conn_angle.ptnr1_label_comp_id'  
8  4 'Structure model' '_pdbx_struct_conn_angle.ptnr1_label_seq_id'   
9  4 'Structure model' '_pdbx_struct_conn_angle.ptnr1_symmetry'       
10 4 'Structure model' '_pdbx_struct_conn_angle.ptnr3_auth_comp_id'   
11 4 'Structure model' '_pdbx_struct_conn_angle.ptnr3_auth_seq_id'    
12 4 'Structure model' '_pdbx_struct_conn_angle.ptnr3_label_asym_id'  
13 4 'Structure model' '_pdbx_struct_conn_angle.ptnr3_label_atom_id'  
14 4 'Structure model' '_pdbx_struct_conn_angle.ptnr3_label_comp_id'  
15 4 'Structure model' '_pdbx_struct_conn_angle.ptnr3_label_seq_id'   
16 4 'Structure model' '_pdbx_struct_conn_angle.ptnr3_symmetry'       
17 4 'Structure model' '_pdbx_struct_conn_angle.value'                
18 4 'Structure model' '_struct_conn.pdbx_dist_value'                 
19 4 'Structure model' '_struct_conn.pdbx_leaving_atom_flag'          
20 4 'Structure model' '_struct_conn.ptnr1_auth_comp_id'              
21 4 'Structure model' '_struct_conn.ptnr1_auth_seq_id'               
22 4 'Structure model' '_struct_conn.ptnr1_label_asym_id'             
23 4 'Structure model' '_struct_conn.ptnr1_label_atom_id'             
24 4 'Structure model' '_struct_conn.ptnr1_label_comp_id'             
25 4 'Structure model' '_struct_conn.ptnr1_label_seq_id'              
26 4 'Structure model' '_struct_conn.ptnr1_symmetry'                  
27 4 'Structure model' '_struct_conn.ptnr2_auth_comp_id'              
28 4 'Structure model' '_struct_conn.ptnr2_auth_seq_id'               
29 4 'Structure model' '_struct_conn.ptnr2_label_asym_id'             
30 4 'Structure model' '_struct_conn.ptnr2_label_atom_id'             
31 4 'Structure model' '_struct_conn.ptnr2_label_comp_id'             
32 4 'Structure model' '_struct_conn.ptnr2_label_seq_id'              
33 4 'Structure model' '_struct_conn.ptnr2_symmetry'                  
34 4 'Structure model' '_struct_ref_seq_dif.details'                  
35 4 'Structure model' '_struct_site.pdbx_auth_asym_id'               
36 4 'Structure model' '_struct_site.pdbx_auth_comp_id'               
37 4 'Structure model' '_struct_site.pdbx_auth_seq_id'                
38 5 'Structure model' '_pdbx_entry_details.has_protein_modification' 
# 
_pdbx_database_status.status_code                     REL 
_pdbx_database_status.entry_id                        1RF7 
_pdbx_database_status.recvd_initial_deposition_date   1996-10-24 
_pdbx_database_status.deposit_site                    ? 
_pdbx_database_status.process_site                    BNL 
_pdbx_database_status.status_code_sf                  REL 
_pdbx_database_status.status_code_mr                  ? 
_pdbx_database_status.SG_entry                        ? 
_pdbx_database_status.pdb_format_compatible           Y 
_pdbx_database_status.status_code_cs                  ? 
_pdbx_database_status.status_code_nmr_data            ? 
_pdbx_database_status.methods_development_category    ? 
# 
_audit_author.name           'Sawaya, M.R.' 
_audit_author.pdbx_ordinal   1 
# 
loop_
_citation.id 
_citation.title 
_citation.journal_abbrev 
_citation.journal_volume 
_citation.page_first 
_citation.page_last 
_citation.year 
_citation.journal_id_ASTM 
_citation.country 
_citation.journal_id_ISSN 
_citation.journal_id_CSD 
_citation.book_publisher 
_citation.pdbx_database_id_PubMed 
_citation.pdbx_database_id_DOI 
primary 'Loop and subdomain movements in the mechanism of Escherichia coli dihydrofolate reductase: crystallographic evidence.' 
Biochemistry 36 586  603 1997 BICHAW US 0006-2960 0033 ? 9012674 10.1021/bi962337c 
1       
;Isomorphous Crystal Structures of Escherichia Coli Dihydrofolate Reductase Complexed with Folate, 5-Deazafolate, and 5,10-Dideazatetrahydrofolate: Mechanistic Implications
;
Biochemistry 34 2710 ?   1995 BICHAW US 0006-2960 0033 ? ?       ?                 
2       
;Crystal Structure of Unliganded Escherichia Coli Dihydrofolate Reductase. Ligand-Induced Conformational Changes and Cooperativity in Binding
;
Biochemistry 30 2227 ?   1991 BICHAW US 0006-2960 0033 ? ?       ?                 
3       
;Crystal Structures of Escherichia Coli Dihydrofolate Reductase: The Nadp+ Holoenzyme and the Folate.Nadp+ Ternary Complex. Substrate Binding and a Model for the Transition State
;
Biochemistry 29 3263 ?   1990 BICHAW US 0006-2960 0033 ? ?       ?                 
# 
loop_
_citation_author.citation_id 
_citation_author.name 
_citation_author.ordinal 
_citation_author.identifier_ORCID 
primary 'Sawaya, M.R.' 1  ? 
primary 'Kraut, J.'    2  ? 
1       'Reyes, V.M.'  3  ? 
1       'Sawaya, M.R.' 4  ? 
1       'Brown, K.A.'  5  ? 
1       'Kraut, J.'    6  ? 
2       'Bystroff, C.' 7  ? 
2       'Kraut, J.'    8  ? 
3       'Bystroff, C.' 9  ? 
3       'Oatley, S.J.' 10 ? 
3       'Kraut, J.'    11 ? 
# 
loop_
_entity.id 
_entity.type 
_entity.src_method 
_entity.pdbx_description 
_entity.formula_weight 
_entity.pdbx_number_of_molecules 
_entity.pdbx_ec 
_entity.pdbx_mutation 
_entity.pdbx_fragment 
_entity.details 
1 polymer     man 'DIHYDROFOLATE REDUCTASE' 18020.326 1   1.5.1.3 ? ? ? 
2 non-polymer syn 'CHLORIDE ION'            35.453    1   ?       ? ? ? 
3 non-polymer syn 'MANGANESE (II) ION'      54.938    1   ?       ? ? ? 
4 non-polymer syn 'DIHYDROFOLIC ACID'       443.413   2   ?       ? ? ? 
5 water       nat water                     18.015    134 ?       ? ? ? 
# 
_entity_name_com.entity_id   1 
_entity_name_com.name        DHFR 
# 
_entity_poly.entity_id                      1 
_entity_poly.type                           'polypeptide(L)' 
_entity_poly.nstd_linkage                   no 
_entity_poly.nstd_monomer                   no 
_entity_poly.pdbx_seq_one_letter_code       
;MISLIAALAVDRVIGMENAMPWNLPADLAWFKRNTLDKPVIMGRHTWESIGRPLPGRKNIILSSQPGTDDRVTWVKSVDE
AIAACGDVPEIMVIGGGRVYEQFLPKAQKLYLTHIDAEVEGDTHFPDYEPDDWESVFSEFHDADAQNSHSYCFEILERR
;
_entity_poly.pdbx_seq_one_letter_code_can   
;MISLIAALAVDRVIGMENAMPWNLPADLAWFKRNTLDKPVIMGRHTWESIGRPLPGRKNIILSSQPGTDDRVTWVKSVDE
AIAACGDVPEIMVIGGGRVYEQFLPKAQKLYLTHIDAEVEGDTHFPDYEPDDWESVFSEFHDADAQNSHSYCFEILERR
;
_entity_poly.pdbx_strand_id                 A 
_entity_poly.pdbx_target_identifier         ? 
# 
loop_
_pdbx_entity_nonpoly.entity_id 
_pdbx_entity_nonpoly.name 
_pdbx_entity_nonpoly.comp_id 
2 'CHLORIDE ION'       CL  
3 'MANGANESE (II) ION' MN  
4 'DIHYDROFOLIC ACID'  DHF 
5 water                HOH 
# 
loop_
_entity_poly_seq.entity_id 
_entity_poly_seq.num 
_entity_poly_seq.mon_id 
_entity_poly_seq.hetero 
1 1   MET n 
1 2   ILE n 
1 3   SER n 
1 4   LEU n 
1 5   ILE n 
1 6   ALA n 
1 7   ALA n 
1 8   LEU n 
1 9   ALA n 
1 10  VAL n 
1 11  ASP n 
1 12  ARG n 
1 13  VAL n 
1 14  ILE n 
1 15  GLY n 
1 16  MET n 
1 17  GLU n 
1 18  ASN n 
1 19  ALA n 
1 20  MET n 
1 21  PRO n 
1 22  TRP n 
1 23  ASN n 
1 24  LEU n 
1 25  PRO n 
1 26  ALA n 
1 27  ASP n 
1 28  LEU n 
1 29  ALA n 
1 30  TRP n 
1 31  PHE n 
1 32  LYS n 
1 33  ARG n 
1 34  ASN n 
1 35  THR n 
1 36  LEU n 
1 37  ASP n 
1 38  LYS n 
1 39  PRO n 
1 40  VAL n 
1 41  ILE n 
1 42  MET n 
1 43  GLY n 
1 44  ARG n 
1 45  HIS n 
1 46  THR n 
1 47  TRP n 
1 48  GLU n 
1 49  SER n 
1 50  ILE n 
1 51  GLY n 
1 52  ARG n 
1 53  PRO n 
1 54  LEU n 
1 55  PRO n 
1 56  GLY n 
1 57  ARG n 
1 58  LYS n 
1 59  ASN n 
1 60  ILE n 
1 61  ILE n 
1 62  LEU n 
1 63  SER n 
1 64  SER n 
1 65  GLN n 
1 66  PRO n 
1 67  GLY n 
1 68  THR n 
1 69  ASP n 
1 70  ASP n 
1 71  ARG n 
1 72  VAL n 
1 73  THR n 
1 74  TRP n 
1 75  VAL n 
1 76  LYS n 
1 77  SER n 
1 78  VAL n 
1 79  ASP n 
1 80  GLU n 
1 81  ALA n 
1 82  ILE n 
1 83  ALA n 
1 84  ALA n 
1 85  CYS n 
1 86  GLY n 
1 87  ASP n 
1 88  VAL n 
1 89  PRO n 
1 90  GLU n 
1 91  ILE n 
1 92  MET n 
1 93  VAL n 
1 94  ILE n 
1 95  GLY n 
1 96  GLY n 
1 97  GLY n 
1 98  ARG n 
1 99  VAL n 
1 100 TYR n 
1 101 GLU n 
1 102 GLN n 
1 103 PHE n 
1 104 LEU n 
1 105 PRO n 
1 106 LYS n 
1 107 ALA n 
1 108 GLN n 
1 109 LYS n 
1 110 LEU n 
1 111 TYR n 
1 112 LEU n 
1 113 THR n 
1 114 HIS n 
1 115 ILE n 
1 116 ASP n 
1 117 ALA n 
1 118 GLU n 
1 119 VAL n 
1 120 GLU n 
1 121 GLY n 
1 122 ASP n 
1 123 THR n 
1 124 HIS n 
1 125 PHE n 
1 126 PRO n 
1 127 ASP n 
1 128 TYR n 
1 129 GLU n 
1 130 PRO n 
1 131 ASP n 
1 132 ASP n 
1 133 TRP n 
1 134 GLU n 
1 135 SER n 
1 136 VAL n 
1 137 PHE n 
1 138 SER n 
1 139 GLU n 
1 140 PHE n 
1 141 HIS n 
1 142 ASP n 
1 143 ALA n 
1 144 ASP n 
1 145 ALA n 
1 146 GLN n 
1 147 ASN n 
1 148 SER n 
1 149 HIS n 
1 150 SER n 
1 151 TYR n 
1 152 CYS n 
1 153 PHE n 
1 154 GLU n 
1 155 ILE n 
1 156 LEU n 
1 157 GLU n 
1 158 ARG n 
1 159 ARG n 
# 
_entity_src_gen.entity_id                          1 
_entity_src_gen.pdbx_src_id                        1 
_entity_src_gen.pdbx_alt_source_flag               sample 
_entity_src_gen.pdbx_seq_type                      ? 
_entity_src_gen.pdbx_beg_seq_num                   ? 
_entity_src_gen.pdbx_end_seq_num                   ? 
_entity_src_gen.gene_src_common_name               ? 
_entity_src_gen.gene_src_genus                     Escherichia 
_entity_src_gen.pdbx_gene_src_gene                 ? 
_entity_src_gen.gene_src_species                   ? 
_entity_src_gen.gene_src_strain                    RT500 
_entity_src_gen.gene_src_tissue                    ? 
_entity_src_gen.gene_src_tissue_fraction           ? 
_entity_src_gen.gene_src_details                   ? 
_entity_src_gen.pdbx_gene_src_fragment             ? 
_entity_src_gen.pdbx_gene_src_scientific_name      'Escherichia coli' 
_entity_src_gen.pdbx_gene_src_ncbi_taxonomy_id     562 
_entity_src_gen.pdbx_gene_src_variant              ? 
_entity_src_gen.pdbx_gene_src_cell_line            ? 
_entity_src_gen.pdbx_gene_src_atcc                 ? 
_entity_src_gen.pdbx_gene_src_organ                ? 
_entity_src_gen.pdbx_gene_src_organelle            ? 
_entity_src_gen.pdbx_gene_src_cell                 ? 
_entity_src_gen.pdbx_gene_src_cellular_location    ? 
_entity_src_gen.host_org_common_name               ? 
_entity_src_gen.pdbx_host_org_scientific_name      'Escherichia coli' 
_entity_src_gen.pdbx_host_org_ncbi_taxonomy_id     562 
_entity_src_gen.host_org_genus                     Escherichia 
_entity_src_gen.pdbx_host_org_gene                 ? 
_entity_src_gen.pdbx_host_org_organ                ? 
_entity_src_gen.host_org_species                   ? 
_entity_src_gen.pdbx_host_org_tissue               ? 
_entity_src_gen.pdbx_host_org_tissue_fraction      ? 
_entity_src_gen.pdbx_host_org_strain               ? 
_entity_src_gen.pdbx_host_org_variant              ? 
_entity_src_gen.pdbx_host_org_cell_line            ? 
_entity_src_gen.pdbx_host_org_atcc                 ? 
_entity_src_gen.pdbx_host_org_culture_collection   ? 
_entity_src_gen.pdbx_host_org_cell                 ? 
_entity_src_gen.pdbx_host_org_organelle            ? 
_entity_src_gen.pdbx_host_org_cellular_location    ? 
_entity_src_gen.pdbx_host_org_vector_type          ? 
_entity_src_gen.pdbx_host_org_vector               ? 
_entity_src_gen.host_org_details                   ? 
_entity_src_gen.expression_system_id               ? 
_entity_src_gen.plasmid_name                       PRWA-1 
_entity_src_gen.plasmid_details                    ? 
_entity_src_gen.pdbx_description                   ? 
# 
loop_
_chem_comp.id 
_chem_comp.type 
_chem_comp.mon_nstd_flag 
_chem_comp.name 
_chem_comp.pdbx_synonyms 
_chem_comp.formula 
_chem_comp.formula_weight 
ALA 'L-peptide linking' y ALANINE              ? 'C3 H7 N O2'     89.093  
ARG 'L-peptide linking' y ARGININE             ? 'C6 H15 N4 O2 1' 175.209 
ASN 'L-peptide linking' y ASPARAGINE           ? 'C4 H8 N2 O3'    132.118 
ASP 'L-peptide linking' y 'ASPARTIC ACID'      ? 'C4 H7 N O4'     133.103 
CL  non-polymer         . 'CHLORIDE ION'       ? 'Cl -1'          35.453  
CYS 'L-peptide linking' y CYSTEINE             ? 'C3 H7 N O2 S'   121.158 
DHF non-polymer         . 'DIHYDROFOLIC ACID'  ? 'C19 H21 N7 O6'  443.413 
GLN 'L-peptide linking' y GLUTAMINE            ? 'C5 H10 N2 O3'   146.144 
GLU 'L-peptide linking' y 'GLUTAMIC ACID'      ? 'C5 H9 N O4'     147.129 
GLY 'peptide linking'   y GLYCINE              ? 'C2 H5 N O2'     75.067  
HIS 'L-peptide linking' y HISTIDINE            ? 'C6 H10 N3 O2 1' 156.162 
HOH non-polymer         . WATER                ? 'H2 O'           18.015  
ILE 'L-peptide linking' y ISOLEUCINE           ? 'C6 H13 N O2'    131.173 
LEU 'L-peptide linking' y LEUCINE              ? 'C6 H13 N O2'    131.173 
LYS 'L-peptide linking' y LYSINE               ? 'C6 H15 N2 O2 1' 147.195 
MET 'L-peptide linking' y METHIONINE           ? 'C5 H11 N O2 S'  149.211 
MN  non-polymer         . 'MANGANESE (II) ION' ? 'Mn 2'           54.938  
PHE 'L-peptide linking' y PHENYLALANINE        ? 'C9 H11 N O2'    165.189 
PRO 'L-peptide linking' y PROLINE              ? 'C5 H9 N O2'     115.130 
SER 'L-peptide linking' y SERINE               ? 'C3 H7 N O3'     105.093 
THR 'L-peptide linking' y THREONINE            ? 'C4 H9 N O3'     119.119 
TRP 'L-peptide linking' y TRYPTOPHAN           ? 'C11 H12 N2 O2'  204.225 
TYR 'L-peptide linking' y TYROSINE             ? 'C9 H11 N O3'    181.189 
VAL 'L-peptide linking' y VALINE               ? 'C5 H11 N O2'    117.146 
# 
loop_
_pdbx_poly_seq_scheme.asym_id 
_pdbx_poly_seq_scheme.entity_id 
_pdbx_poly_seq_scheme.seq_id 
_pdbx_poly_seq_scheme.mon_id 
_pdbx_poly_seq_scheme.ndb_seq_num 
_pdbx_poly_seq_scheme.pdb_seq_num 
_pdbx_poly_seq_scheme.auth_seq_num 
_pdbx_poly_seq_scheme.pdb_mon_id 
_pdbx_poly_seq_scheme.auth_mon_id 
_pdbx_poly_seq_scheme.pdb_strand_id 
_pdbx_poly_seq_scheme.pdb_ins_code 
_pdbx_poly_seq_scheme.hetero 
A 1 1   MET 1   1   1   MET MET A . n 
A 1 2   ILE 2   2   2   ILE ILE A . n 
A 1 3   SER 3   3   3   SER SER A . n 
A 1 4   LEU 4   4   4   LEU LEU A . n 
A 1 5   ILE 5   5   5   ILE ILE A . n 
A 1 6   ALA 6   6   6   ALA ALA A . n 
A 1 7   ALA 7   7   7   ALA ALA A . n 
A 1 8   LEU 8   8   8   LEU LEU A . n 
A 1 9   ALA 9   9   9   ALA ALA A . n 
A 1 10  VAL 10  10  10  VAL VAL A . n 
A 1 11  ASP 11  11  11  ASP ASP A . n 
A 1 12  ARG 12  12  12  ARG ARG A . n 
A 1 13  VAL 13  13  13  VAL VAL A . n 
A 1 14  ILE 14  14  14  ILE ILE A . n 
A 1 15  GLY 15  15  15  GLY GLY A . n 
A 1 16  MET 16  16  16  MET MET A . n 
A 1 17  GLU 17  17  17  GLU GLU A . n 
A 1 18  ASN 18  18  18  ASN ASN A . n 
A 1 19  ALA 19  19  19  ALA ALA A . n 
A 1 20  MET 20  20  20  MET MET A . n 
A 1 21  PRO 21  21  21  PRO PRO A . n 
A 1 22  TRP 22  22  22  TRP TRP A . n 
A 1 23  ASN 23  23  23  ASN ASN A . n 
A 1 24  LEU 24  24  24  LEU LEU A . n 
A 1 25  PRO 25  25  25  PRO PRO A . n 
A 1 26  ALA 26  26  26  ALA ALA A . n 
A 1 27  ASP 27  27  27  ASP ASP A . n 
A 1 28  LEU 28  28  28  LEU LEU A . n 
A 1 29  ALA 29  29  29  ALA ALA A . n 
A 1 30  TRP 30  30  30  TRP TRP A . n 
A 1 31  PHE 31  31  31  PHE PHE A . n 
A 1 32  LYS 32  32  32  LYS LYS A . n 
A 1 33  ARG 33  33  33  ARG ARG A . n 
A 1 34  ASN 34  34  34  ASN ASN A . n 
A 1 35  THR 35  35  35  THR THR A . n 
A 1 36  LEU 36  36  36  LEU LEU A . n 
A 1 37  ASP 37  37  37  ASP ASP A . n 
A 1 38  LYS 38  38  38  LYS LYS A . n 
A 1 39  PRO 39  39  39  PRO PRO A . n 
A 1 40  VAL 40  40  40  VAL VAL A . n 
A 1 41  ILE 41  41  41  ILE ILE A . n 
A 1 42  MET 42  42  42  MET MET A . n 
A 1 43  GLY 43  43  43  GLY GLY A . n 
A 1 44  ARG 44  44  44  ARG ARG A . n 
A 1 45  HIS 45  45  45  HIS HIS A . n 
A 1 46  THR 46  46  46  THR THR A . n 
A 1 47  TRP 47  47  47  TRP TRP A . n 
A 1 48  GLU 48  48  48  GLU GLU A . n 
A 1 49  SER 49  49  49  SER SER A . n 
A 1 50  ILE 50  50  50  ILE ILE A . n 
A 1 51  GLY 51  51  51  GLY GLY A . n 
A 1 52  ARG 52  52  52  ARG ARG A . n 
A 1 53  PRO 53  53  53  PRO PRO A . n 
A 1 54  LEU 54  54  54  LEU LEU A . n 
A 1 55  PRO 55  55  55  PRO PRO A . n 
A 1 56  GLY 56  56  56  GLY GLY A . n 
A 1 57  ARG 57  57  57  ARG ARG A . n 
A 1 58  LYS 58  58  58  LYS LYS A . n 
A 1 59  ASN 59  59  59  ASN ASN A . n 
A 1 60  ILE 60  60  60  ILE ILE A . n 
A 1 61  ILE 61  61  61  ILE ILE A . n 
A 1 62  LEU 62  62  62  LEU LEU A . n 
A 1 63  SER 63  63  63  SER SER A . n 
A 1 64  SER 64  64  64  SER SER A . n 
A 1 65  GLN 65  65  65  GLN GLN A . n 
A 1 66  PRO 66  66  66  PRO PRO A . n 
A 1 67  GLY 67  67  67  GLY GLY A . n 
A 1 68  THR 68  68  68  THR THR A . n 
A 1 69  ASP 69  69  69  ASP ASP A . n 
A 1 70  ASP 70  70  70  ASP ASP A . n 
A 1 71  ARG 71  71  71  ARG ARG A . n 
A 1 72  VAL 72  72  72  VAL VAL A . n 
A 1 73  THR 73  73  73  THR THR A . n 
A 1 74  TRP 74  74  74  TRP TRP A . n 
A 1 75  VAL 75  75  75  VAL VAL A . n 
A 1 76  LYS 76  76  76  LYS LYS A . n 
A 1 77  SER 77  77  77  SER SER A . n 
A 1 78  VAL 78  78  78  VAL VAL A . n 
A 1 79  ASP 79  79  79  ASP ASP A . n 
A 1 80  GLU 80  80  80  GLU GLU A . n 
A 1 81  ALA 81  81  81  ALA ALA A . n 
A 1 82  ILE 82  82  82  ILE ILE A . n 
A 1 83  ALA 83  83  83  ALA ALA A . n 
A 1 84  ALA 84  84  84  ALA ALA A . n 
A 1 85  CYS 85  85  85  CYS CYS A . n 
A 1 86  GLY 86  86  86  GLY GLY A . n 
A 1 87  ASP 87  87  87  ASP ASP A . n 
A 1 88  VAL 88  88  88  VAL VAL A . n 
A 1 89  PRO 89  89  89  PRO PRO A . n 
A 1 90  GLU 90  90  90  GLU GLU A . n 
A 1 91  ILE 91  91  91  ILE ILE A . n 
A 1 92  MET 92  92  92  MET MET A . n 
A 1 93  VAL 93  93  93  VAL VAL A . n 
A 1 94  ILE 94  94  94  ILE ILE A . n 
A 1 95  GLY 95  95  95  GLY GLY A . n 
A 1 96  GLY 96  96  96  GLY GLY A . n 
A 1 97  GLY 97  97  97  GLY GLY A . n 
A 1 98  ARG 98  98  98  ARG ARG A . n 
A 1 99  VAL 99  99  99  VAL VAL A . n 
A 1 100 TYR 100 100 100 TYR TYR A . n 
A 1 101 GLU 101 101 101 GLU GLU A . n 
A 1 102 GLN 102 102 102 GLN GLN A . n 
A 1 103 PHE 103 103 103 PHE PHE A . n 
A 1 104 LEU 104 104 104 LEU LEU A . n 
A 1 105 PRO 105 105 105 PRO PRO A . n 
A 1 106 LYS 106 106 106 LYS LYS A . n 
A 1 107 ALA 107 107 107 ALA ALA A . n 
A 1 108 GLN 108 108 108 GLN GLN A . n 
A 1 109 LYS 109 109 109 LYS LYS A . n 
A 1 110 LEU 110 110 110 LEU LEU A . n 
A 1 111 TYR 111 111 111 TYR TYR A . n 
A 1 112 LEU 112 112 112 LEU LEU A . n 
A 1 113 THR 113 113 113 THR THR A . n 
A 1 114 HIS 114 114 114 HIS HIS A . n 
A 1 115 ILE 115 115 115 ILE ILE A . n 
A 1 116 ASP 116 116 116 ASP ASP A . n 
A 1 117 ALA 117 117 117 ALA ALA A . n 
A 1 118 GLU 118 118 118 GLU GLU A . n 
A 1 119 VAL 119 119 119 VAL VAL A . n 
A 1 120 GLU 120 120 120 GLU GLU A . n 
A 1 121 GLY 121 121 121 GLY GLY A . n 
A 1 122 ASP 122 122 122 ASP ASP A . n 
A 1 123 THR 123 123 123 THR THR A . n 
A 1 124 HIS 124 124 124 HIS HIS A . n 
A 1 125 PHE 125 125 125 PHE PHE A . n 
A 1 126 PRO 126 126 126 PRO PRO A . n 
A 1 127 ASP 127 127 127 ASP ASP A . n 
A 1 128 TYR 128 128 128 TYR TYR A . n 
A 1 129 GLU 129 129 129 GLU GLU A . n 
A 1 130 PRO 130 130 130 PRO PRO A . n 
A 1 131 ASP 131 131 131 ASP ASP A . n 
A 1 132 ASP 132 132 132 ASP ASP A . n 
A 1 133 TRP 133 133 133 TRP TRP A . n 
A 1 134 GLU 134 134 134 GLU GLU A . n 
A 1 135 SER 135 135 135 SER SER A . n 
A 1 136 VAL 136 136 136 VAL VAL A . n 
A 1 137 PHE 137 137 137 PHE PHE A . n 
A 1 138 SER 138 138 138 SER SER A . n 
A 1 139 GLU 139 139 139 GLU GLU A . n 
A 1 140 PHE 140 140 140 PHE PHE A . n 
A 1 141 HIS 141 141 141 HIS HIS A . n 
A 1 142 ASP 142 142 142 ASP ASP A . n 
A 1 143 ALA 143 143 143 ALA ALA A . n 
A 1 144 ASP 144 144 144 ASP ASP A . n 
A 1 145 ALA 145 145 145 ALA ALA A . n 
A 1 146 GLN 146 146 146 GLN GLN A . n 
A 1 147 ASN 147 147 147 ASN ASN A . n 
A 1 148 SER 148 148 148 SER SER A . n 
A 1 149 HIS 149 149 149 HIS HIS A . n 
A 1 150 SER 150 150 150 SER SER A . n 
A 1 151 TYR 151 151 151 TYR TYR A . n 
A 1 152 CYS 152 152 152 CYS CYS A . n 
A 1 153 PHE 153 153 153 PHE PHE A . n 
A 1 154 GLU 154 154 154 GLU GLU A . n 
A 1 155 ILE 155 155 155 ILE ILE A . n 
A 1 156 LEU 156 156 156 LEU LEU A . n 
A 1 157 GLU 157 157 157 GLU GLU A . n 
A 1 158 ARG 158 158 158 ARG ARG A . n 
A 1 159 ARG 159 159 159 ARG ARG A . n 
# 
loop_
_pdbx_nonpoly_scheme.asym_id 
_pdbx_nonpoly_scheme.entity_id 
_pdbx_nonpoly_scheme.mon_id 
_pdbx_nonpoly_scheme.ndb_seq_num 
_pdbx_nonpoly_scheme.pdb_seq_num 
_pdbx_nonpoly_scheme.auth_seq_num 
_pdbx_nonpoly_scheme.pdb_mon_id 
_pdbx_nonpoly_scheme.auth_mon_id 
_pdbx_nonpoly_scheme.pdb_strand_id 
_pdbx_nonpoly_scheme.pdb_ins_code 
B 2 CL  1   299 299 CL  CL  A . 
C 3 MN  1   300 300 MN  MN  A . 
D 4 DHF 1   161 161 DHF DHF A . 
E 4 DHF 1   163 163 DHF DHF A . 
F 5 HOH 1   301 301 HOH HOH A . 
F 5 HOH 2   302 302 HOH HOH A . 
F 5 HOH 3   303 303 HOH HOH A . 
F 5 HOH 4   304 304 HOH HOH A . 
F 5 HOH 5   305 305 HOH HOH A . 
F 5 HOH 6   306 306 HOH HOH A . 
F 5 HOH 7   307 307 HOH HOH A . 
F 5 HOH 8   308 308 HOH HOH A . 
F 5 HOH 9   309 309 HOH HOH A . 
F 5 HOH 10  311 311 HOH HOH A . 
F 5 HOH 11  312 312 HOH HOH A . 
F 5 HOH 12  313 313 HOH HOH A . 
F 5 HOH 13  314 314 HOH HOH A . 
F 5 HOH 14  315 315 HOH HOH A . 
F 5 HOH 15  316 316 HOH HOH A . 
F 5 HOH 16  317 317 HOH HOH A . 
F 5 HOH 17  318 318 HOH HOH A . 
F 5 HOH 18  319 319 HOH HOH A . 
F 5 HOH 19  320 320 HOH HOH A . 
F 5 HOH 20  321 321 HOH HOH A . 
F 5 HOH 21  322 322 HOH HOH A . 
F 5 HOH 22  323 323 HOH HOH A . 
F 5 HOH 23  324 324 HOH HOH A . 
F 5 HOH 24  325 325 HOH HOH A . 
F 5 HOH 25  326 326 HOH HOH A . 
F 5 HOH 26  327 327 HOH HOH A . 
F 5 HOH 27  328 328 HOH HOH A . 
F 5 HOH 28  329 329 HOH HOH A . 
F 5 HOH 29  330 330 HOH HOH A . 
F 5 HOH 30  331 331 HOH HOH A . 
F 5 HOH 31  332 332 HOH HOH A . 
F 5 HOH 32  333 333 HOH HOH A . 
F 5 HOH 33  334 334 HOH HOH A . 
F 5 HOH 34  335 335 HOH HOH A . 
F 5 HOH 35  336 336 HOH HOH A . 
F 5 HOH 36  337 337 HOH HOH A . 
F 5 HOH 37  338 338 HOH HOH A . 
F 5 HOH 38  339 339 HOH HOH A . 
F 5 HOH 39  340 340 HOH HOH A . 
F 5 HOH 40  341 341 HOH HOH A . 
F 5 HOH 41  342 342 HOH HOH A . 
F 5 HOH 42  343 343 HOH HOH A . 
F 5 HOH 43  344 344 HOH HOH A . 
F 5 HOH 44  345 345 HOH HOH A . 
F 5 HOH 45  346 346 HOH HOH A . 
F 5 HOH 46  347 347 HOH HOH A . 
F 5 HOH 47  348 348 HOH HOH A . 
F 5 HOH 48  349 349 HOH HOH A . 
F 5 HOH 49  350 350 HOH HOH A . 
F 5 HOH 50  351 351 HOH HOH A . 
F 5 HOH 51  352 352 HOH HOH A . 
F 5 HOH 52  353 353 HOH HOH A . 
F 5 HOH 53  354 354 HOH HOH A . 
F 5 HOH 54  355 355 HOH HOH A . 
F 5 HOH 55  356 356 HOH HOH A . 
F 5 HOH 56  357 357 HOH HOH A . 
F 5 HOH 57  358 358 HOH HOH A . 
F 5 HOH 58  359 359 HOH HOH A . 
F 5 HOH 59  360 360 HOH HOH A . 
F 5 HOH 60  361 361 HOH HOH A . 
F 5 HOH 61  362 362 HOH HOH A . 
F 5 HOH 62  363 363 HOH HOH A . 
F 5 HOH 63  364 364 HOH HOH A . 
F 5 HOH 64  365 365 HOH HOH A . 
F 5 HOH 65  366 366 HOH HOH A . 
F 5 HOH 66  367 367 HOH HOH A . 
F 5 HOH 67  368 368 HOH HOH A . 
F 5 HOH 68  369 369 HOH HOH A . 
F 5 HOH 69  370 370 HOH HOH A . 
F 5 HOH 70  371 371 HOH HOH A . 
F 5 HOH 71  372 372 HOH HOH A . 
F 5 HOH 72  373 373 HOH HOH A . 
F 5 HOH 73  374 374 HOH HOH A . 
F 5 HOH 74  375 375 HOH HOH A . 
F 5 HOH 75  376 376 HOH HOH A . 
F 5 HOH 76  377 377 HOH HOH A . 
F 5 HOH 77  378 378 HOH HOH A . 
F 5 HOH 78  379 379 HOH HOH A . 
F 5 HOH 79  380 380 HOH HOH A . 
F 5 HOH 80  381 381 HOH HOH A . 
F 5 HOH 81  382 382 HOH HOH A . 
F 5 HOH 82  383 383 HOH HOH A . 
F 5 HOH 83  384 384 HOH HOH A . 
F 5 HOH 84  385 385 HOH HOH A . 
F 5 HOH 85  386 386 HOH HOH A . 
F 5 HOH 86  387 387 HOH HOH A . 
F 5 HOH 87  388 388 HOH HOH A . 
F 5 HOH 88  389 389 HOH HOH A . 
F 5 HOH 89  390 390 HOH HOH A . 
F 5 HOH 90  391 391 HOH HOH A . 
F 5 HOH 91  392 392 HOH HOH A . 
F 5 HOH 92  393 393 HOH HOH A . 
F 5 HOH 93  394 394 HOH HOH A . 
F 5 HOH 94  395 395 HOH HOH A . 
F 5 HOH 95  396 396 HOH HOH A . 
F 5 HOH 96  397 397 HOH HOH A . 
F 5 HOH 97  398 398 HOH HOH A . 
F 5 HOH 98  399 399 HOH HOH A . 
F 5 HOH 99  400 400 HOH HOH A . 
F 5 HOH 100 401 401 HOH HOH A . 
F 5 HOH 101 402 402 HOH HOH A . 
F 5 HOH 102 403 403 HOH HOH A . 
F 5 HOH 103 404 404 HOH HOH A . 
F 5 HOH 104 405 405 HOH HOH A . 
F 5 HOH 105 406 406 HOH HOH A . 
F 5 HOH 106 407 407 HOH HOH A . 
F 5 HOH 107 408 408 HOH HOH A . 
F 5 HOH 108 409 409 HOH HOH A . 
F 5 HOH 109 410 410 HOH HOH A . 
F 5 HOH 110 411 411 HOH HOH A . 
F 5 HOH 111 412 412 HOH HOH A . 
F 5 HOH 112 413 413 HOH HOH A . 
F 5 HOH 113 414 414 HOH HOH A . 
F 5 HOH 114 415 415 HOH HOH A . 
F 5 HOH 115 416 416 HOH HOH A . 
F 5 HOH 116 417 417 HOH HOH A . 
F 5 HOH 117 418 418 HOH HOH A . 
F 5 HOH 118 419 419 HOH HOH A . 
F 5 HOH 119 420 420 HOH HOH A . 
F 5 HOH 120 421 421 HOH HOH A . 
F 5 HOH 121 422 422 HOH HOH A . 
F 5 HOH 122 423 423 HOH HOH A . 
F 5 HOH 123 424 424 HOH HOH A . 
F 5 HOH 124 425 425 HOH HOH A . 
F 5 HOH 125 426 426 HOH HOH A . 
F 5 HOH 126 427 427 HOH HOH A . 
F 5 HOH 127 428 428 HOH HOH A . 
F 5 HOH 128 429 429 HOH HOH A . 
F 5 HOH 129 430 430 HOH HOH A . 
F 5 HOH 130 431 431 HOH HOH A . 
F 5 HOH 131 432 432 HOH HOH A . 
F 5 HOH 132 433 433 HOH HOH A . 
F 5 HOH 133 434 434 HOH HOH A . 
F 5 HOH 134 435 435 HOH HOH A . 
# 
loop_
_pdbx_unobs_or_zero_occ_atoms.id 
_pdbx_unobs_or_zero_occ_atoms.PDB_model_num 
_pdbx_unobs_or_zero_occ_atoms.polymer_flag 
_pdbx_unobs_or_zero_occ_atoms.occupancy_flag 
_pdbx_unobs_or_zero_occ_atoms.auth_asym_id 
_pdbx_unobs_or_zero_occ_atoms.auth_comp_id 
_pdbx_unobs_or_zero_occ_atoms.auth_seq_id 
_pdbx_unobs_or_zero_occ_atoms.PDB_ins_code 
_pdbx_unobs_or_zero_occ_atoms.auth_atom_id 
_pdbx_unobs_or_zero_occ_atoms.label_alt_id 
_pdbx_unobs_or_zero_occ_atoms.label_asym_id 
_pdbx_unobs_or_zero_occ_atoms.label_comp_id 
_pdbx_unobs_or_zero_occ_atoms.label_seq_id 
_pdbx_unobs_or_zero_occ_atoms.label_atom_id 
1 1 N 1 A DHF 161 ? CD  ? D DHF 1 CD  
2 1 N 1 A DHF 161 ? OE1 ? D DHF 1 OE1 
3 1 N 1 A DHF 161 ? OE2 ? D DHF 1 OE2 
# 
loop_
_software.name 
_software.classification 
_software.version 
_software.citation_id 
_software.pdbx_ordinal 
MERLOT phasing          .  ? 1 
TNT    refinement       5D ? 2 
UCSD   'data reduction' .  ? 3 
UCSD   'data scaling'   .  ? 4 
# 
_cell.entry_id           1RF7 
_cell.length_a           34.705 
_cell.length_b           38.917 
_cell.length_c           108.827 
_cell.angle_alpha        90.00 
_cell.angle_beta         90.00 
_cell.angle_gamma        90.00 
_cell.Z_PDB              4 
_cell.pdbx_unique_axis   ? 
# 
_symmetry.entry_id                         1RF7 
_symmetry.space_group_name_H-M             'P 21 21 21' 
_symmetry.pdbx_full_space_group_name_H-M   ? 
_symmetry.cell_setting                     ? 
_symmetry.Int_Tables_number                19 
# 
_exptl.entry_id          1RF7 
_exptl.method            'X-RAY DIFFRACTION' 
_exptl.crystals_number   1 
# 
_exptl_crystal.id                    1 
_exptl_crystal.density_meas          ? 
_exptl_crystal.density_Matthews      1.95 
_exptl_crystal.density_percent_sol   37.0 
_exptl_crystal.description           ? 
# 
_exptl_crystal_grow.crystal_id      1 
_exptl_crystal_grow.method          ? 
_exptl_crystal_grow.temp            ? 
_exptl_crystal_grow.temp_details    ? 
_exptl_crystal_grow.pH              6.6 
_exptl_crystal_grow.pdbx_pH_range   ? 
_exptl_crystal_grow.pdbx_details    'pH 6.6' 
# 
_diffrn.id                     1 
_diffrn.ambient_temp           277 
_diffrn.ambient_temp_details   ? 
_diffrn.crystal_id             1 
# 
_diffrn_detector.diffrn_id              1 
_diffrn_detector.detector               'AREA DETECTOR' 
_diffrn_detector.type                   'XUONG-HAMLIN MULTIWIRE' 
_diffrn_detector.pdbx_collection_date   1995-11 
_diffrn_detector.details                ? 
# 
_diffrn_radiation.diffrn_id                        1 
_diffrn_radiation.wavelength_id                    1 
_diffrn_radiation.pdbx_monochromatic_or_laue_m_l   M 
_diffrn_radiation.monochromator                    'GRAPHITE(002)' 
_diffrn_radiation.pdbx_diffrn_protocol             ? 
_diffrn_radiation.pdbx_scattering_type             x-ray 
# 
_diffrn_radiation_wavelength.id           1 
_diffrn_radiation_wavelength.wavelength   1.5418 
_diffrn_radiation_wavelength.wt           1.0 
# 
_diffrn_source.diffrn_id                   1 
_diffrn_source.source                      'ROTATING ANODE' 
_diffrn_source.type                        'RIGAKU RUH2R' 
_diffrn_source.pdbx_synchrotron_site       ? 
_diffrn_source.pdbx_synchrotron_beamline   ? 
_diffrn_source.pdbx_wavelength             1.5418 
_diffrn_source.pdbx_wavelength_list        ? 
# 
_reflns.entry_id                     1RF7 
_reflns.observed_criterion_sigma_I   0. 
_reflns.observed_criterion_sigma_F   ? 
_reflns.d_resolution_low             100.0 
_reflns.d_resolution_high            1.8 
_reflns.number_obs                   14125 
_reflns.number_all                   ? 
_reflns.percent_possible_obs         94. 
_reflns.pdbx_Rmerge_I_obs            ? 
_reflns.pdbx_Rsym_value              0.0480000 
_reflns.pdbx_netI_over_sigmaI        14.9 
_reflns.B_iso_Wilson_estimate        ? 
_reflns.pdbx_redundancy              4.5 
_reflns.pdbx_diffrn_id               1 
_reflns.pdbx_ordinal                 1 
# 
_reflns_shell.d_res_high             1.75 
_reflns_shell.d_res_low              1.89 
_reflns_shell.percent_possible_all   76. 
_reflns_shell.Rmerge_I_obs           ? 
_reflns_shell.pdbx_Rsym_value        0.1430000 
_reflns_shell.meanI_over_sigI_obs    4.21 
_reflns_shell.pdbx_redundancy        1.4 
_reflns_shell.pdbx_diffrn_id         ? 
_reflns_shell.pdbx_ordinal           1 
# 
_refine.entry_id                                 1RF7 
_refine.ls_number_reflns_obs                     14125 
_refine.ls_number_reflns_all                     ? 
_refine.pdbx_ls_sigma_I                          ? 
_refine.pdbx_ls_sigma_F                          0.0 
_refine.pdbx_data_cutoff_high_absF               ? 
_refine.pdbx_data_cutoff_low_absF                ? 
_refine.pdbx_data_cutoff_high_rms_absF           ? 
_refine.ls_d_res_low                             20.0 
_refine.ls_d_res_high                            1.8 
_refine.ls_percent_reflns_obs                    96.0 
_refine.ls_R_factor_obs                          ? 
_refine.ls_R_factor_all                          ? 
_refine.ls_R_factor_R_work                       0.1700000 
_refine.ls_R_factor_R_free                       ? 
_refine.ls_R_factor_R_free_error                 ? 
_refine.ls_R_factor_R_free_error_details         ? 
_refine.ls_percent_reflns_R_free                 ? 
_refine.ls_number_reflns_R_free                  ? 
_refine.ls_number_parameters                     ? 
_refine.ls_number_restraints                     ? 
_refine.occupancy_min                            ? 
_refine.occupancy_max                            ? 
_refine.B_iso_mean                               ? 
_refine.aniso_B[1][1]                            ? 
_refine.aniso_B[2][2]                            ? 
_refine.aniso_B[3][3]                            ? 
_refine.aniso_B[1][2]                            ? 
_refine.aniso_B[1][3]                            ? 
_refine.aniso_B[2][3]                            ? 
_refine.solvent_model_details                    'MOEWS AND KRETSINGER' 
_refine.solvent_model_param_ksol                 0.806 
_refine.solvent_model_param_bsol                 191.0 
_refine.pdbx_ls_cross_valid_method               ? 
_refine.details                                  ? 
_refine.pdbx_starting_model                      'PDB ENTRY 1RX7' 
_refine.pdbx_method_to_determine_struct          'MOLECULAR REPLACEMENT' 
_refine.pdbx_isotropic_thermal_model             ? 
_refine.pdbx_stereochemistry_target_values       TNT 
_refine.pdbx_stereochem_target_val_spec_case     ? 
_refine.pdbx_R_Free_selection_details            ? 
_refine.pdbx_overall_ESU_R                       ? 
_refine.pdbx_overall_ESU_R_Free                  ? 
_refine.overall_SU_ML                            ? 
_refine.overall_SU_B                             ? 
_refine.pdbx_refine_id                           'X-RAY DIFFRACTION' 
_refine.pdbx_diffrn_id                           1 
_refine.pdbx_TLS_residual_ADP_flag               ? 
_refine.correlation_coeff_Fo_to_Fc               ? 
_refine.correlation_coeff_Fo_to_Fc_free          ? 
_refine.pdbx_solvent_vdw_probe_radii             ? 
_refine.pdbx_solvent_ion_probe_radii             ? 
_refine.pdbx_solvent_shrinkage_radii             ? 
_refine.pdbx_overall_phase_error                 ? 
_refine.overall_SU_R_Cruickshank_DPI             ? 
_refine.pdbx_overall_SU_R_free_Cruickshank_DPI   ? 
_refine.pdbx_overall_SU_R_Blow_DPI               ? 
_refine.pdbx_overall_SU_R_free_Blow_DPI          ? 
# 
_refine_hist.pdbx_refine_id                   'X-RAY DIFFRACTION' 
_refine_hist.cycle_id                         LAST 
_refine_hist.pdbx_number_atoms_protein        1268 
_refine_hist.pdbx_number_atoms_nucleic_acid   0 
_refine_hist.pdbx_number_atoms_ligand         63 
_refine_hist.number_atoms_solvent             134 
_refine_hist.number_atoms_total               1465 
_refine_hist.d_res_high                       1.8 
_refine_hist.d_res_low                        20.0 
# 
loop_
_refine_ls_restr.type 
_refine_ls_restr.dev_ideal 
_refine_ls_restr.dev_ideal_target 
_refine_ls_restr.weight 
_refine_ls_restr.number 
_refine_ls_restr.pdbx_refine_id 
_refine_ls_restr.pdbx_restraint_function 
t_bond_d           0.018 ? 0.020 1367 'X-RAY DIFFRACTION' ? 
t_angle_deg        3.01  ? 3.0   1851 'X-RAY DIFFRACTION' ? 
t_dihedral_angle_d 23.1  ? ?     765  'X-RAY DIFFRACTION' ? 
t_incorr_chiral_ct 0     ? ?     ?    'X-RAY DIFFRACTION' ? 
t_pseud_angle      ?     ? ?     ?    'X-RAY DIFFRACTION' ? 
t_trig_c_planes    0.018 ? 0.020 41   'X-RAY DIFFRACTION' ? 
t_gen_planes       0.007 ? 0.020 191  'X-RAY DIFFRACTION' ? 
t_it               5.9   ? ?     1367 'X-RAY DIFFRACTION' ? 
t_nbd              0.014 ? 0.100 21   'X-RAY DIFFRACTION' ? 
# 
_pdbx_refine.entry_id                                    1RF7 
_pdbx_refine.R_factor_all_no_cutoff                      ? 
_pdbx_refine.R_factor_obs_no_cutoff                      0.1700000 
_pdbx_refine.free_R_factor_no_cutoff                     ? 
_pdbx_refine.free_R_val_test_set_size_perc_no_cutoff     ? 
_pdbx_refine.free_R_val_test_set_ct_no_cutoff            ? 
_pdbx_refine.R_factor_all_4sig_cutoff                    ? 
_pdbx_refine.R_factor_obs_4sig_cutoff                    ? 
_pdbx_refine.free_R_factor_4sig_cutoff                   ? 
_pdbx_refine.free_R_val_test_set_size_perc_4sig_cutoff   ? 
_pdbx_refine.free_R_val_test_set_ct_4sig_cutoff          ? 
_pdbx_refine.number_reflns_obs_4sig_cutoff               ? 
_pdbx_refine.pdbx_refine_id                              'X-RAY DIFFRACTION' 
_pdbx_refine.free_R_error_no_cutoff                      ? 
# 
_struct.entry_id                  1RF7 
_struct.title                     'STRUCTURE OF DIHYDROFOLATE REDUCTASE COMPLEXED WITH DIHYDROFOLATE' 
_struct.pdbx_model_details        ? 
_struct.pdbx_CASP_flag            ? 
_struct.pdbx_model_type_details   ? 
# 
_struct_keywords.entry_id        1RF7 
_struct_keywords.pdbx_keywords   OXIDOREDUCTASE 
_struct_keywords.text            'OXIDOREDUCTASE, NADP, TRIMETHOPRIM RESISTANCE, METHOTREXATE RESISTANCE, ONE-CARBON METABOLISM' 
# 
loop_
_struct_asym.id 
_struct_asym.pdbx_blank_PDB_chainid_flag 
_struct_asym.pdbx_modified 
_struct_asym.entity_id 
_struct_asym.details 
A N N 1 ? 
B N N 2 ? 
C N N 3 ? 
D N N 4 ? 
E N N 4 ? 
F N N 5 ? 
# 
_struct_ref.id                         1 
_struct_ref.db_name                    UNP 
_struct_ref.db_code                    DYR_ECOLI 
_struct_ref.entity_id                  1 
_struct_ref.pdbx_db_accession          P0ABQ4 
_struct_ref.pdbx_align_begin           1 
_struct_ref.pdbx_seq_one_letter_code   
;MISLIAALAVDRVIGMENAMPWNLPADLAWFKRNTLNKPVIMGRHTWESIGRPLPGRKNIILSSQPGTDDRVTWVKSVDE
AIAACGDVPEIMVIGGGRVYEQFLPKAQKLYLTHIDAEVEGDTHFPDYEPDDWESVFSEFHDADAQNSHSYCFEILERR
;
_struct_ref.pdbx_db_isoform            ? 
# 
_struct_ref_seq.align_id                      1 
_struct_ref_seq.ref_id                        1 
_struct_ref_seq.pdbx_PDB_id_code              1RF7 
_struct_ref_seq.pdbx_strand_id                A 
_struct_ref_seq.seq_align_beg                 1 
_struct_ref_seq.pdbx_seq_align_beg_ins_code   ? 
_struct_ref_seq.seq_align_end                 159 
_struct_ref_seq.pdbx_seq_align_end_ins_code   ? 
_struct_ref_seq.pdbx_db_accession             P0ABQ4 
_struct_ref_seq.db_align_beg                  1 
_struct_ref_seq.pdbx_db_align_beg_ins_code    ? 
_struct_ref_seq.db_align_end                  159 
_struct_ref_seq.pdbx_db_align_end_ins_code    ? 
_struct_ref_seq.pdbx_auth_seq_align_beg       1 
_struct_ref_seq.pdbx_auth_seq_align_end       159 
# 
_struct_ref_seq_dif.align_id                     1 
_struct_ref_seq_dif.pdbx_pdb_id_code             1RF7 
_struct_ref_seq_dif.mon_id                       ASP 
_struct_ref_seq_dif.pdbx_pdb_strand_id           A 
_struct_ref_seq_dif.seq_num                      37 
_struct_ref_seq_dif.pdbx_pdb_ins_code            ? 
_struct_ref_seq_dif.pdbx_seq_db_name             UNP 
_struct_ref_seq_dif.pdbx_seq_db_accession_code   P0ABQ4 
_struct_ref_seq_dif.db_mon_id                    ASN 
_struct_ref_seq_dif.pdbx_seq_db_seq_num          37 
_struct_ref_seq_dif.details                      conflict 
_struct_ref_seq_dif.pdbx_auth_seq_num            37 
_struct_ref_seq_dif.pdbx_ordinal                 1 
# 
_pdbx_struct_assembly.id                   1 
_pdbx_struct_assembly.details              author_defined_assembly 
_pdbx_struct_assembly.method_details       ? 
_pdbx_struct_assembly.oligomeric_details   monomeric 
_pdbx_struct_assembly.oligomeric_count     1 
# 
_pdbx_struct_assembly_gen.assembly_id       1 
_pdbx_struct_assembly_gen.oper_expression   1 
_pdbx_struct_assembly_gen.asym_id_list      A,B,C,D,E,F 
# 
_pdbx_struct_oper_list.id                   1 
_pdbx_struct_oper_list.type                 'identity operation' 
_pdbx_struct_oper_list.name                 1_555 
_pdbx_struct_oper_list.symmetry_operation   x,y,z 
_pdbx_struct_oper_list.matrix[1][1]         1.0000000000 
_pdbx_struct_oper_list.matrix[1][2]         0.0000000000 
_pdbx_struct_oper_list.matrix[1][3]         0.0000000000 
_pdbx_struct_oper_list.vector[1]            0.0000000000 
_pdbx_struct_oper_list.matrix[2][1]         0.0000000000 
_pdbx_struct_oper_list.matrix[2][2]         1.0000000000 
_pdbx_struct_oper_list.matrix[2][3]         0.0000000000 
_pdbx_struct_oper_list.vector[2]            0.0000000000 
_pdbx_struct_oper_list.matrix[3][1]         0.0000000000 
_pdbx_struct_oper_list.matrix[3][2]         0.0000000000 
_pdbx_struct_oper_list.matrix[3][3]         1.0000000000 
_pdbx_struct_oper_list.vector[3]            0.0000000000 
# 
_struct_biol.id   1 
# 
loop_
_struct_conf.conf_type_id 
_struct_conf.id 
_struct_conf.pdbx_PDB_helix_id 
_struct_conf.beg_label_comp_id 
_struct_conf.beg_label_asym_id 
_struct_conf.beg_label_seq_id 
_struct_conf.pdbx_beg_PDB_ins_code 
_struct_conf.end_label_comp_id 
_struct_conf.end_label_asym_id 
_struct_conf.end_label_seq_id 
_struct_conf.pdbx_end_PDB_ins_code 
_struct_conf.beg_auth_comp_id 
_struct_conf.beg_auth_asym_id 
_struct_conf.beg_auth_seq_id 
_struct_conf.end_auth_comp_id 
_struct_conf.end_auth_asym_id 
_struct_conf.end_auth_seq_id 
_struct_conf.pdbx_PDB_helix_class 
_struct_conf.details 
_struct_conf.pdbx_PDB_helix_length 
HELX_P HELX_P1 2 PRO A 25 ? THR A 35  ? PRO A 25 THR A 35  1 ? 11 
HELX_P HELX_P2 3 ARG A 44 ? ILE A 50  ? ARG A 44 ILE A 50  1 ? 7  
HELX_P HELX_P3 4 VAL A 78 ? CYS A 85  ? VAL A 78 CYS A 85  1 ? 8  
HELX_P HELX_P4 5 GLY A 97 ? LYS A 106 ? GLY A 97 LYS A 106 1 ? 10 
# 
_struct_conf_type.id          HELX_P 
_struct_conf_type.criteria    ? 
_struct_conf_type.reference   ? 
# 
loop_
_struct_conn.id 
_struct_conn.conn_type_id 
_struct_conn.pdbx_leaving_atom_flag 
_struct_conn.pdbx_PDB_id 
_struct_conn.ptnr1_label_asym_id 
_struct_conn.ptnr1_label_comp_id 
_struct_conn.ptnr1_label_seq_id 
_struct_conn.ptnr1_label_atom_id 
_struct_conn.pdbx_ptnr1_label_alt_id 
_struct_conn.pdbx_ptnr1_PDB_ins_code 
_struct_conn.pdbx_ptnr1_standard_comp_id 
_struct_conn.ptnr1_symmetry 
_struct_conn.ptnr2_label_asym_id 
_struct_conn.ptnr2_label_comp_id 
_struct_conn.ptnr2_label_seq_id 
_struct_conn.ptnr2_label_atom_id 
_struct_conn.pdbx_ptnr2_label_alt_id 
_struct_conn.pdbx_ptnr2_PDB_ins_code 
_struct_conn.ptnr1_auth_asym_id 
_struct_conn.ptnr1_auth_comp_id 
_struct_conn.ptnr1_auth_seq_id 
_struct_conn.ptnr2_auth_asym_id 
_struct_conn.ptnr2_auth_comp_id 
_struct_conn.ptnr2_auth_seq_id 
_struct_conn.ptnr2_symmetry 
_struct_conn.pdbx_ptnr3_label_atom_id 
_struct_conn.pdbx_ptnr3_label_seq_id 
_struct_conn.pdbx_ptnr3_label_comp_id 
_struct_conn.pdbx_ptnr3_label_asym_id 
_struct_conn.pdbx_ptnr3_label_alt_id 
_struct_conn.pdbx_ptnr3_PDB_ins_code 
_struct_conn.details 
_struct_conn.pdbx_dist_value 
_struct_conn.pdbx_value_order 
_struct_conn.pdbx_role 
metalc1 metalc ? ? A GLU 17 OE1 ? ? ? 4_475 C MN  . MN ? ? A GLU 17  A MN  300 1_555 ? ? ? ? ? ? ? 2.561 ? ? 
metalc2 metalc ? ? A ASN 18 OD1 ? ? ? 4_475 C MN  . MN ? ? A ASN 18  A MN  300 1_555 ? ? ? ? ? ? ? 2.061 ? ? 
metalc3 metalc ? ? A ASP 70 OD2 ? ? ? 1_555 C MN  . MN ? ? A ASP 70  A MN  300 1_555 ? ? ? ? ? ? ? 2.386 ? ? 
metalc4 metalc ? ? C MN  .  MN  ? ? ? 1_555 F HOH . O  ? ? A MN  300 A HOH 360 4_575 ? ? ? ? ? ? ? 2.680 ? ? 
metalc5 metalc ? ? C MN  .  MN  ? ? ? 1_555 F HOH . O  ? ? A MN  300 A HOH 377 4_575 ? ? ? ? ? ? ? 2.421 ? ? 
# 
_struct_conn_type.id          metalc 
_struct_conn_type.criteria    ? 
_struct_conn_type.reference   ? 
# 
loop_
_pdbx_struct_conn_angle.id 
_pdbx_struct_conn_angle.ptnr1_label_atom_id 
_pdbx_struct_conn_angle.ptnr1_label_alt_id 
_pdbx_struct_conn_angle.ptnr1_label_asym_id 
_pdbx_struct_conn_angle.ptnr1_label_comp_id 
_pdbx_struct_conn_angle.ptnr1_label_seq_id 
_pdbx_struct_conn_angle.ptnr1_auth_atom_id 
_pdbx_struct_conn_angle.ptnr1_auth_asym_id 
_pdbx_struct_conn_angle.ptnr1_auth_comp_id 
_pdbx_struct_conn_angle.ptnr1_auth_seq_id 
_pdbx_struct_conn_angle.ptnr1_PDB_ins_code 
_pdbx_struct_conn_angle.ptnr1_symmetry 
_pdbx_struct_conn_angle.ptnr2_label_atom_id 
_pdbx_struct_conn_angle.ptnr2_label_alt_id 
_pdbx_struct_conn_angle.ptnr2_label_asym_id 
_pdbx_struct_conn_angle.ptnr2_label_comp_id 
_pdbx_struct_conn_angle.ptnr2_label_seq_id 
_pdbx_struct_conn_angle.ptnr2_auth_atom_id 
_pdbx_struct_conn_angle.ptnr2_auth_asym_id 
_pdbx_struct_conn_angle.ptnr2_auth_comp_id 
_pdbx_struct_conn_angle.ptnr2_auth_seq_id 
_pdbx_struct_conn_angle.ptnr2_PDB_ins_code 
_pdbx_struct_conn_angle.ptnr2_symmetry 
_pdbx_struct_conn_angle.ptnr3_label_atom_id 
_pdbx_struct_conn_angle.ptnr3_label_alt_id 
_pdbx_struct_conn_angle.ptnr3_label_asym_id 
_pdbx_struct_conn_angle.ptnr3_label_comp_id 
_pdbx_struct_conn_angle.ptnr3_label_seq_id 
_pdbx_struct_conn_angle.ptnr3_auth_atom_id 
_pdbx_struct_conn_angle.ptnr3_auth_asym_id 
_pdbx_struct_conn_angle.ptnr3_auth_comp_id 
_pdbx_struct_conn_angle.ptnr3_auth_seq_id 
_pdbx_struct_conn_angle.ptnr3_PDB_ins_code 
_pdbx_struct_conn_angle.ptnr3_symmetry 
_pdbx_struct_conn_angle.value 
_pdbx_struct_conn_angle.value_esd 
1  OE1 ? A GLU 17 ? A GLU 17  ? 4_475 MN ? C MN . ? A MN 300 ? 1_555 OD1 ? A ASN 18 ? A ASN 18  ? 4_475 80.2  ? 
2  OE1 ? A GLU 17 ? A GLU 17  ? 4_475 MN ? C MN . ? A MN 300 ? 1_555 OD2 ? A ASP 70 ? A ASP 70  ? 1_555 110.5 ? 
3  OD1 ? A ASN 18 ? A ASN 18  ? 4_475 MN ? C MN . ? A MN 300 ? 1_555 OD2 ? A ASP 70 ? A ASP 70  ? 1_555 113.0 ? 
4  OE1 ? A GLU 17 ? A GLU 17  ? 4_475 MN ? C MN . ? A MN 300 ? 1_555 O   ? F HOH .  ? A HOH 360 ? 4_575 153.3 ? 
5  OD1 ? A ASN 18 ? A ASN 18  ? 4_475 MN ? C MN . ? A MN 300 ? 1_555 O   ? F HOH .  ? A HOH 360 ? 4_575 86.0  ? 
6  OD2 ? A ASP 70 ? A ASP 70  ? 1_555 MN ? C MN . ? A MN 300 ? 1_555 O   ? F HOH .  ? A HOH 360 ? 4_575 95.9  ? 
7  OE1 ? A GLU 17 ? A GLU 17  ? 4_475 MN ? C MN . ? A MN 300 ? 1_555 O   ? F HOH .  ? A HOH 377 ? 4_575 73.3  ? 
8  OD1 ? A ASN 18 ? A ASN 18  ? 4_475 MN ? C MN . ? A MN 300 ? 1_555 O   ? F HOH .  ? A HOH 377 ? 4_575 153.3 ? 
9  OD2 ? A ASP 70 ? A ASP 70  ? 1_555 MN ? C MN . ? A MN 300 ? 1_555 O   ? F HOH .  ? A HOH 377 ? 4_575 80.7  ? 
10 O   ? F HOH .  ? A HOH 360 ? 4_575 MN ? C MN . ? A MN 300 ? 1_555 O   ? F HOH .  ? A HOH 377 ? 4_575 116.5 ? 
# 
_struct_mon_prot_cis.pdbx_id                1 
_struct_mon_prot_cis.label_comp_id          GLY 
_struct_mon_prot_cis.label_seq_id           95 
_struct_mon_prot_cis.label_asym_id          A 
_struct_mon_prot_cis.label_alt_id           . 
_struct_mon_prot_cis.pdbx_PDB_ins_code      ? 
_struct_mon_prot_cis.auth_comp_id           GLY 
_struct_mon_prot_cis.auth_seq_id            95 
_struct_mon_prot_cis.auth_asym_id           A 
_struct_mon_prot_cis.pdbx_label_comp_id_2   GLY 
_struct_mon_prot_cis.pdbx_label_seq_id_2    96 
_struct_mon_prot_cis.pdbx_label_asym_id_2   A 
_struct_mon_prot_cis.pdbx_PDB_ins_code_2    ? 
_struct_mon_prot_cis.pdbx_auth_comp_id_2    GLY 
_struct_mon_prot_cis.pdbx_auth_seq_id_2     96 
_struct_mon_prot_cis.pdbx_auth_asym_id_2    A 
_struct_mon_prot_cis.pdbx_PDB_model_num     1 
_struct_mon_prot_cis.pdbx_omega_angle       3.28 
# 
_struct_sheet.id               A 
_struct_sheet.type             ? 
_struct_sheet.number_strands   8 
_struct_sheet.details          ? 
# 
loop_
_struct_sheet_order.sheet_id 
_struct_sheet_order.range_id_1 
_struct_sheet_order.range_id_2 
_struct_sheet_order.offset 
_struct_sheet_order.sense 
A 1 2 ? anti-parallel 
A 2 3 ? anti-parallel 
A 3 4 ? parallel      
A 4 5 ? parallel      
A 5 6 ? parallel      
A 6 7 ? parallel      
A 7 8 ? parallel      
# 
loop_
_struct_sheet_range.sheet_id 
_struct_sheet_range.id 
_struct_sheet_range.beg_label_comp_id 
_struct_sheet_range.beg_label_asym_id 
_struct_sheet_range.beg_label_seq_id 
_struct_sheet_range.pdbx_beg_PDB_ins_code 
_struct_sheet_range.end_label_comp_id 
_struct_sheet_range.end_label_asym_id 
_struct_sheet_range.end_label_seq_id 
_struct_sheet_range.pdbx_end_PDB_ins_code 
_struct_sheet_range.beg_auth_comp_id 
_struct_sheet_range.beg_auth_asym_id 
_struct_sheet_range.beg_auth_seq_id 
_struct_sheet_range.end_auth_comp_id 
_struct_sheet_range.end_auth_asym_id 
_struct_sheet_range.end_auth_seq_id 
A 1 TRP A 133 ? SER A 135 ? TRP A 133 SER A 135 
A 2 TYR A 151 ? ARG A 158 ? TYR A 151 ARG A 158 
A 3 ALA A 107 ? ILE A 115 ? ALA A 107 ILE A 115 
A 4 ILE A 2   ? ILE A 5   ? ILE A 2   ILE A 5   
A 5 ILE A 91  ? GLY A 95  ? ILE A 91  GLY A 95  
A 6 PRO A 39  ? GLY A 43  ? PRO A 39  GLY A 43  
A 7 LYS A 58  ? LEU A 62  ? LYS A 58  LEU A 62  
A 8 THR A 73  ? VAL A 75  ? THR A 73  VAL A 75  
# 
loop_
_pdbx_struct_sheet_hbond.sheet_id 
_pdbx_struct_sheet_hbond.range_id_1 
_pdbx_struct_sheet_hbond.range_id_2 
_pdbx_struct_sheet_hbond.range_1_label_atom_id 
_pdbx_struct_sheet_hbond.range_1_label_comp_id 
_pdbx_struct_sheet_hbond.range_1_label_asym_id 
_pdbx_struct_sheet_hbond.range_1_label_seq_id 
_pdbx_struct_sheet_hbond.range_1_PDB_ins_code 
_pdbx_struct_sheet_hbond.range_1_auth_atom_id 
_pdbx_struct_sheet_hbond.range_1_auth_comp_id 
_pdbx_struct_sheet_hbond.range_1_auth_asym_id 
_pdbx_struct_sheet_hbond.range_1_auth_seq_id 
_pdbx_struct_sheet_hbond.range_2_label_atom_id 
_pdbx_struct_sheet_hbond.range_2_label_comp_id 
_pdbx_struct_sheet_hbond.range_2_label_asym_id 
_pdbx_struct_sheet_hbond.range_2_label_seq_id 
_pdbx_struct_sheet_hbond.range_2_PDB_ins_code 
_pdbx_struct_sheet_hbond.range_2_auth_atom_id 
_pdbx_struct_sheet_hbond.range_2_auth_comp_id 
_pdbx_struct_sheet_hbond.range_2_auth_asym_id 
_pdbx_struct_sheet_hbond.range_2_auth_seq_id 
A 1 2 O GLU A 134 ? O GLU A 134 N GLU A 157 ? N GLU A 157 
A 2 3 O CYS A 152 ? O CYS A 152 N HIS A 114 ? N HIS A 114 
A 3 4 N TYR A 111 ? N TYR A 111 N ILE A 2   ? N ILE A 2   
A 4 5 O SER A 3   ? O SER A 3   N ILE A 91  ? N ILE A 91  
A 5 6 O MET A 92  ? O MET A 92  N PRO A 39  ? N PRO A 39  
A 6 7 O VAL A 40  ? O VAL A 40  N LYS A 58  ? N LYS A 58  
A 7 8 O ILE A 61  ? O ILE A 61  N THR A 73  ? N THR A 73  
# 
loop_
_struct_site.id 
_struct_site.pdbx_evidence_code 
_struct_site.pdbx_auth_asym_id 
_struct_site.pdbx_auth_comp_id 
_struct_site.pdbx_auth_seq_id 
_struct_site.pdbx_auth_ins_code 
_struct_site.pdbx_num_residues 
_struct_site.details 
AC1 Software A CL  299 ? 4  'BINDING SITE FOR RESIDUE CL A 299'  
AC2 Software A MN  300 ? 6  'BINDING SITE FOR RESIDUE MN A 300'  
AC3 Software A DHF 161 ? 16 'BINDING SITE FOR RESIDUE DHF A 161' 
AC4 Software A DHF 163 ? 16 'BINDING SITE FOR RESIDUE DHF A 163' 
# 
loop_
_struct_site_gen.id 
_struct_site_gen.site_id 
_struct_site_gen.pdbx_num_res 
_struct_site_gen.label_comp_id 
_struct_site_gen.label_asym_id 
_struct_site_gen.label_seq_id 
_struct_site_gen.pdbx_auth_ins_code 
_struct_site_gen.auth_comp_id 
_struct_site_gen.auth_asym_id 
_struct_site_gen.auth_seq_id 
_struct_site_gen.label_atom_id 
_struct_site_gen.label_alt_id 
_struct_site_gen.symmetry 
_struct_site_gen.details 
1  AC1 4  GLY A 43  ? GLY A 43  . ? 1_555 ? 
2  AC1 4  HIS A 45  ? HIS A 45  . ? 1_555 ? 
3  AC1 4  THR A 46  ? THR A 46  . ? 1_555 ? 
4  AC1 4  GLY A 96  ? GLY A 96  . ? 1_555 ? 
5  AC2 6  GLU A 17  ? GLU A 17  . ? 4_475 ? 
6  AC2 6  ASN A 18  ? ASN A 18  . ? 4_475 ? 
7  AC2 6  ASP A 70  ? ASP A 70  . ? 1_555 ? 
8  AC2 6  GLY A 86  ? GLY A 86  . ? 4_575 ? 
9  AC2 6  HOH F .   ? HOH A 360 . ? 4_575 ? 
10 AC2 6  HOH F .   ? HOH A 377 . ? 4_575 ? 
11 AC3 16 ILE A 5   ? ILE A 5   . ? 1_555 ? 
12 AC3 16 ALA A 6   ? ALA A 6   . ? 1_555 ? 
13 AC3 16 ALA A 7   ? ALA A 7   . ? 1_555 ? 
14 AC3 16 ASP A 27  ? ASP A 27  . ? 1_555 ? 
15 AC3 16 LEU A 28  ? LEU A 28  . ? 1_555 ? 
16 AC3 16 PHE A 31  ? PHE A 31  . ? 1_555 ? 
17 AC3 16 LYS A 32  ? LYS A 32  . ? 1_555 ? 
18 AC3 16 ARG A 52  ? ARG A 52  . ? 1_555 ? 
19 AC3 16 ARG A 57  ? ARG A 57  . ? 1_555 ? 
20 AC3 16 ILE A 94  ? ILE A 94  . ? 1_555 ? 
21 AC3 16 TYR A 100 ? TYR A 100 . ? 1_555 ? 
22 AC3 16 THR A 113 ? THR A 113 . ? 1_555 ? 
23 AC3 16 HOH F .   ? HOH A 302 . ? 1_555 ? 
24 AC3 16 HOH F .   ? HOH A 308 . ? 1_555 ? 
25 AC3 16 HOH F .   ? HOH A 354 . ? 1_555 ? 
26 AC3 16 HOH F .   ? HOH A 425 . ? 1_555 ? 
27 AC4 16 VAL A 10  ? VAL A 10  . ? 3_745 ? 
28 AC4 16 ASP A 11  ? ASP A 11  . ? 3_745 ? 
29 AC4 16 ARG A 12  ? ARG A 12  . ? 3_745 ? 
30 AC4 16 HIS A 114 ? HIS A 114 . ? 1_555 ? 
31 AC4 16 ASP A 122 ? ASP A 122 . ? 3_745 ? 
32 AC4 16 HIS A 124 ? HIS A 124 . ? 3_745 ? 
33 AC4 16 PHE A 140 ? PHE A 140 . ? 1_555 ? 
34 AC4 16 CYS A 152 ? CYS A 152 . ? 1_555 ? 
35 AC4 16 GLU A 154 ? GLU A 154 . ? 1_555 ? 
36 AC4 16 HOH F .   ? HOH A 323 . ? 1_555 ? 
37 AC4 16 HOH F .   ? HOH A 358 . ? 3_745 ? 
38 AC4 16 HOH F .   ? HOH A 376 . ? 3_745 ? 
39 AC4 16 HOH F .   ? HOH A 387 . ? 1_555 ? 
40 AC4 16 HOH F .   ? HOH A 398 . ? 1_555 ? 
41 AC4 16 HOH F .   ? HOH A 417 . ? 1_555 ? 
42 AC4 16 HOH F .   ? HOH A 423 . ? 1_555 ? 
# 
_pdbx_entry_details.entry_id                   1RF7 
_pdbx_entry_details.compound_details           ? 
_pdbx_entry_details.source_details             ? 
_pdbx_entry_details.nonpolymer_details         
;THERE ARE TWO MOLECULES OF DIHYDROFOLATE IN THIS
COORDINATE SET.  ONE MOLECULE IS BOUND IN THE ACTIVE SITE
THE OTHER MOLECULE IS BOUND IN THE INTERSTICES.  IT
APPEARS TO HAVE REACTED WITH CYS 152.
;
_pdbx_entry_details.sequence_details           ? 
_pdbx_entry_details.has_ligand_of_interest     ? 
_pdbx_entry_details.has_protein_modification   N 
# 
_pdbx_validate_close_contact.id               1 
_pdbx_validate_close_contact.PDB_model_num    1 
_pdbx_validate_close_contact.auth_atom_id_1   SG 
_pdbx_validate_close_contact.auth_asym_id_1   A 
_pdbx_validate_close_contact.auth_comp_id_1   CYS 
_pdbx_validate_close_contact.auth_seq_id_1    152 
_pdbx_validate_close_contact.PDB_ins_code_1   ? 
_pdbx_validate_close_contact.label_alt_id_1   ? 
_pdbx_validate_close_contact.auth_atom_id_2   C9 
_pdbx_validate_close_contact.auth_asym_id_2   A 
_pdbx_validate_close_contact.auth_comp_id_2   DHF 
_pdbx_validate_close_contact.auth_seq_id_2    163 
_pdbx_validate_close_contact.PDB_ins_code_2   ? 
_pdbx_validate_close_contact.label_alt_id_2   ? 
_pdbx_validate_close_contact.dist             2.01 
# 
loop_
_pdbx_validate_rmsd_angle.id 
_pdbx_validate_rmsd_angle.PDB_model_num 
_pdbx_validate_rmsd_angle.auth_atom_id_1 
_pdbx_validate_rmsd_angle.auth_asym_id_1 
_pdbx_validate_rmsd_angle.auth_comp_id_1 
_pdbx_validate_rmsd_angle.auth_seq_id_1 
_pdbx_validate_rmsd_angle.PDB_ins_code_1 
_pdbx_validate_rmsd_angle.label_alt_id_1 
_pdbx_validate_rmsd_angle.auth_atom_id_2 
_pdbx_validate_rmsd_angle.auth_asym_id_2 
_pdbx_validate_rmsd_angle.auth_comp_id_2 
_pdbx_validate_rmsd_angle.auth_seq_id_2 
_pdbx_validate_rmsd_angle.PDB_ins_code_2 
_pdbx_validate_rmsd_angle.label_alt_id_2 
_pdbx_validate_rmsd_angle.auth_atom_id_3 
_pdbx_validate_rmsd_angle.auth_asym_id_3 
_pdbx_validate_rmsd_angle.auth_comp_id_3 
_pdbx_validate_rmsd_angle.auth_seq_id_3 
_pdbx_validate_rmsd_angle.PDB_ins_code_3 
_pdbx_validate_rmsd_angle.label_alt_id_3 
_pdbx_validate_rmsd_angle.angle_value 
_pdbx_validate_rmsd_angle.angle_target_value 
_pdbx_validate_rmsd_angle.angle_deviation 
_pdbx_validate_rmsd_angle.angle_standard_deviation 
_pdbx_validate_rmsd_angle.linker_flag 
1  1 CB A ASP 11  ? ? CG A ASP 11  ? ? OD1 A ASP 11  ? ? 126.39 118.30 8.09   0.90 N 
2  1 CB A ASP 11  ? ? CG A ASP 11  ? ? OD2 A ASP 11  ? ? 108.69 118.30 -9.61  0.90 N 
3  1 CB A ASP 27  ? ? CG A ASP 27  ? ? OD1 A ASP 27  ? ? 124.01 118.30 5.71   0.90 N 
4  1 NE A ARG 33  ? ? CZ A ARG 33  ? ? NH1 A ARG 33  ? ? 125.07 120.30 4.77   0.50 N 
5  1 CB A ASP 37  ? ? CG A ASP 37  ? ? OD1 A ASP 37  ? ? 124.35 118.30 6.05   0.90 N 
6  1 CB A ASP 37  ? ? CG A ASP 37  ? ? OD2 A ASP 37  ? ? 109.45 118.30 -8.85  0.90 N 
7  1 NE A ARG 44  ? ? CZ A ARG 44  ? ? NH1 A ARG 44  ? ? 124.36 120.30 4.06   0.50 N 
8  1 CB A SER 64  ? ? CA A SER 64  ? ? C   A SER 64  ? ? 95.76  110.10 -14.34 1.90 N 
9  1 CB A ASP 79  ? ? CG A ASP 79  ? ? OD1 A ASP 79  ? ? 124.62 118.30 6.32   0.90 N 
10 1 CB A ASP 79  ? ? CG A ASP 79  ? ? OD2 A ASP 79  ? ? 110.17 118.30 -8.13  0.90 N 
11 1 CB A ASP 87  ? ? CG A ASP 87  ? ? OD1 A ASP 87  ? ? 112.85 118.30 -5.45  0.90 N 
12 1 NE A ARG 98  ? ? CZ A ARG 98  ? ? NH2 A ARG 98  ? ? 116.01 120.30 -4.29  0.50 N 
13 1 CB A ASP 116 ? ? CG A ASP 116 ? ? OD2 A ASP 116 ? ? 110.50 118.30 -7.80  0.90 N 
14 1 N  A GLU 120 ? ? CA A GLU 120 ? ? CB  A GLU 120 ? ? 123.16 110.60 12.56  1.80 N 
15 1 CB A ASP 122 ? ? CA A ASP 122 ? ? C   A ASP 122 ? ? 97.83  110.40 -12.57 2.00 N 
16 1 N  A ASP 122 ? ? CA A ASP 122 ? ? CB  A ASP 122 ? ? 99.23  110.60 -11.37 1.80 N 
17 1 CB A ASP 127 ? ? CG A ASP 127 ? ? OD2 A ASP 127 ? ? 112.04 118.30 -6.26  0.90 N 
18 1 CB A ASP 132 ? ? CG A ASP 132 ? ? OD2 A ASP 132 ? ? 112.51 118.30 -5.79  0.90 N 
19 1 N  A SER 138 ? ? CA A SER 138 ? ? CB  A SER 138 ? ? 120.89 110.50 10.39  1.50 N 
20 1 CB A ASP 142 ? ? CG A ASP 142 ? ? OD2 A ASP 142 ? ? 109.21 118.30 -9.09  0.90 N 
21 1 CB A ASP 144 ? ? CG A ASP 144 ? ? OD1 A ASP 144 ? ? 124.42 118.30 6.12   0.90 N 
22 1 CB A ASP 144 ? ? CG A ASP 144 ? ? OD2 A ASP 144 ? ? 111.58 118.30 -6.72  0.90 N 
23 1 NE A ARG 159 ? ? CZ A ARG 159 ? ? NH1 A ARG 159 ? ? 126.03 120.30 5.73   0.50 N 
# 
_pdbx_validate_torsion.id              1 
_pdbx_validate_torsion.PDB_model_num   1 
_pdbx_validate_torsion.auth_comp_id    GLU 
_pdbx_validate_torsion.auth_asym_id    A 
_pdbx_validate_torsion.auth_seq_id     139 
_pdbx_validate_torsion.PDB_ins_code    ? 
_pdbx_validate_torsion.label_alt_id    ? 
_pdbx_validate_torsion.phi             -160.49 
_pdbx_validate_torsion.psi             119.61 
# 
loop_
_chem_comp_atom.comp_id 
_chem_comp_atom.atom_id 
_chem_comp_atom.type_symbol 
_chem_comp_atom.pdbx_aromatic_flag 
_chem_comp_atom.pdbx_stereo_config 
_chem_comp_atom.pdbx_ordinal 
ALA N    N  N N 1   
ALA CA   C  N S 2   
ALA C    C  N N 3   
ALA O    O  N N 4   
ALA CB   C  N N 5   
ALA OXT  O  N N 6   
ALA H    H  N N 7   
ALA H2   H  N N 8   
ALA HA   H  N N 9   
ALA HB1  H  N N 10  
ALA HB2  H  N N 11  
ALA HB3  H  N N 12  
ALA HXT  H  N N 13  
ARG N    N  N N 14  
ARG CA   C  N S 15  
ARG C    C  N N 16  
ARG O    O  N N 17  
ARG CB   C  N N 18  
ARG CG   C  N N 19  
ARG CD   C  N N 20  
ARG NE   N  N N 21  
ARG CZ   C  N N 22  
ARG NH1  N  N N 23  
ARG NH2  N  N N 24  
ARG OXT  O  N N 25  
ARG H    H  N N 26  
ARG H2   H  N N 27  
ARG HA   H  N N 28  
ARG HB2  H  N N 29  
ARG HB3  H  N N 30  
ARG HG2  H  N N 31  
ARG HG3  H  N N 32  
ARG HD2  H  N N 33  
ARG HD3  H  N N 34  
ARG HE   H  N N 35  
ARG HH11 H  N N 36  
ARG HH12 H  N N 37  
ARG HH21 H  N N 38  
ARG HH22 H  N N 39  
ARG HXT  H  N N 40  
ASN N    N  N N 41  
ASN CA   C  N S 42  
ASN C    C  N N 43  
ASN O    O  N N 44  
ASN CB   C  N N 45  
ASN CG   C  N N 46  
ASN OD1  O  N N 47  
ASN ND2  N  N N 48  
ASN OXT  O  N N 49  
ASN H    H  N N 50  
ASN H2   H  N N 51  
ASN HA   H  N N 52  
ASN HB2  H  N N 53  
ASN HB3  H  N N 54  
ASN HD21 H  N N 55  
ASN HD22 H  N N 56  
ASN HXT  H  N N 57  
ASP N    N  N N 58  
ASP CA   C  N S 59  
ASP C    C  N N 60  
ASP O    O  N N 61  
ASP CB   C  N N 62  
ASP CG   C  N N 63  
ASP OD1  O  N N 64  
ASP OD2  O  N N 65  
ASP OXT  O  N N 66  
ASP H    H  N N 67  
ASP H2   H  N N 68  
ASP HA   H  N N 69  
ASP HB2  H  N N 70  
ASP HB3  H  N N 71  
ASP HD2  H  N N 72  
ASP HXT  H  N N 73  
CL  CL   CL N N 74  
CYS N    N  N N 75  
CYS CA   C  N R 76  
CYS C    C  N N 77  
CYS O    O  N N 78  
CYS CB   C  N N 79  
CYS SG   S  N N 80  
CYS OXT  O  N N 81  
CYS H    H  N N 82  
CYS H2   H  N N 83  
CYS HA   H  N N 84  
CYS HB2  H  N N 85  
CYS HB3  H  N N 86  
CYS HG   H  N N 87  
CYS HXT  H  N N 88  
DHF N1   N  Y N 89  
DHF C2   C  Y N 90  
DHF NA2  N  N N 91  
DHF N3   N  Y N 92  
DHF C4   C  Y N 93  
DHF O4   O  N N 94  
DHF C4A  C  Y N 95  
DHF N5   N  N N 96  
DHF C6   C  N N 97  
DHF C7   C  N N 98  
DHF N8   N  N N 99  
DHF C8A  C  Y N 100 
DHF C9   C  N N 101 
DHF N10  N  N N 102 
DHF C11  C  Y N 103 
DHF C12  C  Y N 104 
DHF C13  C  Y N 105 
DHF C14  C  Y N 106 
DHF C15  C  Y N 107 
DHF C16  C  Y N 108 
DHF C    C  N N 109 
DHF O    O  N N 110 
DHF N    N  N N 111 
DHF CA   C  N S 112 
DHF CB   C  N N 113 
DHF CG   C  N N 114 
DHF CD   C  N N 115 
DHF OE1  O  N N 116 
DHF OE2  O  N N 117 
DHF CT   C  N N 118 
DHF O1   O  N N 119 
DHF O2   O  N N 120 
DHF HN1  H  N N 121 
DHF HN21 H  N N 122 
DHF HN22 H  N N 123 
DHF H71  H  N N 124 
DHF H72  H  N N 125 
DHF HN8  H  N N 126 
DHF H91  H  N N 127 
DHF H92  H  N N 128 
DHF HN0  H  N N 129 
DHF H12  H  N N 130 
DHF H13  H  N N 131 
DHF H15  H  N N 132 
DHF H16  H  N N 133 
DHF HN   H  N N 134 
DHF HA   H  N N 135 
DHF HB1  H  N N 136 
DHF HB2  H  N N 137 
DHF HG1  H  N N 138 
DHF HG2  H  N N 139 
DHF HOE2 H  N N 140 
DHF HO2  H  N N 141 
GLN N    N  N N 142 
GLN CA   C  N S 143 
GLN C    C  N N 144 
GLN O    O  N N 145 
GLN CB   C  N N 146 
GLN CG   C  N N 147 
GLN CD   C  N N 148 
GLN OE1  O  N N 149 
GLN NE2  N  N N 150 
GLN OXT  O  N N 151 
GLN H    H  N N 152 
GLN H2   H  N N 153 
GLN HA   H  N N 154 
GLN HB2  H  N N 155 
GLN HB3  H  N N 156 
GLN HG2  H  N N 157 
GLN HG3  H  N N 158 
GLN HE21 H  N N 159 
GLN HE22 H  N N 160 
GLN HXT  H  N N 161 
GLU N    N  N N 162 
GLU CA   C  N S 163 
GLU C    C  N N 164 
GLU O    O  N N 165 
GLU CB   C  N N 166 
GLU CG   C  N N 167 
GLU CD   C  N N 168 
GLU OE1  O  N N 169 
GLU OE2  O  N N 170 
GLU OXT  O  N N 171 
GLU H    H  N N 172 
GLU H2   H  N N 173 
GLU HA   H  N N 174 
GLU HB2  H  N N 175 
GLU HB3  H  N N 176 
GLU HG2  H  N N 177 
GLU HG3  H  N N 178 
GLU HE2  H  N N 179 
GLU HXT  H  N N 180 
GLY N    N  N N 181 
GLY CA   C  N N 182 
GLY C    C  N N 183 
GLY O    O  N N 184 
GLY OXT  O  N N 185 
GLY H    H  N N 186 
GLY H2   H  N N 187 
GLY HA2  H  N N 188 
GLY HA3  H  N N 189 
GLY HXT  H  N N 190 
HIS N    N  N N 191 
HIS CA   C  N S 192 
HIS C    C  N N 193 
HIS O    O  N N 194 
HIS CB   C  N N 195 
HIS CG   C  Y N 196 
HIS ND1  N  Y N 197 
HIS CD2  C  Y N 198 
HIS CE1  C  Y N 199 
HIS NE2  N  Y N 200 
HIS OXT  O  N N 201 
HIS H    H  N N 202 
HIS H2   H  N N 203 
HIS HA   H  N N 204 
HIS HB2  H  N N 205 
HIS HB3  H  N N 206 
HIS HD1  H  N N 207 
HIS HD2  H  N N 208 
HIS HE1  H  N N 209 
HIS HE2  H  N N 210 
HIS HXT  H  N N 211 
HOH O    O  N N 212 
HOH H1   H  N N 213 
HOH H2   H  N N 214 
ILE N    N  N N 215 
ILE CA   C  N S 216 
ILE C    C  N N 217 
ILE O    O  N N 218 
ILE CB   C  N S 219 
ILE CG1  C  N N 220 
ILE CG2  C  N N 221 
ILE CD1  C  N N 222 
ILE OXT  O  N N 223 
ILE H    H  N N 224 
ILE H2   H  N N 225 
ILE HA   H  N N 226 
ILE HB   H  N N 227 
ILE HG12 H  N N 228 
ILE HG13 H  N N 229 
ILE HG21 H  N N 230 
ILE HG22 H  N N 231 
ILE HG23 H  N N 232 
ILE HD11 H  N N 233 
ILE HD12 H  N N 234 
ILE HD13 H  N N 235 
ILE HXT  H  N N 236 
LEU N    N  N N 237 
LEU CA   C  N S 238 
LEU C    C  N N 239 
LEU O    O  N N 240 
LEU CB   C  N N 241 
LEU CG   C  N N 242 
LEU CD1  C  N N 243 
LEU CD2  C  N N 244 
LEU OXT  O  N N 245 
LEU H    H  N N 246 
LEU H2   H  N N 247 
LEU HA   H  N N 248 
LEU HB2  H  N N 249 
LEU HB3  H  N N 250 
LEU HG   H  N N 251 
LEU HD11 H  N N 252 
LEU HD12 H  N N 253 
LEU HD13 H  N N 254 
LEU HD21 H  N N 255 
LEU HD22 H  N N 256 
LEU HD23 H  N N 257 
LEU HXT  H  N N 258 
LYS N    N  N N 259 
LYS CA   C  N S 260 
LYS C    C  N N 261 
LYS O    O  N N 262 
LYS CB   C  N N 263 
LYS CG   C  N N 264 
LYS CD   C  N N 265 
LYS CE   C  N N 266 
LYS NZ   N  N N 267 
LYS OXT  O  N N 268 
LYS H    H  N N 269 
LYS H2   H  N N 270 
LYS HA   H  N N 271 
LYS HB2  H  N N 272 
LYS HB3  H  N N 273 
LYS HG2  H  N N 274 
LYS HG3  H  N N 275 
LYS HD2  H  N N 276 
LYS HD3  H  N N 277 
LYS HE2  H  N N 278 
LYS HE3  H  N N 279 
LYS HZ1  H  N N 280 
LYS HZ2  H  N N 281 
LYS HZ3  H  N N 282 
LYS HXT  H  N N 283 
MET N    N  N N 284 
MET CA   C  N S 285 
MET C    C  N N 286 
MET O    O  N N 287 
MET CB   C  N N 288 
MET CG   C  N N 289 
MET SD   S  N N 290 
MET CE   C  N N 291 
MET OXT  O  N N 292 
MET H    H  N N 293 
MET H2   H  N N 294 
MET HA   H  N N 295 
MET HB2  H  N N 296 
MET HB3  H  N N 297 
MET HG2  H  N N 298 
MET HG3  H  N N 299 
MET HE1  H  N N 300 
MET HE2  H  N N 301 
MET HE3  H  N N 302 
MET HXT  H  N N 303 
MN  MN   MN N N 304 
PHE N    N  N N 305 
PHE CA   C  N S 306 
PHE C    C  N N 307 
PHE O    O  N N 308 
PHE CB   C  N N 309 
PHE CG   C  Y N 310 
PHE CD1  C  Y N 311 
PHE CD2  C  Y N 312 
PHE CE1  C  Y N 313 
PHE CE2  C  Y N 314 
PHE CZ   C  Y N 315 
PHE OXT  O  N N 316 
PHE H    H  N N 317 
PHE H2   H  N N 318 
PHE HA   H  N N 319 
PHE HB2  H  N N 320 
PHE HB3  H  N N 321 
PHE HD1  H  N N 322 
PHE HD2  H  N N 323 
PHE HE1  H  N N 324 
PHE HE2  H  N N 325 
PHE HZ   H  N N 326 
PHE HXT  H  N N 327 
PRO N    N  N N 328 
PRO CA   C  N S 329 
PRO C    C  N N 330 
PRO O    O  N N 331 
PRO CB   C  N N 332 
PRO CG   C  N N 333 
PRO CD   C  N N 334 
PRO OXT  O  N N 335 
PRO H    H  N N 336 
PRO HA   H  N N 337 
PRO HB2  H  N N 338 
PRO HB3  H  N N 339 
PRO HG2  H  N N 340 
PRO HG3  H  N N 341 
PRO HD2  H  N N 342 
PRO HD3  H  N N 343 
PRO HXT  H  N N 344 
SER N    N  N N 345 
SER CA   C  N S 346 
SER C    C  N N 347 
SER O    O  N N 348 
SER CB   C  N N 349 
SER OG   O  N N 350 
SER OXT  O  N N 351 
SER H    H  N N 352 
SER H2   H  N N 353 
SER HA   H  N N 354 
SER HB2  H  N N 355 
SER HB3  H  N N 356 
SER HG   H  N N 357 
SER HXT  H  N N 358 
THR N    N  N N 359 
THR CA   C  N S 360 
THR C    C  N N 361 
THR O    O  N N 362 
THR CB   C  N R 363 
THR OG1  O  N N 364 
THR CG2  C  N N 365 
THR OXT  O  N N 366 
THR H    H  N N 367 
THR H2   H  N N 368 
THR HA   H  N N 369 
THR HB   H  N N 370 
THR HG1  H  N N 371 
THR HG21 H  N N 372 
THR HG22 H  N N 373 
THR HG23 H  N N 374 
THR HXT  H  N N 375 
TRP N    N  N N 376 
TRP CA   C  N S 377 
TRP C    C  N N 378 
TRP O    O  N N 379 
TRP CB   C  N N 380 
TRP CG   C  Y N 381 
TRP CD1  C  Y N 382 
TRP CD2  C  Y N 383 
TRP NE1  N  Y N 384 
TRP CE2  C  Y N 385 
TRP CE3  C  Y N 386 
TRP CZ2  C  Y N 387 
TRP CZ3  C  Y N 388 
TRP CH2  C  Y N 389 
TRP OXT  O  N N 390 
TRP H    H  N N 391 
TRP H2   H  N N 392 
TRP HA   H  N N 393 
TRP HB2  H  N N 394 
TRP HB3  H  N N 395 
TRP HD1  H  N N 396 
TRP HE1  H  N N 397 
TRP HE3  H  N N 398 
TRP HZ2  H  N N 399 
TRP HZ3  H  N N 400 
TRP HH2  H  N N 401 
TRP HXT  H  N N 402 
TYR N    N  N N 403 
TYR CA   C  N S 404 
TYR C    C  N N 405 
TYR O    O  N N 406 
TYR CB   C  N N 407 
TYR CG   C  Y N 408 
TYR CD1  C  Y N 409 
TYR CD2  C  Y N 410 
TYR CE1  C  Y N 411 
TYR CE2  C  Y N 412 
TYR CZ   C  Y N 413 
TYR OH   O  N N 414 
TYR OXT  O  N N 415 
TYR H    H  N N 416 
TYR H2   H  N N 417 
TYR HA   H  N N 418 
TYR HB2  H  N N 419 
TYR HB3  H  N N 420 
TYR HD1  H  N N 421 
TYR HD2  H  N N 422 
TYR HE1  H  N N 423 
TYR HE2  H  N N 424 
TYR HH   H  N N 425 
TYR HXT  H  N N 426 
VAL N    N  N N 427 
VAL CA   C  N S 428 
VAL C    C  N N 429 
VAL O    O  N N 430 
VAL CB   C  N N 431 
VAL CG1  C  N N 432 
VAL CG2  C  N N 433 
VAL OXT  O  N N 434 
VAL H    H  N N 435 
VAL H2   H  N N 436 
VAL HA   H  N N 437 
VAL HB   H  N N 438 
VAL HG11 H  N N 439 
VAL HG12 H  N N 440 
VAL HG13 H  N N 441 
VAL HG21 H  N N 442 
VAL HG22 H  N N 443 
VAL HG23 H  N N 444 
VAL HXT  H  N N 445 
# 
loop_
_chem_comp_bond.comp_id 
_chem_comp_bond.atom_id_1 
_chem_comp_bond.atom_id_2 
_chem_comp_bond.value_order 
_chem_comp_bond.pdbx_aromatic_flag 
_chem_comp_bond.pdbx_stereo_config 
_chem_comp_bond.pdbx_ordinal 
ALA N   CA   sing N N 1   
ALA N   H    sing N N 2   
ALA N   H2   sing N N 3   
ALA CA  C    sing N N 4   
ALA CA  CB   sing N N 5   
ALA CA  HA   sing N N 6   
ALA C   O    doub N N 7   
ALA C   OXT  sing N N 8   
ALA CB  HB1  sing N N 9   
ALA CB  HB2  sing N N 10  
ALA CB  HB3  sing N N 11  
ALA OXT HXT  sing N N 12  
ARG N   CA   sing N N 13  
ARG N   H    sing N N 14  
ARG N   H2   sing N N 15  
ARG CA  C    sing N N 16  
ARG CA  CB   sing N N 17  
ARG CA  HA   sing N N 18  
ARG C   O    doub N N 19  
ARG C   OXT  sing N N 20  
ARG CB  CG   sing N N 21  
ARG CB  HB2  sing N N 22  
ARG CB  HB3  sing N N 23  
ARG CG  CD   sing N N 24  
ARG CG  HG2  sing N N 25  
ARG CG  HG3  sing N N 26  
ARG CD  NE   sing N N 27  
ARG CD  HD2  sing N N 28  
ARG CD  HD3  sing N N 29  
ARG NE  CZ   sing N N 30  
ARG NE  HE   sing N N 31  
ARG CZ  NH1  sing N N 32  
ARG CZ  NH2  doub N N 33  
ARG NH1 HH11 sing N N 34  
ARG NH1 HH12 sing N N 35  
ARG NH2 HH21 sing N N 36  
ARG NH2 HH22 sing N N 37  
ARG OXT HXT  sing N N 38  
ASN N   CA   sing N N 39  
ASN N   H    sing N N 40  
ASN N   H2   sing N N 41  
ASN CA  C    sing N N 42  
ASN CA  CB   sing N N 43  
ASN CA  HA   sing N N 44  
ASN C   O    doub N N 45  
ASN C   OXT  sing N N 46  
ASN CB  CG   sing N N 47  
ASN CB  HB2  sing N N 48  
ASN CB  HB3  sing N N 49  
ASN CG  OD1  doub N N 50  
ASN CG  ND2  sing N N 51  
ASN ND2 HD21 sing N N 52  
ASN ND2 HD22 sing N N 53  
ASN OXT HXT  sing N N 54  
ASP N   CA   sing N N 55  
ASP N   H    sing N N 56  
ASP N   H2   sing N N 57  
ASP CA  C    sing N N 58  
ASP CA  CB   sing N N 59  
ASP CA  HA   sing N N 60  
ASP C   O    doub N N 61  
ASP C   OXT  sing N N 62  
ASP CB  CG   sing N N 63  
ASP CB  HB2  sing N N 64  
ASP CB  HB3  sing N N 65  
ASP CG  OD1  doub N N 66  
ASP CG  OD2  sing N N 67  
ASP OD2 HD2  sing N N 68  
ASP OXT HXT  sing N N 69  
CYS N   CA   sing N N 70  
CYS N   H    sing N N 71  
CYS N   H2   sing N N 72  
CYS CA  C    sing N N 73  
CYS CA  CB   sing N N 74  
CYS CA  HA   sing N N 75  
CYS C   O    doub N N 76  
CYS C   OXT  sing N N 77  
CYS CB  SG   sing N N 78  
CYS CB  HB2  sing N N 79  
CYS CB  HB3  sing N N 80  
CYS SG  HG   sing N N 81  
CYS OXT HXT  sing N N 82  
DHF N1  C2   sing Y N 83  
DHF N1  C8A  sing Y N 84  
DHF N1  HN1  sing N N 85  
DHF C2  NA2  sing N N 86  
DHF C2  N3   doub Y N 87  
DHF NA2 HN21 sing N N 88  
DHF NA2 HN22 sing N N 89  
DHF N3  C4   sing Y N 90  
DHF C4  O4   doub N N 91  
DHF C4  C4A  sing Y N 92  
DHF C4A N5   sing N N 93  
DHF C4A C8A  doub Y N 94  
DHF N5  C6   doub N N 95  
DHF C6  C7   sing N N 96  
DHF C6  C9   sing N N 97  
DHF C7  N8   sing N N 98  
DHF C7  H71  sing N N 99  
DHF C7  H72  sing N N 100 
DHF N8  C8A  sing N N 101 
DHF N8  HN8  sing N N 102 
DHF C9  N10  sing N N 103 
DHF C9  H91  sing N N 104 
DHF C9  H92  sing N N 105 
DHF N10 C14  sing N N 106 
DHF N10 HN0  sing N N 107 
DHF C11 C12  doub Y N 108 
DHF C11 C16  sing Y N 109 
DHF C11 C    sing N N 110 
DHF C12 C13  sing Y N 111 
DHF C12 H12  sing N N 112 
DHF C13 C14  doub Y N 113 
DHF C13 H13  sing N N 114 
DHF C14 C15  sing Y N 115 
DHF C15 C16  doub Y N 116 
DHF C15 H15  sing N N 117 
DHF C16 H16  sing N N 118 
DHF C   O    doub N N 119 
DHF C   N    sing N N 120 
DHF N   CA   sing N N 121 
DHF N   HN   sing N N 122 
DHF CA  CB   sing N N 123 
DHF CA  CT   sing N N 124 
DHF CA  HA   sing N N 125 
DHF CB  CG   sing N N 126 
DHF CB  HB1  sing N N 127 
DHF CB  HB2  sing N N 128 
DHF CG  CD   sing N N 129 
DHF CG  HG1  sing N N 130 
DHF CG  HG2  sing N N 131 
DHF CD  OE1  doub N N 132 
DHF CD  OE2  sing N N 133 
DHF OE2 HOE2 sing N N 134 
DHF CT  O1   doub N N 135 
DHF CT  O2   sing N N 136 
DHF O2  HO2  sing N N 137 
GLN N   CA   sing N N 138 
GLN N   H    sing N N 139 
GLN N   H2   sing N N 140 
GLN CA  C    sing N N 141 
GLN CA  CB   sing N N 142 
GLN CA  HA   sing N N 143 
GLN C   O    doub N N 144 
GLN C   OXT  sing N N 145 
GLN CB  CG   sing N N 146 
GLN CB  HB2  sing N N 147 
GLN CB  HB3  sing N N 148 
GLN CG  CD   sing N N 149 
GLN CG  HG2  sing N N 150 
GLN CG  HG3  sing N N 151 
GLN CD  OE1  doub N N 152 
GLN CD  NE2  sing N N 153 
GLN NE2 HE21 sing N N 154 
GLN NE2 HE22 sing N N 155 
GLN OXT HXT  sing N N 156 
GLU N   CA   sing N N 157 
GLU N   H    sing N N 158 
GLU N   H2   sing N N 159 
GLU CA  C    sing N N 160 
GLU CA  CB   sing N N 161 
GLU CA  HA   sing N N 162 
GLU C   O    doub N N 163 
GLU C   OXT  sing N N 164 
GLU CB  CG   sing N N 165 
GLU CB  HB2  sing N N 166 
GLU CB  HB3  sing N N 167 
GLU CG  CD   sing N N 168 
GLU CG  HG2  sing N N 169 
GLU CG  HG3  sing N N 170 
GLU CD  OE1  doub N N 171 
GLU CD  OE2  sing N N 172 
GLU OE2 HE2  sing N N 173 
GLU OXT HXT  sing N N 174 
GLY N   CA   sing N N 175 
GLY N   H    sing N N 176 
GLY N   H2   sing N N 177 
GLY CA  C    sing N N 178 
GLY CA  HA2  sing N N 179 
GLY CA  HA3  sing N N 180 
GLY C   O    doub N N 181 
GLY C   OXT  sing N N 182 
GLY OXT HXT  sing N N 183 
HIS N   CA   sing N N 184 
HIS N   H    sing N N 185 
HIS N   H2   sing N N 186 
HIS CA  C    sing N N 187 
HIS CA  CB   sing N N 188 
HIS CA  HA   sing N N 189 
HIS C   O    doub N N 190 
HIS C   OXT  sing N N 191 
HIS CB  CG   sing N N 192 
HIS CB  HB2  sing N N 193 
HIS CB  HB3  sing N N 194 
HIS CG  ND1  sing Y N 195 
HIS CG  CD2  doub Y N 196 
HIS ND1 CE1  doub Y N 197 
HIS ND1 HD1  sing N N 198 
HIS CD2 NE2  sing Y N 199 
HIS CD2 HD2  sing N N 200 
HIS CE1 NE2  sing Y N 201 
HIS CE1 HE1  sing N N 202 
HIS NE2 HE2  sing N N 203 
HIS OXT HXT  sing N N 204 
HOH O   H1   sing N N 205 
HOH O   H2   sing N N 206 
ILE N   CA   sing N N 207 
ILE N   H    sing N N 208 
ILE N   H2   sing N N 209 
ILE CA  C    sing N N 210 
ILE CA  CB   sing N N 211 
ILE CA  HA   sing N N 212 
ILE C   O    doub N N 213 
ILE C   OXT  sing N N 214 
ILE CB  CG1  sing N N 215 
ILE CB  CG2  sing N N 216 
ILE CB  HB   sing N N 217 
ILE CG1 CD1  sing N N 218 
ILE CG1 HG12 sing N N 219 
ILE CG1 HG13 sing N N 220 
ILE CG2 HG21 sing N N 221 
ILE CG2 HG22 sing N N 222 
ILE CG2 HG23 sing N N 223 
ILE CD1 HD11 sing N N 224 
ILE CD1 HD12 sing N N 225 
ILE CD1 HD13 sing N N 226 
ILE OXT HXT  sing N N 227 
LEU N   CA   sing N N 228 
LEU N   H    sing N N 229 
LEU N   H2   sing N N 230 
LEU CA  C    sing N N 231 
LEU CA  CB   sing N N 232 
LEU CA  HA   sing N N 233 
LEU C   O    doub N N 234 
LEU C   OXT  sing N N 235 
LEU CB  CG   sing N N 236 
LEU CB  HB2  sing N N 237 
LEU CB  HB3  sing N N 238 
LEU CG  CD1  sing N N 239 
LEU CG  CD2  sing N N 240 
LEU CG  HG   sing N N 241 
LEU CD1 HD11 sing N N 242 
LEU CD1 HD12 sing N N 243 
LEU CD1 HD13 sing N N 244 
LEU CD2 HD21 sing N N 245 
LEU CD2 HD22 sing N N 246 
LEU CD2 HD23 sing N N 247 
LEU OXT HXT  sing N N 248 
LYS N   CA   sing N N 249 
LYS N   H    sing N N 250 
LYS N   H2   sing N N 251 
LYS CA  C    sing N N 252 
LYS CA  CB   sing N N 253 
LYS CA  HA   sing N N 254 
LYS C   O    doub N N 255 
LYS C   OXT  sing N N 256 
LYS CB  CG   sing N N 257 
LYS CB  HB2  sing N N 258 
LYS CB  HB3  sing N N 259 
LYS CG  CD   sing N N 260 
LYS CG  HG2  sing N N 261 
LYS CG  HG3  sing N N 262 
LYS CD  CE   sing N N 263 
LYS CD  HD2  sing N N 264 
LYS CD  HD3  sing N N 265 
LYS CE  NZ   sing N N 266 
LYS CE  HE2  sing N N 267 
LYS CE  HE3  sing N N 268 
LYS NZ  HZ1  sing N N 269 
LYS NZ  HZ2  sing N N 270 
LYS NZ  HZ3  sing N N 271 
LYS OXT HXT  sing N N 272 
MET N   CA   sing N N 273 
MET N   H    sing N N 274 
MET N   H2   sing N N 275 
MET CA  C    sing N N 276 
MET CA  CB   sing N N 277 
MET CA  HA   sing N N 278 
MET C   O    doub N N 279 
MET C   OXT  sing N N 280 
MET CB  CG   sing N N 281 
MET CB  HB2  sing N N 282 
MET CB  HB3  sing N N 283 
MET CG  SD   sing N N 284 
MET CG  HG2  sing N N 285 
MET CG  HG3  sing N N 286 
MET SD  CE   sing N N 287 
MET CE  HE1  sing N N 288 
MET CE  HE2  sing N N 289 
MET CE  HE3  sing N N 290 
MET OXT HXT  sing N N 291 
PHE N   CA   sing N N 292 
PHE N   H    sing N N 293 
PHE N   H2   sing N N 294 
PHE CA  C    sing N N 295 
PHE CA  CB   sing N N 296 
PHE CA  HA   sing N N 297 
PHE C   O    doub N N 298 
PHE C   OXT  sing N N 299 
PHE CB  CG   sing N N 300 
PHE CB  HB2  sing N N 301 
PHE CB  HB3  sing N N 302 
PHE CG  CD1  doub Y N 303 
PHE CG  CD2  sing Y N 304 
PHE CD1 CE1  sing Y N 305 
PHE CD1 HD1  sing N N 306 
PHE CD2 CE2  doub Y N 307 
PHE CD2 HD2  sing N N 308 
PHE CE1 CZ   doub Y N 309 
PHE CE1 HE1  sing N N 310 
PHE CE2 CZ   sing Y N 311 
PHE CE2 HE2  sing N N 312 
PHE CZ  HZ   sing N N 313 
PHE OXT HXT  sing N N 314 
PRO N   CA   sing N N 315 
PRO N   CD   sing N N 316 
PRO N   H    sing N N 317 
PRO CA  C    sing N N 318 
PRO CA  CB   sing N N 319 
PRO CA  HA   sing N N 320 
PRO C   O    doub N N 321 
PRO C   OXT  sing N N 322 
PRO CB  CG   sing N N 323 
PRO CB  HB2  sing N N 324 
PRO CB  HB3  sing N N 325 
PRO CG  CD   sing N N 326 
PRO CG  HG2  sing N N 327 
PRO CG  HG3  sing N N 328 
PRO CD  HD2  sing N N 329 
PRO CD  HD3  sing N N 330 
PRO OXT HXT  sing N N 331 
SER N   CA   sing N N 332 
SER N   H    sing N N 333 
SER N   H2   sing N N 334 
SER CA  C    sing N N 335 
SER CA  CB   sing N N 336 
SER CA  HA   sing N N 337 
SER C   O    doub N N 338 
SER C   OXT  sing N N 339 
SER CB  OG   sing N N 340 
SER CB  HB2  sing N N 341 
SER CB  HB3  sing N N 342 
SER OG  HG   sing N N 343 
SER OXT HXT  sing N N 344 
THR N   CA   sing N N 345 
THR N   H    sing N N 346 
THR N   H2   sing N N 347 
THR CA  C    sing N N 348 
THR CA  CB   sing N N 349 
THR CA  HA   sing N N 350 
THR C   O    doub N N 351 
THR C   OXT  sing N N 352 
THR CB  OG1  sing N N 353 
THR CB  CG2  sing N N 354 
THR CB  HB   sing N N 355 
THR OG1 HG1  sing N N 356 
THR CG2 HG21 sing N N 357 
THR CG2 HG22 sing N N 358 
THR CG2 HG23 sing N N 359 
THR OXT HXT  sing N N 360 
TRP N   CA   sing N N 361 
TRP N   H    sing N N 362 
TRP N   H2   sing N N 363 
TRP CA  C    sing N N 364 
TRP CA  CB   sing N N 365 
TRP CA  HA   sing N N 366 
TRP C   O    doub N N 367 
TRP C   OXT  sing N N 368 
TRP CB  CG   sing N N 369 
TRP CB  HB2  sing N N 370 
TRP CB  HB3  sing N N 371 
TRP CG  CD1  doub Y N 372 
TRP CG  CD2  sing Y N 373 
TRP CD1 NE1  sing Y N 374 
TRP CD1 HD1  sing N N 375 
TRP CD2 CE2  doub Y N 376 
TRP CD2 CE3  sing Y N 377 
TRP NE1 CE2  sing Y N 378 
TRP NE1 HE1  sing N N 379 
TRP CE2 CZ2  sing Y N 380 
TRP CE3 CZ3  doub Y N 381 
TRP CE3 HE3  sing N N 382 
TRP CZ2 CH2  doub Y N 383 
TRP CZ2 HZ2  sing N N 384 
TRP CZ3 CH2  sing Y N 385 
TRP CZ3 HZ3  sing N N 386 
TRP CH2 HH2  sing N N 387 
TRP OXT HXT  sing N N 388 
TYR N   CA   sing N N 389 
TYR N   H    sing N N 390 
TYR N   H2   sing N N 391 
TYR CA  C    sing N N 392 
TYR CA  CB   sing N N 393 
TYR CA  HA   sing N N 394 
TYR C   O    doub N N 395 
TYR C   OXT  sing N N 396 
TYR CB  CG   sing N N 397 
TYR CB  HB2  sing N N 398 
TYR CB  HB3  sing N N 399 
TYR CG  CD1  doub Y N 400 
TYR CG  CD2  sing Y N 401 
TYR CD1 CE1  sing Y N 402 
TYR CD1 HD1  sing N N 403 
TYR CD2 CE2  doub Y N 404 
TYR CD2 HD2  sing N N 405 
TYR CE1 CZ   doub Y N 406 
TYR CE1 HE1  sing N N 407 
TYR CE2 CZ   sing Y N 408 
TYR CE2 HE2  sing N N 409 
TYR CZ  OH   sing N N 410 
TYR OH  HH   sing N N 411 
TYR OXT HXT  sing N N 412 
VAL N   CA   sing N N 413 
VAL N   H    sing N N 414 
VAL N   H2   sing N N 415 
VAL CA  C    sing N N 416 
VAL CA  CB   sing N N 417 
VAL CA  HA   sing N N 418 
VAL C   O    doub N N 419 
VAL C   OXT  sing N N 420 
VAL CB  CG1  sing N N 421 
VAL CB  CG2  sing N N 422 
VAL CB  HB   sing N N 423 
VAL CG1 HG11 sing N N 424 
VAL CG1 HG12 sing N N 425 
VAL CG1 HG13 sing N N 426 
VAL CG2 HG21 sing N N 427 
VAL CG2 HG22 sing N N 428 
VAL CG2 HG23 sing N N 429 
VAL OXT HXT  sing N N 430 
# 
_pdbx_initial_refinement_model.id               1 
_pdbx_initial_refinement_model.entity_id_list   ? 
_pdbx_initial_refinement_model.type             'experimental model' 
_pdbx_initial_refinement_model.source_name      PDB 
_pdbx_initial_refinement_model.accession_code   1RX7 
_pdbx_initial_refinement_model.details          'PDB ENTRY 1RX7' 
# 
_atom_sites.entry_id                    1RF7 
_atom_sites.fract_transf_matrix[1][1]   -0.01025607 
_atom_sites.fract_transf_matrix[1][2]   0.02688664 
_atom_sites.fract_transf_matrix[1][3]   0.00147257 
_atom_sites.fract_transf_matrix[2][1]   0.00186309 
_atom_sites.fract_transf_matrix[2][2]   -0.00069246 
_atom_sites.fract_transf_matrix[2][3]   0.02561901 
_atom_sites.fract_transf_matrix[3][1]   0.00856131 
_atom_sites.fract_transf_matrix[3][2]   0.00329499 
_atom_sites.fract_transf_matrix[3][3]   -0.00053354 
_atom_sites.fract_transf_vector[1]      0.838727 
_atom_sites.fract_transf_vector[2]      0.949961 
_atom_sites.fract_transf_vector[3]      0.125475 
# 
loop_
_atom_type.symbol 
C  
CL 
MN 
N  
O  
S  
# 
loop_
_atom_site.group_PDB 
_atom_site.id 
_atom_site.type_symbol 
_atom_site.label_atom_id 
_atom_site.label_alt_id 
_atom_site.label_comp_id 
_atom_site.label_asym_id 
_atom_site.label_entity_id 
_atom_site.label_seq_id 
_atom_site.pdbx_PDB_ins_code 
_atom_site.Cartn_x 
_atom_site.Cartn_y 
_atom_site.Cartn_z 
_atom_site.occupancy 
_atom_site.B_iso_or_equiv 
_atom_site.pdbx_formal_charge 
_atom_site.auth_seq_id 
_atom_site.auth_comp_id 
_atom_site.auth_asym_id 
_atom_site.auth_atom_id 
_atom_site.pdbx_PDB_model_num 
ATOM   1    N  N   . MET A 1 1   ? 3.416   -15.046 -2.685  1.00 17.55 ? 1   MET A N   1 
ATOM   2    C  CA  . MET A 1 1   ? 4.298   -13.941 -2.865  1.00 16.62 ? 1   MET A CA  1 
ATOM   3    C  C   . MET A 1 1   ? 3.698   -12.717 -2.170  1.00 21.33 ? 1   MET A C   1 
ATOM   4    O  O   . MET A 1 1   ? 2.487   -12.578 -2.020  1.00 19.79 ? 1   MET A O   1 
ATOM   5    C  CB  . MET A 1 1   ? 4.302   -13.823 -4.371  1.00 20.12 ? 1   MET A CB  1 
ATOM   6    C  CG  . MET A 1 1   ? 4.497   -12.420 -4.839  1.00 39.31 ? 1   MET A CG  1 
ATOM   7    S  SD  . MET A 1 1   ? 4.386   -12.375 -6.633  1.00 47.13 ? 1   MET A SD  1 
ATOM   8    C  CE  . MET A 1 1   ? 2.662   -11.922 -6.952  1.00 43.69 ? 1   MET A CE  1 
ATOM   9    N  N   . ILE A 1 2   ? 4.549   -11.819 -1.738  1.00 14.30 ? 2   ILE A N   1 
ATOM   10   C  CA  . ILE A 1 2   ? 4.122   -10.630 -1.090  1.00 8.55  ? 2   ILE A CA  1 
ATOM   11   C  C   . ILE A 1 2   ? 4.435   -9.482  -1.988  1.00 11.48 ? 2   ILE A C   1 
ATOM   12   O  O   . ILE A 1 2   ? 5.496   -9.425  -2.625  1.00 8.52  ? 2   ILE A O   1 
ATOM   13   C  CB  . ILE A 1 2   ? 4.913   -10.524 0.216   1.00 14.59 ? 2   ILE A CB  1 
ATOM   14   C  CG1 . ILE A 1 2   ? 4.488   -11.694 1.101   1.00 19.80 ? 2   ILE A CG1 1 
ATOM   15   C  CG2 . ILE A 1 2   ? 4.719   -9.166  0.881   1.00 9.75  ? 2   ILE A CG2 1 
ATOM   16   C  CD1 . ILE A 1 2   ? 5.312   -11.803 2.360   1.00 25.28 ? 2   ILE A CD1 1 
ATOM   17   N  N   . SER A 1 3   ? 3.466   -8.586  -2.018  1.00 10.31 ? 3   SER A N   1 
ATOM   18   C  CA  . SER A 1 3   ? 3.554   -7.381  -2.811  1.00 8.94  ? 3   SER A CA  1 
ATOM   19   C  C   . SER A 1 3   ? 3.215   -6.175  -1.963  1.00 13.44 ? 3   SER A C   1 
ATOM   20   O  O   . SER A 1 3   ? 2.372   -6.245  -1.077  1.00 12.89 ? 3   SER A O   1 
ATOM   21   C  CB  . SER A 1 3   ? 2.546   -7.408  -3.942  1.00 12.21 ? 3   SER A CB  1 
ATOM   22   O  OG  . SER A 1 3   ? 2.711   -8.541  -4.806  1.00 14.85 ? 3   SER A OG  1 
ATOM   23   N  N   . LEU A 1 4   ? 3.863   -5.063  -2.230  1.00 11.01 ? 4   LEU A N   1 
ATOM   24   C  CA  . LEU A 1 4   ? 3.553   -3.878  -1.483  1.00 9.67  ? 4   LEU A CA  1 
ATOM   25   C  C   . LEU A 1 4   ? 2.837   -2.944  -2.435  1.00 10.53 ? 4   LEU A C   1 
ATOM   26   O  O   . LEU A 1 4   ? 3.150   -2.892  -3.624  1.00 12.87 ? 4   LEU A O   1 
ATOM   27   C  CB  . LEU A 1 4   ? 4.854   -3.196  -1.047  1.00 12.03 ? 4   LEU A CB  1 
ATOM   28   C  CG  . LEU A 1 4   ? 5.345   -3.587  0.324   1.00 19.58 ? 4   LEU A CG  1 
ATOM   29   C  CD1 . LEU A 1 4   ? 5.308   -5.079  0.631   1.00 14.87 ? 4   LEU A CD1 1 
ATOM   30   C  CD2 . LEU A 1 4   ? 6.692   -2.938  0.594   1.00 17.59 ? 4   LEU A CD2 1 
ATOM   31   N  N   . ILE A 1 5   ? 1.857   -2.195  -1.923  1.00 6.76  ? 5   ILE A N   1 
ATOM   32   C  CA  . ILE A 1 5   ? 1.137   -1.222  -2.771  1.00 7.61  ? 5   ILE A CA  1 
ATOM   33   C  C   . ILE A 1 5   ? 1.152   0.118   -2.060  1.00 10.79 ? 5   ILE A C   1 
ATOM   34   O  O   . ILE A 1 5   ? 0.896   0.156   -0.861  1.00 11.47 ? 5   ILE A O   1 
ATOM   35   C  CB  . ILE A 1 5   ? -0.233  -1.637  -3.275  1.00 8.06  ? 5   ILE A CB  1 
ATOM   36   C  CG1 . ILE A 1 5   ? -0.849  -0.551  -4.169  1.00 5.39  ? 5   ILE A CG1 1 
ATOM   37   C  CG2 . ILE A 1 5   ? -1.163  -2.008  -2.099  1.00 9.33  ? 5   ILE A CG2 1 
ATOM   38   C  CD1 . ILE A 1 5   ? -2.060  -1.076  -4.976  1.00 7.61  ? 5   ILE A CD1 1 
ATOM   39   N  N   . ALA A 1 6   ? 1.455   1.242   -2.743  1.00 6.05  ? 6   ALA A N   1 
ATOM   40   C  CA  . ALA A 1 6   ? 1.475   2.496   -2.022  1.00 6.04  ? 6   ALA A CA  1 
ATOM   41   C  C   . ALA A 1 6   ? 1.423   3.661   -2.956  1.00 12.88 ? 6   ALA A C   1 
ATOM   42   O  O   . ALA A 1 6   ? 1.740   3.487   -4.131  1.00 12.35 ? 6   ALA A O   1 
ATOM   43   C  CB  . ALA A 1 6   ? 2.899   2.651   -1.423  1.00 9.28  ? 6   ALA A CB  1 
ATOM   44   N  N   . ALA A 1 7   ? 1.041   4.826   -2.433  1.00 13.27 ? 7   ALA A N   1 
ATOM   45   C  CA  . ALA A 1 7   ? 0.964   6.059   -3.231  1.00 12.03 ? 7   ALA A CA  1 
ATOM   46   C  C   . ALA A 1 7   ? 2.049   6.971   -2.674  1.00 15.04 ? 7   ALA A C   1 
ATOM   47   O  O   . ALA A 1 7   ? 2.044   7.293   -1.488  1.00 12.12 ? 7   ALA A O   1 
ATOM   48   C  CB  . ALA A 1 7   ? -0.403  6.721   -3.152  1.00 14.63 ? 7   ALA A CB  1 
ATOM   49   N  N   . LEU A 1 8   ? 2.973   7.364   -3.535  1.00 12.77 ? 8   LEU A N   1 
ATOM   50   C  CA  . LEU A 1 8   ? 4.073   8.185   -3.077  1.00 12.63 ? 8   LEU A CA  1 
ATOM   51   C  C   . LEU A 1 8   ? 4.102   9.566   -3.642  1.00 12.09 ? 8   LEU A C   1 
ATOM   52   O  O   . LEU A 1 8   ? 3.845   9.773   -4.825  1.00 17.66 ? 8   LEU A O   1 
ATOM   53   C  CB  . LEU A 1 8   ? 5.380   7.496   -3.595  1.00 13.57 ? 8   LEU A CB  1 
ATOM   54   C  CG  . LEU A 1 8   ? 6.027   6.371   -2.755  1.00 21.73 ? 8   LEU A CG  1 
ATOM   55   C  CD1 . LEU A 1 8   ? 5.133   5.165   -2.561  1.00 27.19 ? 8   LEU A CD1 1 
ATOM   56   C  CD2 . LEU A 1 8   ? 7.309   5.849   -3.391  1.00 21.85 ? 8   LEU A CD2 1 
ATOM   57   N  N   . ALA A 1 9   ? 4.451   10.483  -2.780  1.00 14.08 ? 9   ALA A N   1 
ATOM   58   C  CA  . ALA A 1 9   ? 4.588   11.866  -3.214  1.00 12.92 ? 9   ALA A CA  1 
ATOM   59   C  C   . ALA A 1 9   ? 6.071   12.044  -3.503  1.00 15.56 ? 9   ALA A C   1 
ATOM   60   O  O   . ALA A 1 9   ? 6.917   11.139  -3.556  1.00 13.98 ? 9   ALA A O   1 
ATOM   61   C  CB  . ALA A 1 9   ? 4.133   12.875  -2.180  1.00 15.71 ? 9   ALA A CB  1 
ATOM   62   N  N   . VAL A 1 10  ? 6.442   13.278  -3.700  1.00 22.07 ? 10  VAL A N   1 
ATOM   63   C  CA  . VAL A 1 10  ? 7.833   13.521  -3.973  1.00 26.65 ? 10  VAL A CA  1 
ATOM   64   C  C   . VAL A 1 10  ? 8.689   13.143  -2.760  1.00 22.00 ? 10  VAL A C   1 
ATOM   65   O  O   . VAL A 1 10  ? 8.241   13.140  -1.623  1.00 26.75 ? 10  VAL A O   1 
ATOM   66   C  CB  . VAL A 1 10  ? 7.882   15.015  -4.211  1.00 32.16 ? 10  VAL A CB  1 
ATOM   67   C  CG1 . VAL A 1 10  ? 9.287   15.566  -4.031  1.00 21.13 ? 10  VAL A CG1 1 
ATOM   68   C  CG2 . VAL A 1 10  ? 7.157   15.395  -5.500  1.00 32.62 ? 10  VAL A CG2 1 
ATOM   69   N  N   . ASP A 1 11  ? 9.942   12.805  -2.934  1.00 17.35 ? 11  ASP A N   1 
ATOM   70   C  CA  . ASP A 1 11  ? 10.663  12.468  -1.740  1.00 23.45 ? 11  ASP A CA  1 
ATOM   71   C  C   . ASP A 1 11  ? 10.223  11.160  -1.020  1.00 19.80 ? 11  ASP A C   1 
ATOM   72   O  O   . ASP A 1 11  ? 10.681  10.867  0.083   1.00 16.75 ? 11  ASP A O   1 
ATOM   73   C  CB  . ASP A 1 11  ? 10.887  13.706  -0.852  1.00 24.60 ? 11  ASP A CB  1 
ATOM   74   C  CG  . ASP A 1 11  ? 11.815  14.729  -1.456  1.00 30.52 ? 11  ASP A CG  1 
ATOM   75   O  OD1 . ASP A 1 11  ? 12.516  14.577  -2.453  1.00 26.06 ? 11  ASP A OD1 1 
ATOM   76   O  OD2 . ASP A 1 11  ? 11.840  15.776  -0.686  1.00 34.54 ? 11  ASP A OD2 1 
ATOM   77   N  N   . ARG A 1 12  ? 9.358   10.367  -1.670  1.00 18.28 ? 12  ARG A N   1 
ATOM   78   C  CA  . ARG A 1 12  ? 8.864   9.085   -1.149  1.00 21.79 ? 12  ARG A CA  1 
ATOM   79   C  C   . ARG A 1 12  ? 8.044   9.310   0.093   1.00 16.48 ? 12  ARG A C   1 
ATOM   80   O  O   . ARG A 1 12  ? 7.945   8.436   0.937   1.00 18.08 ? 12  ARG A O   1 
ATOM   81   C  CB  . ARG A 1 12  ? 9.945   8.121   -0.689  1.00 25.78 ? 12  ARG A CB  1 
ATOM   82   C  CG  . ARG A 1 12  ? 10.846  7.497   -1.753  1.00 30.15 ? 12  ARG A CG  1 
ATOM   83   C  CD  . ARG A 1 12  ? 11.797  6.428   -1.187  1.00 19.83 ? 12  ARG A CD  1 
ATOM   84   N  NE  . ARG A 1 12  ? 13.122  6.902   -0.735  1.00 25.93 ? 12  ARG A NE  1 
ATOM   85   C  CZ  . ARG A 1 12  ? 13.603  6.957   0.524   1.00 33.83 ? 12  ARG A CZ  1 
ATOM   86   N  NH1 . ARG A 1 12  ? 12.890  6.565   1.577   1.00 22.24 ? 12  ARG A NH1 1 
ATOM   87   N  NH2 . ARG A 1 12  ? 14.846  7.422   0.761   1.00 34.50 ? 12  ARG A NH2 1 
ATOM   88   N  N   . VAL A 1 13  ? 7.485   10.485  0.208   1.00 11.91 ? 13  VAL A N   1 
ATOM   89   C  CA  . VAL A 1 13  ? 6.693   10.745  1.383   1.00 16.04 ? 13  VAL A CA  1 
ATOM   90   C  C   . VAL A 1 13  ? 5.345   10.029  1.253   1.00 13.96 ? 13  VAL A C   1 
ATOM   91   O  O   . VAL A 1 13  ? 4.759   10.030  0.192   1.00 15.96 ? 13  VAL A O   1 
ATOM   92   C  CB  . VAL A 1 13  ? 6.422   12.244  1.461   1.00 23.10 ? 13  VAL A CB  1 
ATOM   93   C  CG1 . VAL A 1 13  ? 5.391   12.587  2.538   1.00 23.01 ? 13  VAL A CG1 1 
ATOM   94   C  CG2 . VAL A 1 13  ? 7.718   13.018  1.664   1.00 18.64 ? 13  VAL A CG2 1 
ATOM   95   N  N   . ILE A 1 14  ? 4.851   9.443   2.322   1.00 15.02 ? 14  ILE A N   1 
ATOM   96   C  CA  . ILE A 1 14  ? 3.571   8.775   2.271   1.00 14.46 ? 14  ILE A CA  1 
ATOM   97   C  C   . ILE A 1 14  ? 2.875   9.327   3.501   1.00 28.19 ? 14  ILE A C   1 
ATOM   98   O  O   . ILE A 1 14  ? 3.542   9.860   4.380   1.00 30.09 ? 14  ILE A O   1 
ATOM   99   C  CB  . ILE A 1 14  ? 3.718   7.269   2.433   1.00 12.90 ? 14  ILE A CB  1 
ATOM   100  C  CG1 . ILE A 1 14  ? 4.432   7.008   3.738   1.00 19.01 ? 14  ILE A CG1 1 
ATOM   101  C  CG2 . ILE A 1 14  ? 4.519   6.605   1.302   1.00 9.81  ? 14  ILE A CG2 1 
ATOM   102  C  CD1 . ILE A 1 14  ? 4.662   5.515   3.851   1.00 22.84 ? 14  ILE A CD1 1 
ATOM   103  N  N   . GLY A 1 15  ? 1.564   9.210   3.577   1.00 30.70 ? 15  GLY A N   1 
ATOM   104  C  CA  . GLY A 1 15  ? 0.833   9.698   4.729   1.00 36.77 ? 15  GLY A CA  1 
ATOM   105  C  C   . GLY A 1 15  ? -0.622  9.265   4.641   1.00 47.11 ? 15  GLY A C   1 
ATOM   106  O  O   . GLY A 1 15  ? -1.118  8.853   3.591   1.00 49.95 ? 15  GLY A O   1 
ATOM   107  N  N   . MET A 1 16  ? -1.342  9.342   5.750   1.00 50.36 ? 16  MET A N   1 
ATOM   108  C  CA  . MET A 1 16  ? -2.738  8.939   5.684   1.00 51.60 ? 16  MET A CA  1 
ATOM   109  C  C   . MET A 1 16  ? -3.497  9.858   4.717   1.00 55.68 ? 16  MET A C   1 
ATOM   110  O  O   . MET A 1 16  ? -3.025  10.962  4.413   1.00 41.21 ? 16  MET A O   1 
ATOM   111  C  CB  . MET A 1 16  ? -3.422  8.942   7.074   1.00 42.59 ? 16  MET A CB  1 
ATOM   112  C  CG  . MET A 1 16  ? -2.787  8.026   8.103   1.00 50.34 ? 16  MET A CG  1 
ATOM   113  S  SD  . MET A 1 16  ? -2.426  6.335   7.558   1.00 61.63 ? 16  MET A SD  1 
ATOM   114  C  CE  . MET A 1 16  ? -2.075  5.723   9.218   1.00 62.71 ? 16  MET A CE  1 
ATOM   115  N  N   . GLU A 1 17  ? -4.673  9.383   4.250   1.00 59.74 ? 17  GLU A N   1 
ATOM   116  C  CA  . GLU A 1 17  ? -5.618  10.041  3.338   1.00 58.50 ? 17  GLU A CA  1 
ATOM   117  C  C   . GLU A 1 17  ? -5.784  11.551  3.675   1.00 53.77 ? 17  GLU A C   1 
ATOM   118  O  O   . GLU A 1 17  ? -5.479  12.475  2.922   1.00 48.07 ? 17  GLU A O   1 
ATOM   119  C  CB  . GLU A 1 17  ? -6.995  9.337   3.524   1.00 56.43 ? 17  GLU A CB  1 
ATOM   120  C  CG  . GLU A 1 17  ? -7.413  9.264   5.032   1.00 71.56 ? 17  GLU A CG  1 
ATOM   121  C  CD  . GLU A 1 17  ? -8.870  9.471   5.424   1.00 78.04 ? 17  GLU A CD  1 
ATOM   122  O  OE1 . GLU A 1 17  ? -9.607  9.924   4.445   1.00 82.03 ? 17  GLU A OE1 1 
ATOM   123  O  OE2 . GLU A 1 17  ? -9.316  9.265   6.551   1.00 71.99 ? 17  GLU A OE2 1 
ATOM   124  N  N   . ASN A 1 18  ? -6.292  11.822  4.874   1.00 47.05 ? 18  ASN A N   1 
ATOM   125  C  CA  . ASN A 1 18  ? -6.527  13.173  5.364   1.00 45.91 ? 18  ASN A CA  1 
ATOM   126  C  C   . ASN A 1 18  ? -5.274  14.026  5.476   1.00 53.18 ? 18  ASN A C   1 
ATOM   127  O  O   . ASN A 1 18  ? -5.331  15.259  5.549   1.00 54.67 ? 18  ASN A O   1 
ATOM   128  C  CB  . ASN A 1 18  ? -7.146  13.083  6.769   1.00 48.22 ? 18  ASN A CB  1 
ATOM   129  C  CG  . ASN A 1 18  ? -8.619  12.749  6.709   1.00 53.66 ? 18  ASN A CG  1 
ATOM   130  O  OD1 . ASN A 1 18  ? -9.159  12.657  5.603   1.00 55.97 ? 18  ASN A OD1 1 
ATOM   131  N  ND2 . ASN A 1 18  ? -9.265  12.593  7.872   1.00 48.76 ? 18  ASN A ND2 1 
ATOM   132  N  N   . ALA A 1 19  ? -4.140  13.343  5.513   1.00 43.31 ? 19  ALA A N   1 
ATOM   133  C  CA  . ALA A 1 19  ? -2.861  14.007  5.622   1.00 44.35 ? 19  ALA A CA  1 
ATOM   134  C  C   . ALA A 1 19  ? -2.373  14.414  4.249   1.00 48.96 ? 19  ALA A C   1 
ATOM   135  O  O   . ALA A 1 19  ? -1.544  15.316  4.099   1.00 43.12 ? 19  ALA A O   1 
ATOM   136  C  CB  . ALA A 1 19  ? -1.843  13.040  6.209   1.00 48.34 ? 19  ALA A CB  1 
ATOM   137  N  N   . MET A 1 20  ? -2.917  13.691  3.272   1.00 54.36 ? 20  MET A N   1 
ATOM   138  C  CA  . MET A 1 20  ? -2.640  13.834  1.857   1.00 44.88 ? 20  MET A CA  1 
ATOM   139  C  C   . MET A 1 20  ? -3.624  14.767  1.158   1.00 34.74 ? 20  MET A C   1 
ATOM   140  O  O   . MET A 1 20  ? -4.859  14.632  1.217   1.00 45.88 ? 20  MET A O   1 
ATOM   141  C  CB  . MET A 1 20  ? -2.341  12.492  1.145   1.00 57.25 ? 20  MET A CB  1 
ATOM   142  C  CG  . MET A 1 20  ? -1.377  11.469  1.789   1.00 63.52 ? 20  MET A CG  1 
ATOM   143  S  SD  . MET A 1 20  ? 0.021   12.008  2.839   1.00 58.96 ? 20  MET A SD  1 
ATOM   144  C  CE  . MET A 1 20  ? 1.292   12.679  1.755   1.00 37.77 ? 20  MET A CE  1 
ATOM   145  N  N   . PRO A 1 21  ? -2.978  15.731  0.504   1.00 34.40 ? 21  PRO A N   1 
ATOM   146  C  CA  . PRO A 1 21  ? -3.568  16.828  -0.241  1.00 37.56 ? 21  PRO A CA  1 
ATOM   147  C  C   . PRO A 1 21  ? -4.085  16.588  -1.636  1.00 31.88 ? 21  PRO A C   1 
ATOM   148  O  O   . PRO A 1 21  ? -4.626  17.495  -2.261  1.00 36.62 ? 21  PRO A O   1 
ATOM   149  C  CB  . PRO A 1 21  ? -2.517  17.942  -0.211  1.00 39.58 ? 21  PRO A CB  1 
ATOM   150  C  CG  . PRO A 1 21  ? -1.193  17.285  0.134   1.00 38.59 ? 21  PRO A CG  1 
ATOM   151  C  CD  . PRO A 1 21  ? -1.506  15.838  0.491   1.00 28.89 ? 21  PRO A CD  1 
ATOM   152  N  N   . TRP A 1 22  ? -3.933  15.379  -2.138  1.00 28.44 ? 22  TRP A N   1 
ATOM   153  C  CA  . TRP A 1 22  ? -4.435  15.136  -3.456  1.00 26.02 ? 22  TRP A CA  1 
ATOM   154  C  C   . TRP A 1 22  ? -5.754  14.409  -3.350  1.00 32.21 ? 22  TRP A C   1 
ATOM   155  O  O   . TRP A 1 22  ? -6.036  13.764  -2.349  1.00 28.34 ? 22  TRP A O   1 
ATOM   156  C  CB  . TRP A 1 22  ? -3.469  14.188  -4.178  1.00 27.90 ? 22  TRP A CB  1 
ATOM   157  C  CG  . TRP A 1 22  ? -3.191  12.890  -3.459  1.00 26.41 ? 22  TRP A CG  1 
ATOM   158  C  CD1 . TRP A 1 22  ? -4.037  11.825  -3.390  1.00 34.76 ? 22  TRP A CD1 1 
ATOM   159  C  CD2 . TRP A 1 22  ? -2.008  12.467  -2.728  1.00 29.98 ? 22  TRP A CD2 1 
ATOM   160  N  NE1 . TRP A 1 22  ? -3.479  10.781  -2.680  1.00 30.12 ? 22  TRP A NE1 1 
ATOM   161  C  CE2 . TRP A 1 22  ? -2.241  11.137  -2.262  1.00 24.29 ? 22  TRP A CE2 1 
ATOM   162  C  CE3 . TRP A 1 22  ? -0.778  13.042  -2.407  1.00 34.79 ? 22  TRP A CE3 1 
ATOM   163  C  CZ2 . TRP A 1 22  ? -1.309  10.413  -1.515  1.00 26.86 ? 22  TRP A CZ2 1 
ATOM   164  C  CZ3 . TRP A 1 22  ? 0.143   12.319  -1.663  1.00 33.76 ? 22  TRP A CZ3 1 
ATOM   165  C  CH2 . TRP A 1 22  ? -0.116  11.015  -1.218  1.00 28.98 ? 22  TRP A CH2 1 
ATOM   166  N  N   . ASN A 1 23  ? -6.524  14.522  -4.417  1.00 30.26 ? 23  ASN A N   1 
ATOM   167  C  CA  . ASN A 1 23  ? -7.812  13.877  -4.549  1.00 30.31 ? 23  ASN A CA  1 
ATOM   168  C  C   . ASN A 1 23  ? -7.657  13.081  -5.847  1.00 26.87 ? 23  ASN A C   1 
ATOM   169  O  O   . ASN A 1 23  ? -7.728  13.629  -6.946  1.00 25.21 ? 23  ASN A O   1 
ATOM   170  C  CB  . ASN A 1 23  ? -8.938  14.932  -4.514  1.00 28.44 ? 23  ASN A CB  1 
ATOM   171  C  CG  . ASN A 1 23  ? -10.252 14.433  -5.063  1.00 43.32 ? 23  ASN A CG  1 
ATOM   172  O  OD1 . ASN A 1 23  ? -10.835 13.433  -4.601  1.00 38.67 ? 23  ASN A OD1 1 
ATOM   173  N  ND2 . ASN A 1 23  ? -10.690 15.107  -6.112  1.00 47.07 ? 23  ASN A ND2 1 
ATOM   174  N  N   . LEU A 1 24  ? -7.395  11.754  -5.721  1.00 20.50 ? 24  LEU A N   1 
ATOM   175  C  CA  . LEU A 1 24  ? -7.192  10.926  -6.898  1.00 15.68 ? 24  LEU A CA  1 
ATOM   176  C  C   . LEU A 1 24  ? -8.040  9.670   -7.043  1.00 18.36 ? 24  LEU A C   1 
ATOM   177  O  O   . LEU A 1 24  ? -7.585  8.573   -6.834  1.00 14.76 ? 24  LEU A O   1 
ATOM   178  C  CB  . LEU A 1 24  ? -5.753  10.418  -6.961  1.00 24.76 ? 24  LEU A CB  1 
ATOM   179  C  CG  . LEU A 1 24  ? -4.761  11.549  -6.822  1.00 27.51 ? 24  LEU A CG  1 
ATOM   180  C  CD1 . LEU A 1 24  ? -3.379  10.955  -6.975  1.00 25.90 ? 24  LEU A CD1 1 
ATOM   181  C  CD2 . LEU A 1 24  ? -4.995  12.449  -8.018  1.00 32.97 ? 24  LEU A CD2 1 
ATOM   182  N  N   . PRO A 1 25  ? -9.273  9.828   -7.448  1.00 22.28 ? 25  PRO A N   1 
ATOM   183  C  CA  . PRO A 1 25  ? -10.159 8.700   -7.652  1.00 20.29 ? 25  PRO A CA  1 
ATOM   184  C  C   . PRO A 1 25  ? -9.568  7.617   -8.566  1.00 16.77 ? 25  PRO A C   1 
ATOM   185  O  O   . PRO A 1 25  ? -9.823  6.418   -8.384  1.00 18.78 ? 25  PRO A O   1 
ATOM   186  C  CB  . PRO A 1 25  ? -11.394 9.323   -8.308  1.00 22.80 ? 25  PRO A CB  1 
ATOM   187  C  CG  . PRO A 1 25  ? -11.213 10.840  -8.310  1.00 24.13 ? 25  PRO A CG  1 
ATOM   188  C  CD  . PRO A 1 25  ? -9.896  11.165  -7.647  1.00 21.60 ? 25  PRO A CD  1 
ATOM   189  N  N   . ALA A 1 26  ? -8.768  8.018   -9.570  1.00 17.17 ? 26  ALA A N   1 
ATOM   190  C  CA  . ALA A 1 26  ? -8.145  7.076   -10.489 1.00 13.77 ? 26  ALA A CA  1 
ATOM   191  C  C   . ALA A 1 26  ? -7.155  6.189   -9.747  1.00 12.92 ? 26  ALA A C   1 
ATOM   192  O  O   . ALA A 1 26  ? -6.988  5.007   -10.016 1.00 14.39 ? 26  ALA A O   1 
ATOM   193  C  CB  . ALA A 1 26  ? -7.310  7.775   -11.570 1.00 14.17 ? 26  ALA A CB  1 
ATOM   194  N  N   . ASP A 1 27  ? -6.475  6.774   -8.808  1.00 15.28 ? 27  ASP A N   1 
ATOM   195  C  CA  . ASP A 1 27  ? -5.528  5.993   -8.053  1.00 11.77 ? 27  ASP A CA  1 
ATOM   196  C  C   . ASP A 1 27  ? -6.305  5.120   -7.079  1.00 13.69 ? 27  ASP A C   1 
ATOM   197  O  O   . ASP A 1 27  ? -5.916  4.006   -6.774  1.00 13.18 ? 27  ASP A O   1 
ATOM   198  C  CB  . ASP A 1 27  ? -4.582  6.922   -7.237  1.00 14.69 ? 27  ASP A CB  1 
ATOM   199  C  CG  . ASP A 1 27  ? -3.591  6.155   -6.404  1.00 19.20 ? 27  ASP A CG  1 
ATOM   200  O  OD1 . ASP A 1 27  ? -2.845  5.301   -6.848  1.00 15.52 ? 27  ASP A OD1 1 
ATOM   201  O  OD2 . ASP A 1 27  ? -3.637  6.449   -5.140  1.00 17.28 ? 27  ASP A OD2 1 
ATOM   202  N  N   . LEU A 1 28  ? -7.420  5.594   -6.537  1.00 11.54 ? 28  LEU A N   1 
ATOM   203  C  CA  . LEU A 1 28  ? -8.128  4.717   -5.628  1.00 13.49 ? 28  LEU A CA  1 
ATOM   204  C  C   . LEU A 1 28  ? -8.759  3.551   -6.409  1.00 13.41 ? 28  LEU A C   1 
ATOM   205  O  O   . LEU A 1 28  ? -8.917  2.419   -5.972  1.00 19.96 ? 28  LEU A O   1 
ATOM   206  C  CB  . LEU A 1 28  ? -9.150  5.543   -4.821  1.00 18.48 ? 28  LEU A CB  1 
ATOM   207  C  CG  . LEU A 1 28  ? -8.536  6.195   -3.585  1.00 28.95 ? 28  LEU A CG  1 
ATOM   208  C  CD1 . LEU A 1 28  ? -9.695  6.748   -2.789  1.00 36.75 ? 28  LEU A CD1 1 
ATOM   209  C  CD2 . LEU A 1 28  ? -7.904  5.169   -2.659  1.00 34.02 ? 28  LEU A CD2 1 
ATOM   210  N  N   . ALA A 1 29  ? -9.109  3.824   -7.633  1.00 14.64 ? 29  ALA A N   1 
ATOM   211  C  CA  . ALA A 1 29  ? -9.670  2.775   -8.435  1.00 12.11 ? 29  ALA A CA  1 
ATOM   212  C  C   . ALA A 1 29  ? -8.568  1.750   -8.722  1.00 19.32 ? 29  ALA A C   1 
ATOM   213  O  O   . ALA A 1 29  ? -8.788  0.551   -8.730  1.00 14.14 ? 29  ALA A O   1 
ATOM   214  C  CB  . ALA A 1 29  ? -10.258 3.378   -9.713  1.00 16.14 ? 29  ALA A CB  1 
ATOM   215  N  N   . TRP A 1 30  ? -7.332  2.196   -8.962  1.00 12.21 ? 30  TRP A N   1 
ATOM   216  C  CA  . TRP A 1 30  ? -6.249  1.262   -9.219  1.00 14.62 ? 30  TRP A CA  1 
ATOM   217  C  C   . TRP A 1 30  ? -5.935  0.382   -7.996  1.00 15.96 ? 30  TRP A C   1 
ATOM   218  O  O   . TRP A 1 30  ? -5.674  -0.826  -8.104  1.00 10.28 ? 30  TRP A O   1 
ATOM   219  C  CB  . TRP A 1 30  ? -5.025  2.127   -9.572  1.00 13.72 ? 30  TRP A CB  1 
ATOM   220  C  CG  . TRP A 1 30  ? -3.620  1.601   -9.438  1.00 14.94 ? 30  TRP A CG  1 
ATOM   221  C  CD1 . TRP A 1 30  ? -2.839  1.760   -8.341  1.00 11.54 ? 30  TRP A CD1 1 
ATOM   222  C  CD2 . TRP A 1 30  ? -2.787  0.926   -10.424 1.00 13.59 ? 30  TRP A CD2 1 
ATOM   223  N  NE1 . TRP A 1 30  ? -1.593  1.201   -8.548  1.00 13.33 ? 30  TRP A NE1 1 
ATOM   224  C  CE2 . TRP A 1 30  ? -1.518  0.693   -9.815  1.00 11.49 ? 30  TRP A CE2 1 
ATOM   225  C  CE3 . TRP A 1 30  ? -2.987  0.487   -11.738 1.00 11.96 ? 30  TRP A CE3 1 
ATOM   226  C  CZ2 . TRP A 1 30  ? -0.454  0.053   -10.489 1.00 14.46 ? 30  TRP A CZ2 1 
ATOM   227  C  CZ3 . TRP A 1 30  ? -1.942  -0.154  -12.406 1.00 13.94 ? 30  TRP A CZ3 1 
ATOM   228  C  CH2 . TRP A 1 30  ? -0.693  -0.372  -11.793 1.00 12.53 ? 30  TRP A CH2 1 
ATOM   229  N  N   . PHE A 1 31  ? -5.969  1.018   -6.813  1.00 9.97  ? 31  PHE A N   1 
ATOM   230  C  CA  . PHE A 1 31  ? -5.705  0.338   -5.542  1.00 6.28  ? 31  PHE A CA  1 
ATOM   231  C  C   . PHE A 1 31  ? -6.750  -0.766  -5.366  1.00 12.18 ? 31  PHE A C   1 
ATOM   232  O  O   . PHE A 1 31  ? -6.490  -1.935  -5.030  1.00 13.39 ? 31  PHE A O   1 
ATOM   233  C  CB  . PHE A 1 31  ? -5.811  1.361   -4.379  1.00 8.46  ? 31  PHE A CB  1 
ATOM   234  C  CG  . PHE A 1 31  ? -5.780  0.683   -3.020  1.00 9.84  ? 31  PHE A CG  1 
ATOM   235  C  CD1 . PHE A 1 31  ? -6.966  0.248   -2.427  1.00 14.94 ? 31  PHE A CD1 1 
ATOM   236  C  CD2 . PHE A 1 31  ? -4.580  0.455   -2.346  1.00 10.81 ? 31  PHE A CD2 1 
ATOM   237  C  CE1 . PHE A 1 31  ? -6.951  -0.389  -1.181  1.00 9.38  ? 31  PHE A CE1 1 
ATOM   238  C  CE2 . PHE A 1 31  ? -4.537  -0.186  -1.109  1.00 14.35 ? 31  PHE A CE2 1 
ATOM   239  C  CZ  . PHE A 1 31  ? -5.735  -0.608  -0.524  1.00 11.26 ? 31  PHE A CZ  1 
ATOM   240  N  N   . LYS A 1 32  ? -8.001  -0.348  -5.603  1.00 13.66 ? 32  LYS A N   1 
ATOM   241  C  CA  . LYS A 1 32  ? -9.113  -1.273  -5.482  1.00 12.30 ? 32  LYS A CA  1 
ATOM   242  C  C   . LYS A 1 32  ? -8.931  -2.454  -6.401  1.00 10.13 ? 32  LYS A C   1 
ATOM   243  O  O   . LYS A 1 32  ? -8.959  -3.642  -6.042  1.00 14.23 ? 32  LYS A O   1 
ATOM   244  C  CB  . LYS A 1 32  ? -10.455 -0.542  -5.708  1.00 13.75 ? 32  LYS A CB  1 
ATOM   245  C  CG  . LYS A 1 32  ? -11.710 -1.356  -5.388  1.00 34.12 ? 32  LYS A CG  1 
ATOM   246  C  CD  . LYS A 1 32  ? -13.007 -0.667  -5.789  1.00 34.67 ? 32  LYS A CD  1 
ATOM   247  C  CE  . LYS A 1 32  ? -14.227 -1.504  -5.462  1.00 50.97 ? 32  LYS A CE  1 
ATOM   248  N  NZ  . LYS A 1 32  ? -14.275 -1.793  -4.024  1.00 62.90 ? 32  LYS A NZ  1 
ATOM   249  N  N   . ARG A 1 33  ? -8.713  -2.165  -7.657  1.00 12.90 ? 33  ARG A N   1 
ATOM   250  C  CA  . ARG A 1 33  ? -8.535  -3.202  -8.640  1.00 14.83 ? 33  ARG A CA  1 
ATOM   251  C  C   . ARG A 1 33  ? -7.420  -4.202  -8.363  1.00 21.44 ? 33  ARG A C   1 
ATOM   252  O  O   . ARG A 1 33  ? -7.546  -5.419  -8.577  1.00 15.15 ? 33  ARG A O   1 
ATOM   253  C  CB  . ARG A 1 33  ? -8.461  -2.498  -10.004 1.00 17.81 ? 33  ARG A CB  1 
ATOM   254  C  CG  . ARG A 1 33  ? -7.720  -3.200  -11.102 1.00 26.60 ? 33  ARG A CG  1 
ATOM   255  C  CD  . ARG A 1 33  ? -7.939  -2.534  -12.470 1.00 35.92 ? 33  ARG A CD  1 
ATOM   256  N  NE  . ARG A 1 33  ? -7.228  -1.264  -12.702 1.00 52.01 ? 33  ARG A NE  1 
ATOM   257  C  CZ  . ARG A 1 33  ? -7.685  0.018   -12.651 1.00 50.94 ? 33  ARG A CZ  1 
ATOM   258  N  NH1 . ARG A 1 33  ? -8.933  0.374   -12.358 1.00 47.75 ? 33  ARG A NH1 1 
ATOM   259  N  NH2 . ARG A 1 33  ? -6.846  1.019   -12.909 1.00 37.66 ? 33  ARG A NH2 1 
ATOM   260  N  N   . ASN A 1 34  ? -6.294  -3.695  -7.870  1.00 11.23 ? 34  ASN A N   1 
ATOM   261  C  CA  . ASN A 1 34  ? -5.204  -4.586  -7.598  1.00 6.44  ? 34  ASN A CA  1 
ATOM   262  C  C   . ASN A 1 34  ? -5.261  -5.257  -6.263  1.00 12.43 ? 34  ASN A C   1 
ATOM   263  O  O   . ASN A 1 34  ? -4.382  -6.099  -6.008  1.00 15.77 ? 34  ASN A O   1 
ATOM   264  C  CB  . ASN A 1 34  ? -3.883  -3.821  -7.664  1.00 7.49  ? 34  ASN A CB  1 
ATOM   265  C  CG  . ASN A 1 34  ? -3.524  -3.549  -9.104  1.00 18.48 ? 34  ASN A CG  1 
ATOM   266  O  OD1 . ASN A 1 34  ? -3.204  -4.467  -9.876  1.00 16.92 ? 34  ASN A OD1 1 
ATOM   267  N  ND2 . ASN A 1 34  ? -3.664  -2.292  -9.502  1.00 23.02 ? 34  ASN A ND2 1 
ATOM   268  N  N   . THR A 1 35  ? -6.196  -4.893  -5.415  1.00 8.37  ? 35  THR A N   1 
ATOM   269  C  CA  . THR A 1 35  ? -6.216  -5.591  -4.123  1.00 7.78  ? 35  THR A CA  1 
ATOM   270  C  C   . THR A 1 35  ? -7.422  -6.477  -3.931  1.00 12.13 ? 35  THR A C   1 
ATOM   271  O  O   . THR A 1 35  ? -7.508  -7.310  -3.038  1.00 11.91 ? 35  THR A O   1 
ATOM   272  C  CB  . THR A 1 35  ? -6.193  -4.632  -2.949  1.00 11.20 ? 35  THR A CB  1 
ATOM   273  O  OG1 . THR A 1 35  ? -7.269  -3.687  -3.025  1.00 15.29 ? 35  THR A OG1 1 
ATOM   274  C  CG2 . THR A 1 35  ? -4.874  -3.905  -3.015  1.00 13.12 ? 35  THR A CG2 1 
ATOM   275  N  N   . LEU A 1 36  ? -8.394  -6.280  -4.773  1.00 12.45 ? 36  LEU A N   1 
ATOM   276  C  CA  . LEU A 1 36  ? -9.590  -7.058  -4.635  1.00 11.03 ? 36  LEU A CA  1 
ATOM   277  C  C   . LEU A 1 36  ? -9.380  -8.540  -4.677  1.00 14.84 ? 36  LEU A C   1 
ATOM   278  O  O   . LEU A 1 36  ? -8.614  -9.102  -5.462  1.00 12.31 ? 36  LEU A O   1 
ATOM   279  C  CB  . LEU A 1 36  ? -10.533 -6.632  -5.737  1.00 15.99 ? 36  LEU A CB  1 
ATOM   280  C  CG  . LEU A 1 36  ? -11.961 -6.703  -5.277  1.00 28.43 ? 36  LEU A CG  1 
ATOM   281  C  CD1 . LEU A 1 36  ? -12.224 -5.665  -4.194  1.00 33.68 ? 36  LEU A CD1 1 
ATOM   282  C  CD2 . LEU A 1 36  ? -12.723 -6.315  -6.519  1.00 37.59 ? 36  LEU A CD2 1 
ATOM   283  N  N   . ASP A 1 37  ? -10.119 -9.191  -3.795  1.00 12.16 ? 37  ASP A N   1 
ATOM   284  C  CA  . ASP A 1 37  ? -10.032 -10.600 -3.700  1.00 14.18 ? 37  ASP A CA  1 
ATOM   285  C  C   . ASP A 1 37  ? -8.672  -11.072 -3.250  1.00 16.96 ? 37  ASP A C   1 
ATOM   286  O  O   . ASP A 1 37  ? -8.321  -12.217 -3.517  1.00 18.31 ? 37  ASP A O   1 
ATOM   287  C  CB  . ASP A 1 37  ? -10.560 -11.435 -4.884  1.00 27.44 ? 37  ASP A CB  1 
ATOM   288  C  CG  . ASP A 1 37  ? -11.921 -11.014 -5.353  1.00 44.46 ? 37  ASP A CG  1 
ATOM   289  O  OD1 . ASP A 1 37  ? -12.910 -10.953 -4.635  1.00 48.36 ? 37  ASP A OD1 1 
ATOM   290  O  OD2 . ASP A 1 37  ? -11.834 -10.530 -6.565  1.00 50.20 ? 37  ASP A OD2 1 
ATOM   291  N  N   . LYS A 1 38  ? -7.922  -10.219 -2.572  1.00 10.43 ? 38  LYS A N   1 
ATOM   292  C  CA  . LYS A 1 38  ? -6.628  -10.670 -2.068  1.00 8.29  ? 38  LYS A CA  1 
ATOM   293  C  C   . LYS A 1 38  ? -6.634  -10.283 -0.601  1.00 9.94  ? 38  LYS A C   1 
ATOM   294  O  O   . LYS A 1 38  ? -7.357  -9.362  -0.194  1.00 14.09 ? 38  LYS A O   1 
ATOM   295  C  CB  . LYS A 1 38  ? -5.448  -9.966  -2.729  1.00 11.45 ? 38  LYS A CB  1 
ATOM   296  C  CG  . LYS A 1 38  ? -5.466  -10.116 -4.231  1.00 10.96 ? 38  LYS A CG  1 
ATOM   297  C  CD  . LYS A 1 38  ? -4.264  -9.516  -4.914  1.00 10.28 ? 38  LYS A CD  1 
ATOM   298  C  CE  . LYS A 1 38  ? -4.389  -9.514  -6.442  1.00 16.17 ? 38  LYS A CE  1 
ATOM   299  N  NZ  . LYS A 1 38  ? -3.420  -8.583  -7.065  1.00 19.22 ? 38  LYS A NZ  1 
ATOM   300  N  N   . PRO A 1 39  ? -5.853  -10.952 0.218   1.00 10.46 ? 39  PRO A N   1 
ATOM   301  C  CA  . PRO A 1 39  ? -5.801  -10.559 1.620   1.00 10.93 ? 39  PRO A CA  1 
ATOM   302  C  C   . PRO A 1 39  ? -4.953  -9.255  1.692   1.00 14.20 ? 39  PRO A C   1 
ATOM   303  O  O   . PRO A 1 39  ? -4.003  -9.063  0.919   1.00 11.42 ? 39  PRO A O   1 
ATOM   304  C  CB  . PRO A 1 39  ? -4.996  -11.623 2.369   1.00 12.61 ? 39  PRO A CB  1 
ATOM   305  C  CG  . PRO A 1 39  ? -4.524  -12.640 1.347   1.00 16.03 ? 39  PRO A CG  1 
ATOM   306  C  CD  . PRO A 1 39  ? -5.060  -12.200 -0.025  1.00 12.57 ? 39  PRO A CD  1 
ATOM   307  N  N   . VAL A 1 40  ? -5.248  -8.354  2.602   1.00 8.23  ? 40  VAL A N   1 
ATOM   308  C  CA  . VAL A 1 40  ? -4.477  -7.105  2.719   1.00 11.15 ? 40  VAL A CA  1 
ATOM   309  C  C   . VAL A 1 40  ? -3.974  -6.998  4.133   1.00 13.45 ? 40  VAL A C   1 
ATOM   310  O  O   . VAL A 1 40  ? -4.742  -7.258  5.089   1.00 14.51 ? 40  VAL A O   1 
ATOM   311  C  CB  . VAL A 1 40  ? -5.326  -5.853  2.436   1.00 14.91 ? 40  VAL A CB  1 
ATOM   312  C  CG1 . VAL A 1 40  ? -5.650  -5.724  0.956   1.00 16.36 ? 40  VAL A CG1 1 
ATOM   313  C  CG2 . VAL A 1 40  ? -6.654  -5.875  3.186   1.00 11.22 ? 40  VAL A CG2 1 
ATOM   314  N  N   . ILE A 1 41  ? -2.722  -6.620  4.251   1.00 9.79  ? 41  ILE A N   1 
ATOM   315  C  CA  . ILE A 1 41  ? -2.121  -6.492  5.581   1.00 9.68  ? 41  ILE A CA  1 
ATOM   316  C  C   . ILE A 1 41  ? -1.829  -5.042  5.875   1.00 14.68 ? 41  ILE A C   1 
ATOM   317  O  O   . ILE A 1 41  ? -1.196  -4.352  5.061   1.00 12.10 ? 41  ILE A O   1 
ATOM   318  C  CB  . ILE A 1 41  ? -0.847  -7.298  5.634   1.00 11.31 ? 41  ILE A CB  1 
ATOM   319  C  CG1 . ILE A 1 41  ? -1.173  -8.796  5.492   1.00 14.21 ? 41  ILE A CG1 1 
ATOM   320  C  CG2 . ILE A 1 41  ? -0.146  -6.970  6.970   1.00 10.66 ? 41  ILE A CG2 1 
ATOM   321  C  CD1 . ILE A 1 41  ? 0.091   -9.649  5.331   1.00 12.26 ? 41  ILE A CD1 1 
ATOM   322  N  N   . MET A 1 42  ? -2.260  -4.574  7.015   1.00 8.44  ? 42  MET A N   1 
ATOM   323  C  CA  . MET A 1 42  ? -1.990  -3.170  7.341   1.00 8.97  ? 42  MET A CA  1 
ATOM   324  C  C   . MET A 1 42  ? -1.709  -3.019  8.817   1.00 7.58  ? 42  MET A C   1 
ATOM   325  O  O   . MET A 1 42  ? -2.008  -3.901  9.649   1.00 12.92 ? 42  MET A O   1 
ATOM   326  C  CB  . MET A 1 42  ? -3.220  -2.291  7.032   1.00 9.18  ? 42  MET A CB  1 
ATOM   327  C  CG  . MET A 1 42  ? -4.360  -2.626  7.986   1.00 6.57  ? 42  MET A CG  1 
ATOM   328  S  SD  . MET A 1 42  ? -5.935  -2.009  7.377   1.00 12.63 ? 42  MET A SD  1 
ATOM   329  C  CE  . MET A 1 42  ? -6.412  -3.438  6.379   1.00 12.74 ? 42  MET A CE  1 
ATOM   330  N  N   . GLY A 1 43  ? -1.130  -1.869  9.098   1.00 7.42  ? 43  GLY A N   1 
ATOM   331  C  CA  . GLY A 1 43  ? -0.765  -1.494  10.459  1.00 10.04 ? 43  GLY A CA  1 
ATOM   332  C  C   . GLY A 1 43  ? -1.973  -0.873  11.142  1.00 11.12 ? 43  GLY A C   1 
ATOM   333  O  O   . GLY A 1 43  ? -2.981  -0.505  10.541  1.00 12.24 ? 43  GLY A O   1 
ATOM   334  N  N   . ARG A 1 44  ? -1.854  -0.762  12.452  1.00 12.04 ? 44  ARG A N   1 
ATOM   335  C  CA  . ARG A 1 44  ? -2.985  -0.184  13.180  1.00 11.73 ? 44  ARG A CA  1 
ATOM   336  C  C   . ARG A 1 44  ? -3.439  1.206   12.806  1.00 13.81 ? 44  ARG A C   1 
ATOM   337  O  O   . ARG A 1 44  ? -4.637  1.446   12.723  1.00 18.74 ? 44  ARG A O   1 
ATOM   338  C  CB  . ARG A 1 44  ? -2.834  -0.311  14.682  1.00 13.94 ? 44  ARG A CB  1 
ATOM   339  C  CG  . ARG A 1 44  ? -4.227  -0.164  15.232  1.00 24.89 ? 44  ARG A CG  1 
ATOM   340  C  CD  . ARG A 1 44  ? -4.330  -0.287  16.749  1.00 40.86 ? 44  ARG A CD  1 
ATOM   341  N  NE  . ARG A 1 44  ? -3.870  -1.524  17.368  1.00 41.88 ? 44  ARG A NE  1 
ATOM   342  C  CZ  . ARG A 1 44  ? -4.575  -2.333  18.182  1.00 36.64 ? 44  ARG A CZ  1 
ATOM   343  N  NH1 . ARG A 1 44  ? -5.838  -2.120  18.543  1.00 31.07 ? 44  ARG A NH1 1 
ATOM   344  N  NH2 . ARG A 1 44  ? -3.972  -3.417  18.666  1.00 39.90 ? 44  ARG A NH2 1 
ATOM   345  N  N   . HIS A 1 45  ? -2.475  2.111   12.592  1.00 15.23 ? 45  HIS A N   1 
ATOM   346  C  CA  . HIS A 1 45  ? -2.750  3.479   12.222  1.00 14.81 ? 45  HIS A CA  1 
ATOM   347  C  C   . HIS A 1 45  ? -3.497  3.479   10.923  1.00 15.17 ? 45  HIS A C   1 
ATOM   348  O  O   . HIS A 1 45  ? -4.487  4.198   10.785  1.00 21.63 ? 45  HIS A O   1 
ATOM   349  C  CB  . HIS A 1 45  ? -1.488  4.362   12.238  1.00 20.77 ? 45  HIS A CB  1 
ATOM   350  C  CG  . HIS A 1 45  ? -0.840  4.247   13.580  1.00 51.54 ? 45  HIS A CG  1 
ATOM   351  N  ND1 . HIS A 1 45  ? -1.347  4.894   14.699  1.00 59.95 ? 45  HIS A ND1 1 
ATOM   352  C  CD2 . HIS A 1 45  ? 0.255   3.541   13.980  1.00 71.74 ? 45  HIS A CD2 1 
ATOM   353  C  CE1 . HIS A 1 45  ? -0.567  4.581   15.727  1.00 63.81 ? 45  HIS A CE1 1 
ATOM   354  N  NE2 . HIS A 1 45  ? 0.406   3.770   15.331  1.00 70.14 ? 45  HIS A NE2 1 
ATOM   355  N  N   . THR A 1 46  ? -3.068  2.660   9.963   1.00 11.98 ? 46  THR A N   1 
ATOM   356  C  CA  . THR A 1 46  ? -3.799  2.589   8.683   1.00 6.99  ? 46  THR A CA  1 
ATOM   357  C  C   . THR A 1 46  ? -5.227  2.113   8.860   1.00 19.08 ? 46  THR A C   1 
ATOM   358  O  O   . THR A 1 46  ? -6.219  2.625   8.292   1.00 19.17 ? 46  THR A O   1 
ATOM   359  C  CB  . THR A 1 46  ? -3.053  1.713   7.698   1.00 13.51 ? 46  THR A CB  1 
ATOM   360  O  OG1 . THR A 1 46  ? -1.902  2.446   7.326   1.00 14.35 ? 46  THR A OG1 1 
ATOM   361  C  CG2 . THR A 1 46  ? -3.850  1.609   6.419   1.00 13.98 ? 46  THR A CG2 1 
ATOM   362  N  N   . TRP A 1 47  ? -5.335  1.088   9.679   1.00 13.59 ? 47  TRP A N   1 
ATOM   363  C  CA  . TRP A 1 47  ? -6.634  0.512   9.970   1.00 12.51 ? 47  TRP A CA  1 
ATOM   364  C  C   . TRP A 1 47  ? -7.518  1.623   10.536  1.00 15.90 ? 47  TRP A C   1 
ATOM   365  O  O   . TRP A 1 47  ? -8.650  1.839   10.145  1.00 12.48 ? 47  TRP A O   1 
ATOM   366  C  CB  . TRP A 1 47  ? -6.484  -0.588  11.036  1.00 10.15 ? 47  TRP A CB  1 
ATOM   367  C  CG  . TRP A 1 47  ? -7.774  -0.925  11.749  1.00 13.64 ? 47  TRP A CG  1 
ATOM   368  C  CD1 . TRP A 1 47  ? -7.943  -0.903  13.085  1.00 15.72 ? 47  TRP A CD1 1 
ATOM   369  C  CD2 . TRP A 1 47  ? -9.048  -1.343  11.187  1.00 15.44 ? 47  TRP A CD2 1 
ATOM   370  N  NE1 . TRP A 1 47  ? -9.234  -1.271  13.411  1.00 16.53 ? 47  TRP A NE1 1 
ATOM   371  C  CE2 . TRP A 1 47  ? -9.934  -1.551  12.274  1.00 14.24 ? 47  TRP A CE2 1 
ATOM   372  C  CE3 . TRP A 1 47  ? -9.531  -1.561  9.889   1.00 15.97 ? 47  TRP A CE3 1 
ATOM   373  C  CZ2 . TRP A 1 47  ? -11.271 -1.964  12.103  1.00 10.67 ? 47  TRP A CZ2 1 
ATOM   374  C  CZ3 . TRP A 1 47  ? -10.840 -1.968  9.721   1.00 21.84 ? 47  TRP A CZ3 1 
ATOM   375  C  CH2 . TRP A 1 47  ? -11.701 -2.168  10.815  1.00 18.30 ? 47  TRP A CH2 1 
ATOM   376  N  N   . GLU A 1 48  ? -6.996  2.350   11.499  1.00 20.35 ? 48  GLU A N   1 
ATOM   377  C  CA  . GLU A 1 48  ? -7.828  3.395   12.045  1.00 18.28 ? 48  GLU A CA  1 
ATOM   378  C  C   . GLU A 1 48  ? -8.236  4.456   11.012  1.00 21.36 ? 48  GLU A C   1 
ATOM   379  O  O   . GLU A 1 48  ? -9.329  4.973   11.095  1.00 21.94 ? 48  GLU A O   1 
ATOM   380  C  CB  . GLU A 1 48  ? -7.178  3.997   13.286  1.00 16.47 ? 48  GLU A CB  1 
ATOM   381  C  CG  . GLU A 1 48  ? -7.189  3.056   14.506  1.00 22.23 ? 48  GLU A CG  1 
ATOM   382  C  CD  . GLU A 1 48  ? -6.232  3.498   15.589  1.00 39.41 ? 48  GLU A CD  1 
ATOM   383  O  OE1 . GLU A 1 48  ? -5.331  4.295   15.408  1.00 50.32 ? 48  GLU A OE1 1 
ATOM   384  O  OE2 . GLU A 1 48  ? -6.492  3.002   16.769  1.00 49.53 ? 48  GLU A OE2 1 
ATOM   385  N  N   . SER A 1 49  ? -7.403  4.803   10.025  1.00 16.48 ? 49  SER A N   1 
ATOM   386  C  CA  . SER A 1 49  ? -7.803  5.816   9.051   1.00 22.86 ? 49  SER A CA  1 
ATOM   387  C  C   . SER A 1 49  ? -8.824  5.359   8.071   1.00 25.44 ? 49  SER A C   1 
ATOM   388  O  O   . SER A 1 49  ? -9.609  6.167   7.567   1.00 23.33 ? 49  SER A O   1 
ATOM   389  C  CB  . SER A 1 49  ? -6.669  6.211   8.143   1.00 30.33 ? 49  SER A CB  1 
ATOM   390  O  OG  . SER A 1 49  ? -5.640  6.476   9.041   1.00 41.96 ? 49  SER A OG  1 
ATOM   391  N  N   . ILE A 1 50  ? -8.769  4.069   7.785   1.00 22.96 ? 50  ILE A N   1 
ATOM   392  C  CA  . ILE A 1 50  ? -9.698  3.481   6.832   1.00 16.82 ? 50  ILE A CA  1 
ATOM   393  C  C   . ILE A 1 50  ? -11.108 3.461   7.411   1.00 24.88 ? 50  ILE A C   1 
ATOM   394  O  O   . ILE A 1 50  ? -12.092 3.687   6.710   1.00 31.11 ? 50  ILE A O   1 
ATOM   395  C  CB  . ILE A 1 50  ? -9.216  2.143   6.329   1.00 16.54 ? 50  ILE A CB  1 
ATOM   396  C  CG1 . ILE A 1 50  ? -7.965  2.452   5.561   1.00 15.79 ? 50  ILE A CG1 1 
ATOM   397  C  CG2 . ILE A 1 50  ? -10.172 1.529   5.318   1.00 24.18 ? 50  ILE A CG2 1 
ATOM   398  C  CD1 . ILE A 1 50  ? -7.418  1.193   4.911   1.00 21.81 ? 50  ILE A CD1 1 
ATOM   399  N  N   . GLY A 1 51  ? -11.203 3.191   8.700   1.00 20.25 ? 51  GLY A N   1 
ATOM   400  C  CA  . GLY A 1 51  ? -12.506 3.180   9.342   1.00 21.13 ? 51  GLY A CA  1 
ATOM   401  C  C   . GLY A 1 51  ? -13.423 1.963   9.291   1.00 27.38 ? 51  GLY A C   1 
ATOM   402  O  O   . GLY A 1 51  ? -14.196 1.768   10.231  1.00 26.25 ? 51  GLY A O   1 
ATOM   403  N  N   . ARG A 1 52  ? -13.368 1.165   8.227   1.00 19.34 ? 52  ARG A N   1 
ATOM   404  C  CA  . ARG A 1 52  ? -14.201 -0.015  8.091   1.00 20.93 ? 52  ARG A CA  1 
ATOM   405  C  C   . ARG A 1 52  ? -13.357 -0.992  7.299   1.00 15.64 ? 52  ARG A C   1 
ATOM   406  O  O   . ARG A 1 52  ? -12.444 -0.570  6.635   1.00 15.84 ? 52  ARG A O   1 
ATOM   407  C  CB  . ARG A 1 52  ? -15.547 0.271   7.398   1.00 21.55 ? 52  ARG A CB  1 
ATOM   408  C  CG  . ARG A 1 52  ? -15.467 1.077   6.093   1.00 46.37 ? 52  ARG A CG  1 
ATOM   409  C  CD  . ARG A 1 52  ? -14.700 0.427   4.940   1.00 62.94 ? 52  ARG A CD  1 
ATOM   410  N  NE  . ARG A 1 52  ? -14.102 1.370   3.984   1.00 68.21 ? 52  ARG A NE  1 
ATOM   411  C  CZ  . ARG A 1 52  ? -14.565 1.567   2.754   1.00 67.81 ? 52  ARG A CZ  1 
ATOM   412  N  NH1 . ARG A 1 52  ? -15.635 0.909   2.304   1.00 69.81 ? 52  ARG A NH1 1 
ATOM   413  N  NH2 . ARG A 1 52  ? -13.947 2.440   1.963   1.00 55.72 ? 52  ARG A NH2 1 
ATOM   414  N  N   . PRO A 1 53  ? -13.625 -2.280  7.364   1.00 13.63 ? 53  PRO A N   1 
ATOM   415  C  CA  . PRO A 1 53  ? -12.876 -3.266  6.637   1.00 15.31 ? 53  PRO A CA  1 
ATOM   416  C  C   . PRO A 1 53  ? -13.034 -3.006  5.131   1.00 20.09 ? 53  PRO A C   1 
ATOM   417  O  O   . PRO A 1 53  ? -14.115 -2.567  4.751   1.00 14.18 ? 53  PRO A O   1 
ATOM   418  C  CB  . PRO A 1 53  ? -13.674 -4.539  6.915   1.00 13.07 ? 53  PRO A CB  1 
ATOM   419  C  CG  . PRO A 1 53  ? -14.475 -4.277  8.185   1.00 14.29 ? 53  PRO A CG  1 
ATOM   420  C  CD  . PRO A 1 53  ? -14.671 -2.793  8.279   1.00 17.24 ? 53  PRO A CD  1 
ATOM   421  N  N   . LEU A 1 54  ? -12.004 -3.254  4.290   1.00 12.48 ? 54  LEU A N   1 
ATOM   422  C  CA  . LEU A 1 54  ? -12.119 -3.053  2.847   1.00 6.37  ? 54  LEU A CA  1 
ATOM   423  C  C   . LEU A 1 54  ? -12.926 -4.230  2.387   1.00 11.12 ? 54  LEU A C   1 
ATOM   424  O  O   . LEU A 1 54  ? -12.572 -5.371  2.651   1.00 13.75 ? 54  LEU A O   1 
ATOM   425  C  CB  . LEU A 1 54  ? -10.728 -3.153  2.202   1.00 7.00  ? 54  LEU A CB  1 
ATOM   426  C  CG  . LEU A 1 54  ? -9.902  -1.989  2.699   1.00 9.88  ? 54  LEU A CG  1 
ATOM   427  C  CD1 . LEU A 1 54  ? -8.512  -2.088  2.119   1.00 16.60 ? 54  LEU A CD1 1 
ATOM   428  C  CD2 . LEU A 1 54  ? -10.490 -0.745  2.091   1.00 13.99 ? 54  LEU A CD2 1 
ATOM   429  N  N   . PRO A 1 55  ? -14.037 -3.998  1.707   1.00 14.45 ? 55  PRO A N   1 
ATOM   430  C  CA  . PRO A 1 55  ? -14.853 -5.125  1.291   1.00 16.40 ? 55  PRO A CA  1 
ATOM   431  C  C   . PRO A 1 55  ? -14.230 -5.976  0.222   1.00 20.15 ? 55  PRO A C   1 
ATOM   432  O  O   . PRO A 1 55  ? -13.488 -5.431  -0.582  1.00 19.54 ? 55  PRO A O   1 
ATOM   433  C  CB  . PRO A 1 55  ? -16.147 -4.533  0.732   1.00 17.40 ? 55  PRO A CB  1 
ATOM   434  C  CG  . PRO A 1 55  ? -15.916 -3.035  0.580   1.00 27.32 ? 55  PRO A CG  1 
ATOM   435  C  CD  . PRO A 1 55  ? -14.609 -2.703  1.273   1.00 19.99 ? 55  PRO A CD  1 
ATOM   436  N  N   . GLY A 1 56  ? -14.547 -7.277  0.223   1.00 18.18 ? 56  GLY A N   1 
ATOM   437  C  CA  . GLY A 1 56  ? -14.057 -8.243  -0.750  1.00 14.18 ? 56  GLY A CA  1 
ATOM   438  C  C   . GLY A 1 56  ? -12.603 -8.602  -0.602  1.00 20.44 ? 56  GLY A C   1 
ATOM   439  O  O   . GLY A 1 56  ? -11.981 -9.162  -1.516  1.00 19.16 ? 56  GLY A O   1 
ATOM   440  N  N   . ARG A 1 57  ? -12.082 -8.271  0.576   1.00 14.91 ? 57  ARG A N   1 
ATOM   441  C  CA  . ARG A 1 57  ? -10.719 -8.551  0.871   1.00 11.57 ? 57  ARG A CA  1 
ATOM   442  C  C   . ARG A 1 57  ? -10.590 -9.063  2.302   1.00 16.26 ? 57  ARG A C   1 
ATOM   443  O  O   . ARG A 1 57  ? -11.308 -8.606  3.140   1.00 14.44 ? 57  ARG A O   1 
ATOM   444  C  CB  . ARG A 1 57  ? -9.962  -7.225  0.788   1.00 11.70 ? 57  ARG A CB  1 
ATOM   445  C  CG  . ARG A 1 57  ? -9.395  -7.011  -0.590  1.00 17.48 ? 57  ARG A CG  1 
ATOM   446  C  CD  . ARG A 1 57  ? -9.348  -5.552  -1.022  1.00 12.90 ? 57  ARG A CD  1 
ATOM   447  N  NE  . ARG A 1 57  ? -10.659 -4.895  -0.956  1.00 12.28 ? 57  ARG A NE  1 
ATOM   448  C  CZ  . ARG A 1 57  ? -10.836 -3.649  -1.311  1.00 12.26 ? 57  ARG A CZ  1 
ATOM   449  N  NH1 . ARG A 1 57  ? -9.768  -2.953  -1.747  1.00 13.03 ? 57  ARG A NH1 1 
ATOM   450  N  NH2 . ARG A 1 57  ? -12.046 -3.063  -1.237  1.00 14.04 ? 57  ARG A NH2 1 
ATOM   451  N  N   . LYS A 1 58  ? -9.692  -10.001 2.587   1.00 10.63 ? 58  LYS A N   1 
ATOM   452  C  CA  . LYS A 1 58  ? -9.539  -10.445 3.952   1.00 14.37 ? 58  LYS A CA  1 
ATOM   453  C  C   . LYS A 1 58  ? -8.673  -9.348  4.593   1.00 14.85 ? 58  LYS A C   1 
ATOM   454  O  O   . LYS A 1 58  ? -7.573  -9.049  4.132   1.00 15.72 ? 58  LYS A O   1 
ATOM   455  C  CB  . LYS A 1 58  ? -8.740  -11.726 3.960   1.00 12.57 ? 58  LYS A CB  1 
ATOM   456  C  CG  . LYS A 1 58  ? -8.576  -12.322 5.362   1.00 21.65 ? 58  LYS A CG  1 
ATOM   457  C  CD  . LYS A 1 58  ? -7.757  -13.623 5.337   1.00 30.22 ? 58  LYS A CD  1 
ATOM   458  C  CE  . LYS A 1 58  ? -7.672  -14.481 6.608   1.00 37.35 ? 58  LYS A CE  1 
ATOM   459  N  NZ  . LYS A 1 58  ? -7.392  -15.919 6.339   1.00 30.82 ? 58  LYS A NZ  1 
ATOM   460  N  N   . ASN A 1 59  ? -9.135  -8.727  5.664   1.00 11.06 ? 59  ASN A N   1 
ATOM   461  C  CA  . ASN A 1 59  ? -8.352  -7.659  6.294   1.00 10.85 ? 59  ASN A CA  1 
ATOM   462  C  C   . ASN A 1 59  ? -7.533  -8.129  7.492   1.00 11.68 ? 59  ASN A C   1 
ATOM   463  O  O   . ASN A 1 59  ? -8.114  -8.562  8.467   1.00 12.03 ? 59  ASN A O   1 
ATOM   464  C  CB  . ASN A 1 59  ? -9.292  -6.525  6.750   1.00 9.40  ? 59  ASN A CB  1 
ATOM   465  C  CG  . ASN A 1 59  ? -9.928  -5.757  5.607   1.00 11.89 ? 59  ASN A CG  1 
ATOM   466  O  OD1 . ASN A 1 59  ? -9.902  -4.537  5.631   1.00 12.04 ? 59  ASN A OD1 1 
ATOM   467  N  ND2 . ASN A 1 59  ? -10.685 -6.413  4.745   1.00 15.98 ? 59  ASN A ND2 1 
ATOM   468  N  N   . ILE A 1 60  ? -6.184  -8.021  7.435   1.00 9.03  ? 60  ILE A N   1 
ATOM   469  C  CA  . ILE A 1 60  ? -5.319  -8.457  8.529   1.00 9.85  ? 60  ILE A CA  1 
ATOM   470  C  C   . ILE A 1 60  ? -4.592  -7.250  9.104   1.00 12.89 ? 60  ILE A C   1 
ATOM   471  O  O   . ILE A 1 60  ? -3.984  -6.484  8.369   1.00 6.46  ? 60  ILE A O   1 
ATOM   472  C  CB  . ILE A 1 60  ? -4.354  -9.480  7.964   1.00 8.64  ? 60  ILE A CB  1 
ATOM   473  C  CG1 . ILE A 1 60  ? -5.195  -10.707 7.602   1.00 13.22 ? 60  ILE A CG1 1 
ATOM   474  C  CG2 . ILE A 1 60  ? -3.260  -9.838  8.953   1.00 9.41  ? 60  ILE A CG2 1 
ATOM   475  C  CD1 . ILE A 1 60  ? -4.511  -11.611 6.585   1.00 18.60 ? 60  ILE A CD1 1 
ATOM   476  N  N   . ILE A 1 61  ? -4.686  -7.081  10.398  1.00 9.38  ? 61  ILE A N   1 
ATOM   477  C  CA  . ILE A 1 61  ? -4.031  -5.951  11.010  1.00 7.86  ? 61  ILE A CA  1 
ATOM   478  C  C   . ILE A 1 61  ? -2.904  -6.456  11.872  1.00 19.40 ? 61  ILE A C   1 
ATOM   479  O  O   . ILE A 1 61  ? -3.120  -7.282  12.780  1.00 13.44 ? 61  ILE A O   1 
ATOM   480  C  CB  . ILE A 1 61  ? -4.976  -5.228  11.988  1.00 11.12 ? 61  ILE A CB  1 
ATOM   481  C  CG1 . ILE A 1 61  ? -6.436  -5.152  11.504  1.00 18.13 ? 61  ILE A CG1 1 
ATOM   482  C  CG2 . ILE A 1 61  ? -4.430  -3.888  12.464  1.00 8.28  ? 61  ILE A CG2 1 
ATOM   483  C  CD1 . ILE A 1 61  ? -6.760  -4.640  10.090  1.00 15.76 ? 61  ILE A CD1 1 
ATOM   484  N  N   . LEU A 1 62  ? -1.728  -5.933  11.551  1.00 11.45 ? 62  LEU A N   1 
ATOM   485  C  CA  . LEU A 1 62  ? -0.553  -6.325  12.309  1.00 11.36 ? 62  LEU A CA  1 
ATOM   486  C  C   . LEU A 1 62  ? -0.422  -5.370  13.492  1.00 16.50 ? 62  LEU A C   1 
ATOM   487  O  O   . LEU A 1 62  ? -0.304  -4.162  13.332  1.00 13.84 ? 62  LEU A O   1 
ATOM   488  C  CB  . LEU A 1 62  ? 0.663   -6.283  11.352  1.00 9.75  ? 62  LEU A CB  1 
ATOM   489  C  CG  . LEU A 1 62  ? 2.041   -6.496  11.984  1.00 12.82 ? 62  LEU A CG  1 
ATOM   490  C  CD1 . LEU A 1 62  ? 2.118   -7.858  12.668  1.00 12.89 ? 62  LEU A CD1 1 
ATOM   491  C  CD2 . LEU A 1 62  ? 3.114   -6.256  10.920  1.00 17.71 ? 62  LEU A CD2 1 
ATOM   492  N  N   . SER A 1 63  ? -0.448  -5.876  14.711  1.00 13.10 ? 63  SER A N   1 
ATOM   493  C  CA  . SER A 1 63  ? -0.311  -4.993  15.863  1.00 10.80 ? 63  SER A CA  1 
ATOM   494  C  C   . SER A 1 63  ? 0.169   -5.872  17.037  1.00 13.39 ? 63  SER A C   1 
ATOM   495  O  O   . SER A 1 63  ? -0.311  -6.991  17.149  1.00 15.20 ? 63  SER A O   1 
ATOM   496  C  CB  . SER A 1 63  ? -1.629  -4.312  16.176  1.00 12.97 ? 63  SER A CB  1 
ATOM   497  O  OG  . SER A 1 63  ? -1.463  -3.575  17.376  1.00 19.35 ? 63  SER A OG  1 
ATOM   498  N  N   . SER A 1 64  ? 1.097   -5.366  17.861  1.00 19.50 ? 64  SER A N   1 
ATOM   499  C  CA  . SER A 1 64  ? 1.660   -6.031  19.042  1.00 29.28 ? 64  SER A CA  1 
ATOM   500  C  C   . SER A 1 64  ? 0.623   -6.210  20.118  1.00 21.33 ? 64  SER A C   1 
ATOM   501  O  O   . SER A 1 64  ? 0.652   -7.158  20.878  1.00 22.00 ? 64  SER A O   1 
ATOM   502  C  CB  . SER A 1 64  ? 2.542   -5.075  19.838  1.00 27.27 ? 64  SER A CB  1 
ATOM   503  O  OG  . SER A 1 64  ? 3.655   -4.759  19.086  1.00 37.62 ? 64  SER A OG  1 
ATOM   504  N  N   . GLN A 1 65  ? -0.257  -5.243  20.174  1.00 16.79 ? 65  GLN A N   1 
ATOM   505  C  CA  . GLN A 1 65  ? -1.321  -5.218  21.145  1.00 19.16 ? 65  GLN A CA  1 
ATOM   506  C  C   . GLN A 1 65  ? -2.608  -5.868  20.679  1.00 20.02 ? 65  GLN A C   1 
ATOM   507  O  O   . GLN A 1 65  ? -2.831  -6.097  19.489  1.00 21.25 ? 65  GLN A O   1 
ATOM   508  C  CB  . GLN A 1 65  ? -1.624  -3.748  21.363  1.00 22.02 ? 65  GLN A CB  1 
ATOM   509  C  CG  . GLN A 1 65  ? -0.871  -3.032  22.511  1.00 35.53 ? 65  GLN A CG  1 
ATOM   510  C  CD  . GLN A 1 65  ? 0.208   -3.814  23.223  1.00 35.28 ? 65  GLN A CD  1 
ATOM   511  O  OE1 . GLN A 1 65  ? 0.029   -4.162  24.386  1.00 33.09 ? 65  GLN A OE1 1 
ATOM   512  N  NE2 . GLN A 1 65  ? 1.361   -4.038  22.594  1.00 51.39 ? 65  GLN A NE2 1 
ATOM   513  N  N   . PRO A 1 66  ? -3.477  -6.135  21.637  1.00 25.43 ? 66  PRO A N   1 
ATOM   514  C  CA  . PRO A 1 66  ? -4.741  -6.761  21.330  1.00 26.44 ? 66  PRO A CA  1 
ATOM   515  C  C   . PRO A 1 66  ? -5.676  -5.999  20.404  1.00 23.09 ? 66  PRO A C   1 
ATOM   516  O  O   . PRO A 1 66  ? -5.747  -4.778  20.408  1.00 20.02 ? 66  PRO A O   1 
ATOM   517  C  CB  . PRO A 1 66  ? -5.390  -7.181  22.663  1.00 25.84 ? 66  PRO A CB  1 
ATOM   518  C  CG  . PRO A 1 66  ? -4.216  -7.282  23.617  1.00 24.61 ? 66  PRO A CG  1 
ATOM   519  C  CD  . PRO A 1 66  ? -3.216  -6.252  23.111  1.00 26.88 ? 66  PRO A CD  1 
ATOM   520  N  N   . GLY A 1 67  ? -6.395  -6.773  19.586  1.00 25.70 ? 67  GLY A N   1 
ATOM   521  C  CA  . GLY A 1 67  ? -7.345  -6.228  18.637  1.00 22.98 ? 67  GLY A CA  1 
ATOM   522  C  C   . GLY A 1 67  ? -8.565  -5.716  19.387  1.00 21.06 ? 67  GLY A C   1 
ATOM   523  O  O   . GLY A 1 67  ? -8.876  -6.131  20.510  1.00 33.26 ? 67  GLY A O   1 
ATOM   524  N  N   . THR A 1 68  ? -9.258  -4.814  18.737  1.00 20.19 ? 68  THR A N   1 
ATOM   525  C  CA  . THR A 1 68  ? -10.433 -4.190  19.277  1.00 20.56 ? 68  THR A CA  1 
ATOM   526  C  C   . THR A 1 68  ? -11.622 -4.143  18.323  1.00 17.47 ? 68  THR A C   1 
ATOM   527  O  O   . THR A 1 68  ? -12.489 -3.270  18.420  1.00 23.31 ? 68  THR A O   1 
ATOM   528  C  CB  . THR A 1 68  ? -9.955  -2.749  19.560  1.00 35.80 ? 68  THR A CB  1 
ATOM   529  O  OG1 . THR A 1 68  ? -9.346  -2.151  18.416  1.00 29.93 ? 68  THR A OG1 1 
ATOM   530  C  CG2 . THR A 1 68  ? -9.009  -2.789  20.761  1.00 40.58 ? 68  THR A CG2 1 
ATOM   531  N  N   . ASP A 1 69  ? -11.709 -5.063  17.387  1.00 10.14 ? 69  ASP A N   1 
ATOM   532  C  CA  . ASP A 1 69  ? -12.824 -5.017  16.465  1.00 12.03 ? 69  ASP A CA  1 
ATOM   533  C  C   . ASP A 1 69  ? -12.912 -6.424  15.920  1.00 18.99 ? 69  ASP A C   1 
ATOM   534  O  O   . ASP A 1 69  ? -11.929 -6.943  15.432  1.00 18.27 ? 69  ASP A O   1 
ATOM   535  C  CB  . ASP A 1 69  ? -12.527 -3.890  15.437  1.00 16.87 ? 69  ASP A CB  1 
ATOM   536  C  CG  . ASP A 1 69  ? -13.667 -3.675  14.465  1.00 15.07 ? 69  ASP A CG  1 
ATOM   537  O  OD1 . ASP A 1 69  ? -14.285 -4.596  14.008  1.00 13.38 ? 69  ASP A OD1 1 
ATOM   538  O  OD2 . ASP A 1 69  ? -13.922 -2.436  14.193  1.00 15.88 ? 69  ASP A OD2 1 
ATOM   539  N  N   . ASP A 1 70  ? -14.057 -7.093  16.018  1.00 10.88 ? 70  ASP A N   1 
ATOM   540  C  CA  . ASP A 1 70  ? -14.094 -8.445  15.524  1.00 11.13 ? 70  ASP A CA  1 
ATOM   541  C  C   . ASP A 1 70  ? -14.293 -8.529  14.053  1.00 12.88 ? 70  ASP A C   1 
ATOM   542  O  O   . ASP A 1 70  ? -14.403 -9.613  13.547  1.00 19.82 ? 70  ASP A O   1 
ATOM   543  C  CB  . ASP A 1 70  ? -15.278 -9.213  16.141  1.00 12.99 ? 70  ASP A CB  1 
ATOM   544  C  CG  . ASP A 1 70  ? -15.112 -9.408  17.622  1.00 29.79 ? 70  ASP A CG  1 
ATOM   545  O  OD1 . ASP A 1 70  ? -14.035 -9.398  18.177  1.00 33.66 ? 70  ASP A OD1 1 
ATOM   546  O  OD2 . ASP A 1 70  ? -16.250 -9.453  18.264  1.00 46.35 ? 70  ASP A OD2 1 
ATOM   547  N  N   . ARG A 1 71  ? -14.375 -7.423  13.360  1.00 17.65 ? 71  ARG A N   1 
ATOM   548  C  CA  . ARG A 1 71  ? -14.608 -7.582  11.921  1.00 13.46 ? 71  ARG A CA  1 
ATOM   549  C  C   . ARG A 1 71  ? -13.345 -7.934  11.135  1.00 13.60 ? 71  ARG A C   1 
ATOM   550  O  O   . ARG A 1 71  ? -13.393 -8.321  9.971   1.00 16.29 ? 71  ARG A O   1 
ATOM   551  C  CB  . ARG A 1 71  ? -15.146 -6.268  11.343  1.00 16.10 ? 71  ARG A CB  1 
ATOM   552  C  CG  . ARG A 1 71  ? -16.521 -5.908  11.915  1.00 17.07 ? 71  ARG A CG  1 
ATOM   553  C  CD  . ARG A 1 71  ? -17.022 -4.497  11.619  1.00 14.74 ? 71  ARG A CD  1 
ATOM   554  N  NE  . ARG A 1 71  ? -16.132 -3.453  12.140  1.00 14.86 ? 71  ARG A NE  1 
ATOM   555  C  CZ  . ARG A 1 71  ? -16.244 -2.202  11.734  1.00 13.69 ? 71  ARG A CZ  1 
ATOM   556  N  NH1 . ARG A 1 71  ? -17.179 -1.871  10.837  1.00 13.51 ? 71  ARG A NH1 1 
ATOM   557  N  NH2 . ARG A 1 71  ? -15.413 -1.261  12.218  1.00 10.24 ? 71  ARG A NH2 1 
ATOM   558  N  N   . VAL A 1 72  ? -12.220 -7.793  11.776  1.00 13.29 ? 72  VAL A N   1 
ATOM   559  C  CA  . VAL A 1 72  ? -10.965 -8.048  11.085  1.00 13.69 ? 72  VAL A CA  1 
ATOM   560  C  C   . VAL A 1 72  ? -10.120 -9.040  11.832  1.00 18.55 ? 72  VAL A C   1 
ATOM   561  O  O   . VAL A 1 72  ? -10.453 -9.381  12.953  1.00 13.07 ? 72  VAL A O   1 
ATOM   562  C  CB  . VAL A 1 72  ? -10.239 -6.701  11.030  1.00 12.24 ? 72  VAL A CB  1 
ATOM   563  C  CG1 . VAL A 1 72  ? -11.014 -5.682  10.186  1.00 19.31 ? 72  VAL A CG1 1 
ATOM   564  C  CG2 . VAL A 1 72  ? -10.076 -6.150  12.460  1.00 9.32  ? 72  VAL A CG2 1 
ATOM   565  N  N   . THR A 1 73  ? -9.033  -9.487  11.187  1.00 11.01 ? 73  THR A N   1 
ATOM   566  C  CA  . THR A 1 73  ? -8.120  -10.434 11.757  1.00 7.45  ? 73  THR A CA  1 
ATOM   567  C  C   . THR A 1 73  ? -6.925  -9.767  12.346  1.00 11.10 ? 73  THR A C   1 
ATOM   568  O  O   . THR A 1 73  ? -6.178  -9.109  11.626  1.00 14.18 ? 73  THR A O   1 
ATOM   569  C  CB  . THR A 1 73  ? -7.662  -11.353 10.610  1.00 15.36 ? 73  THR A CB  1 
ATOM   570  O  OG1 . THR A 1 73  ? -8.813  -12.018 10.138  1.00 13.40 ? 73  THR A OG1 1 
ATOM   571  C  CG2 . THR A 1 73  ? -6.621  -12.341 11.109  1.00 11.52 ? 73  THR A CG2 1 
ATOM   572  N  N   . TRP A 1 74  ? -6.727  -9.956  13.652  1.00 8.90  ? 74  TRP A N   1 
ATOM   573  C  CA  . TRP A 1 74  ? -5.591  -9.317  14.299  1.00 3.42  ? 74  TRP A CA  1 
ATOM   574  C  C   . TRP A 1 74  ? -4.413  -10.256 14.425  1.00 10.72 ? 74  TRP A C   1 
ATOM   575  O  O   . TRP A 1 74  ? -4.627  -11.400 14.884  1.00 12.79 ? 74  TRP A O   1 
ATOM   576  C  CB  . TRP A 1 74  ? -5.981  -8.864  15.694  1.00 8.58  ? 74  TRP A CB  1 
ATOM   577  C  CG  . TRP A 1 74  ? -7.018  -7.773  15.666  1.00 12.84 ? 74  TRP A CG  1 
ATOM   578  C  CD1 . TRP A 1 74  ? -8.366  -7.975  15.645  1.00 7.35  ? 74  TRP A CD1 1 
ATOM   579  C  CD2 . TRP A 1 74  ? -6.800  -6.363  15.661  1.00 12.68 ? 74  TRP A CD2 1 
ATOM   580  N  NE1 . TRP A 1 74  ? -9.004  -6.781  15.620  1.00 13.04 ? 74  TRP A NE1 1 
ATOM   581  C  CE2 . TRP A 1 74  ? -8.074  -5.745  15.633  1.00 13.29 ? 74  TRP A CE2 1 
ATOM   582  C  CE3 . TRP A 1 74  ? -5.653  -5.555  15.689  1.00 6.18  ? 74  TRP A CE3 1 
ATOM   583  C  CZ2 . TRP A 1 74  ? -8.232  -4.343  15.630  1.00 9.62  ? 74  TRP A CZ2 1 
ATOM   584  C  CZ3 . TRP A 1 74  ? -5.788  -4.185  15.701  1.00 9.07  ? 74  TRP A CZ3 1 
ATOM   585  C  CH2 . TRP A 1 74  ? -7.069  -3.568  15.660  1.00 15.02 ? 74  TRP A CH2 1 
ATOM   586  N  N   . VAL A 1 75  ? -3.185  -9.826  14.069  1.00 14.22 ? 75  VAL A N   1 
ATOM   587  C  CA  . VAL A 1 75  ? -2.015  -10.713 14.204  1.00 14.15 ? 75  VAL A CA  1 
ATOM   588  C  C   . VAL A 1 75  ? -0.927  -9.953  14.913  1.00 13.28 ? 75  VAL A C   1 
ATOM   589  O  O   . VAL A 1 75  ? -0.957  -8.745  14.896  1.00 10.66 ? 75  VAL A O   1 
ATOM   590  C  CB  . VAL A 1 75  ? -1.483  -11.334 12.922  1.00 13.40 ? 75  VAL A CB  1 
ATOM   591  C  CG1 . VAL A 1 75  ? -2.601  -12.201 12.341  1.00 8.76  ? 75  VAL A CG1 1 
ATOM   592  C  CG2 . VAL A 1 75  ? -1.079  -10.216 11.941  1.00 8.61  ? 75  VAL A CG2 1 
ATOM   593  N  N   . LYS A 1 76  ? 0.007   -10.666 15.535  1.00 13.66 ? 76  LYS A N   1 
ATOM   594  C  CA  . LYS A 1 76  ? 1.026   -9.931  16.247  1.00 13.46 ? 76  LYS A CA  1 
ATOM   595  C  C   . LYS A 1 76  ? 2.402   -9.923  15.678  1.00 18.09 ? 76  LYS A C   1 
ATOM   596  O  O   . LYS A 1 76  ? 3.248   -9.278  16.281  1.00 19.97 ? 76  LYS A O   1 
ATOM   597  C  CB  . LYS A 1 76  ? 1.178   -10.512 17.615  1.00 15.19 ? 76  LYS A CB  1 
ATOM   598  C  CG  . LYS A 1 76  ? -0.025  -10.151 18.425  1.00 20.09 ? 76  LYS A CG  1 
ATOM   599  C  CD  . LYS A 1 76  ? 0.234   -10.523 19.862  1.00 34.65 ? 76  LYS A CD  1 
ATOM   600  C  CE  . LYS A 1 76  ? -0.987  -10.271 20.706  1.00 48.80 ? 76  LYS A CE  1 
ATOM   601  N  NZ  . LYS A 1 76  ? -2.197  -10.685 19.990  1.00 51.48 ? 76  LYS A NZ  1 
ATOM   602  N  N   . SER A 1 77  ? 2.623   -10.629 14.568  1.00 21.44 ? 77  SER A N   1 
ATOM   603  C  CA  . SER A 1 77  ? 3.937   -10.651 13.968  1.00 15.73 ? 77  SER A CA  1 
ATOM   604  C  C   . SER A 1 77  ? 3.903   -10.767 12.438  1.00 18.64 ? 77  SER A C   1 
ATOM   605  O  O   . SER A 1 77  ? 2.910   -11.153 11.842  1.00 13.82 ? 77  SER A O   1 
ATOM   606  C  CB  . SER A 1 77  ? 4.771   -11.784 14.563  1.00 16.12 ? 77  SER A CB  1 
ATOM   607  O  OG  . SER A 1 77  ? 4.157   -12.991 14.203  1.00 18.60 ? 77  SER A OG  1 
ATOM   608  N  N   . VAL A 1 78  ? 5.002   -10.418 11.771  1.00 13.79 ? 78  VAL A N   1 
ATOM   609  C  CA  . VAL A 1 78  ? 4.968   -10.564 10.334  1.00 9.10  ? 78  VAL A CA  1 
ATOM   610  C  C   . VAL A 1 78  ? 4.771   -12.027 9.963   1.00 14.65 ? 78  VAL A C   1 
ATOM   611  O  O   . VAL A 1 78  ? 4.113   -12.392 9.015   1.00 18.28 ? 78  VAL A O   1 
ATOM   612  C  CB  . VAL A 1 78  ? 6.326   -10.129 9.760   1.00 19.91 ? 78  VAL A CB  1 
ATOM   613  C  CG1 . VAL A 1 78  ? 6.473   -10.761 8.387   1.00 18.71 ? 78  VAL A CG1 1 
ATOM   614  C  CG2 . VAL A 1 78  ? 6.476   -8.635  9.608   1.00 17.35 ? 78  VAL A CG2 1 
ATOM   615  N  N   . ASP A 1 79  ? 5.343   -12.969 10.686  1.00 17.31 ? 79  ASP A N   1 
ATOM   616  C  CA  . ASP A 1 79  ? 5.157   -14.333 10.286  1.00 11.87 ? 79  ASP A CA  1 
ATOM   617  C  C   . ASP A 1 79  ? 3.747   -14.812 10.489  1.00 16.96 ? 79  ASP A C   1 
ATOM   618  O  O   . ASP A 1 79  ? 3.213   -15.592 9.683   1.00 11.48 ? 79  ASP A O   1 
ATOM   619  C  CB  . ASP A 1 79  ? 6.098   -15.197 11.128  1.00 22.09 ? 79  ASP A CB  1 
ATOM   620  C  CG  . ASP A 1 79  ? 7.515   -15.068 10.666  1.00 38.78 ? 79  ASP A CG  1 
ATOM   621  O  OD1 . ASP A 1 79  ? 7.858   -14.557 9.607   1.00 38.22 ? 79  ASP A OD1 1 
ATOM   622  O  OD2 . ASP A 1 79  ? 8.322   -15.610 11.533  1.00 49.44 ? 79  ASP A OD2 1 
ATOM   623  N  N   . GLU A 1 80  ? 3.203   -14.317 11.576  1.00 15.15 ? 80  GLU A N   1 
ATOM   624  C  CA  . GLU A 1 80  ? 1.829   -14.672 11.933  1.00 19.55 ? 80  GLU A CA  1 
ATOM   625  C  C   . GLU A 1 80  ? 0.864   -14.193 10.850  1.00 19.52 ? 80  GLU A C   1 
ATOM   626  O  O   . GLU A 1 80  ? -0.118  -14.838 10.464  1.00 11.44 ? 80  GLU A O   1 
ATOM   627  C  CB  . GLU A 1 80  ? 1.473   -14.210 13.360  1.00 12.56 ? 80  GLU A CB  1 
ATOM   628  C  CG  . GLU A 1 80  ? 0.089   -14.752 13.717  1.00 12.77 ? 80  GLU A CG  1 
ATOM   629  C  CD  . GLU A 1 80  ? -0.527  -14.357 15.038  1.00 18.59 ? 80  GLU A CD  1 
ATOM   630  O  OE1 . GLU A 1 80  ? 0.003   -13.312 15.602  1.00 21.50 ? 80  GLU A OE1 1 
ATOM   631  O  OE2 . GLU A 1 80  ? -1.590  -14.800 15.406  1.00 22.38 ? 80  GLU A OE2 1 
ATOM   632  N  N   . ALA A 1 81  ? 1.178   -13.000 10.337  1.00 11.56 ? 81  ALA A N   1 
ATOM   633  C  CA  . ALA A 1 81  ? 0.384   -12.383 9.298   1.00 10.76 ? 81  ALA A CA  1 
ATOM   634  C  C   . ALA A 1 81  ? 0.391   -13.201 8.033   1.00 10.58 ? 81  ALA A C   1 
ATOM   635  O  O   . ALA A 1 81  ? -0.648  -13.375 7.413   1.00 11.97 ? 81  ALA A O   1 
ATOM   636  C  CB  . ALA A 1 81  ? 0.836   -10.943 9.000   1.00 10.69 ? 81  ALA A CB  1 
ATOM   637  N  N   . ILE A 1 82  ? 1.550   -13.716 7.631   1.00 9.86  ? 82  ILE A N   1 
ATOM   638  C  CA  . ILE A 1 82  ? 1.609   -14.509 6.409   1.00 9.19  ? 82  ILE A CA  1 
ATOM   639  C  C   . ILE A 1 82  ? 0.844   -15.810 6.596   1.00 13.56 ? 82  ILE A C   1 
ATOM   640  O  O   . ILE A 1 82  ? 0.101   -16.236 5.736   1.00 14.66 ? 82  ILE A O   1 
ATOM   641  C  CB  . ILE A 1 82  ? 3.089   -14.790 6.184   1.00 16.79 ? 82  ILE A CB  1 
ATOM   642  C  CG1 . ILE A 1 82  ? 3.648   -13.405 5.900   1.00 21.18 ? 82  ILE A CG1 1 
ATOM   643  C  CG2 . ILE A 1 82  ? 3.345   -15.648 4.964   1.00 10.11 ? 82  ILE A CG2 1 
ATOM   644  C  CD1 . ILE A 1 82  ? 5.157   -13.385 5.746   1.00 22.57 ? 82  ILE A CD1 1 
ATOM   645  N  N   . ALA A 1 83  ? 1.049   -16.404 7.765   1.00 9.67  ? 83  ALA A N   1 
ATOM   646  C  CA  . ALA A 1 83  ? 0.392   -17.644 8.077   1.00 13.60 ? 83  ALA A CA  1 
ATOM   647  C  C   . ALA A 1 83  ? -1.107  -17.492 7.980   1.00 16.15 ? 83  ALA A C   1 
ATOM   648  O  O   . ALA A 1 83  ? -1.773  -18.357 7.425   1.00 15.30 ? 83  ALA A O   1 
ATOM   649  C  CB  . ALA A 1 83  ? 0.792   -18.132 9.473   1.00 14.04 ? 83  ALA A CB  1 
ATOM   650  N  N   . ALA A 1 84  ? -1.634  -16.396 8.503   1.00 10.27 ? 84  ALA A N   1 
ATOM   651  C  CA  . ALA A 1 84  ? -3.081  -16.172 8.450   1.00 8.70  ? 84  ALA A CA  1 
ATOM   652  C  C   . ALA A 1 84  ? -3.637  -16.005 7.063   1.00 17.92 ? 84  ALA A C   1 
ATOM   653  O  O   . ALA A 1 84  ? -4.863  -16.103 6.910   1.00 18.52 ? 84  ALA A O   1 
ATOM   654  C  CB  . ALA A 1 84  ? -3.530  -14.917 9.201   1.00 5.56  ? 84  ALA A CB  1 
ATOM   655  N  N   . CYS A 1 85  ? -2.800  -15.718 6.062   1.00 12.24 ? 85  CYS A N   1 
ATOM   656  C  CA  . CYS A 1 85  ? -3.299  -15.546 4.703   1.00 8.31  ? 85  CYS A CA  1 
ATOM   657  C  C   . CYS A 1 85  ? -3.627  -16.843 3.997   1.00 17.14 ? 85  CYS A C   1 
ATOM   658  O  O   . CYS A 1 85  ? -4.393  -16.890 3.035   1.00 19.17 ? 85  CYS A O   1 
ATOM   659  C  CB  . CYS A 1 85  ? -2.295  -14.792 3.815   1.00 11.34 ? 85  CYS A CB  1 
ATOM   660  S  SG  . CYS A 1 85  ? -2.177  -13.092 4.368   1.00 12.81 ? 85  CYS A SG  1 
ATOM   661  N  N   . GLY A 1 86  ? -3.021  -17.904 4.489   1.00 21.26 ? 86  GLY A N   1 
ATOM   662  C  CA  . GLY A 1 86  ? -3.230  -19.218 3.910   1.00 17.98 ? 86  GLY A CA  1 
ATOM   663  C  C   . GLY A 1 86  ? -2.507  -19.361 2.568   1.00 20.34 ? 86  GLY A C   1 
ATOM   664  O  O   . GLY A 1 86  ? -1.561  -18.662 2.182   1.00 18.03 ? 86  GLY A O   1 
ATOM   665  N  N   . ASP A 1 87  ? -3.009  -20.324 1.849   1.00 22.54 ? 87  ASP A N   1 
ATOM   666  C  CA  . ASP A 1 87  ? -2.480  -20.642 0.553   1.00 26.73 ? 87  ASP A CA  1 
ATOM   667  C  C   . ASP A 1 87  ? -3.037  -19.720 -0.513  1.00 23.87 ? 87  ASP A C   1 
ATOM   668  O  O   . ASP A 1 87  ? -3.995  -20.079 -1.206  1.00 28.02 ? 87  ASP A O   1 
ATOM   669  C  CB  . ASP A 1 87  ? -2.820  -22.122 0.265   1.00 34.52 ? 87  ASP A CB  1 
ATOM   670  C  CG  . ASP A 1 87  ? -2.182  -22.665 -0.971  1.00 52.19 ? 87  ASP A CG  1 
ATOM   671  O  OD1 . ASP A 1 87  ? -1.040  -22.077 -1.257  1.00 51.87 ? 87  ASP A OD1 1 
ATOM   672  O  OD2 . ASP A 1 87  ? -2.696  -23.568 -1.615  1.00 65.49 ? 87  ASP A OD2 1 
ATOM   673  N  N   . VAL A 1 88  ? -2.448  -18.540 -0.679  1.00 17.70 ? 88  VAL A N   1 
ATOM   674  C  CA  . VAL A 1 88  ? -2.946  -17.618 -1.696  1.00 19.66 ? 88  VAL A CA  1 
ATOM   675  C  C   . VAL A 1 88  ? -1.793  -17.249 -2.623  1.00 13.63 ? 88  VAL A C   1 
ATOM   676  O  O   . VAL A 1 88  ? -0.678  -17.303 -2.156  1.00 16.04 ? 88  VAL A O   1 
ATOM   677  C  CB  . VAL A 1 88  ? -3.595  -16.357 -1.098  1.00 16.51 ? 88  VAL A CB  1 
ATOM   678  C  CG1 . VAL A 1 88  ? -4.730  -16.827 -0.220  1.00 22.50 ? 88  VAL A CG1 1 
ATOM   679  C  CG2 . VAL A 1 88  ? -2.665  -15.475 -0.262  1.00 13.38 ? 88  VAL A CG2 1 
ATOM   680  N  N   . PRO A 1 89  ? -2.055  -16.903 -3.874  1.00 12.57 ? 89  PRO A N   1 
ATOM   681  C  CA  . PRO A 1 89  ? -0.976  -16.552 -4.779  1.00 16.44 ? 89  PRO A CA  1 
ATOM   682  C  C   . PRO A 1 89  ? -0.344  -15.191 -4.465  1.00 12.81 ? 89  PRO A C   1 
ATOM   683  O  O   . PRO A 1 89  ? 0.823   -15.040 -4.682  1.00 16.45 ? 89  PRO A O   1 
ATOM   684  C  CB  . PRO A 1 89  ? -1.572  -16.423 -6.184  1.00 15.55 ? 89  PRO A CB  1 
ATOM   685  C  CG  . PRO A 1 89  ? -3.025  -16.790 -6.091  1.00 15.17 ? 89  PRO A CG  1 
ATOM   686  C  CD  . PRO A 1 89  ? -3.352  -16.963 -4.614  1.00 14.71 ? 89  PRO A CD  1 
ATOM   687  N  N   . GLU A 1 90  ? -1.089  -14.205 -3.974  1.00 13.85 ? 90  GLU A N   1 
ATOM   688  C  CA  . GLU A 1 90  ? -0.511  -12.888 -3.686  1.00 6.02  ? 90  GLU A CA  1 
ATOM   689  C  C   . GLU A 1 90  ? -1.163  -12.217 -2.525  1.00 6.71  ? 90  GLU A C   1 
ATOM   690  O  O   . GLU A 1 90  ? -2.392  -12.110 -2.445  1.00 12.52 ? 90  GLU A O   1 
ATOM   691  C  CB  . GLU A 1 90  ? -0.808  -11.985 -4.882  1.00 13.12 ? 90  GLU A CB  1 
ATOM   692  C  CG  . GLU A 1 90  ? 0.072   -10.723 -4.886  1.00 11.92 ? 90  GLU A CG  1 
ATOM   693  C  CD  . GLU A 1 90  ? -0.248  -9.907  -6.085  1.00 14.09 ? 90  GLU A CD  1 
ATOM   694  O  OE1 . GLU A 1 90  ? -1.204  -10.134 -6.813  1.00 16.22 ? 90  GLU A OE1 1 
ATOM   695  O  OE2 . GLU A 1 90  ? 0.700   -9.051  -6.381  1.00 17.08 ? 90  GLU A OE2 1 
ATOM   696  N  N   . ILE A 1 91  ? -0.308  -11.774 -1.638  1.00 12.21 ? 91  ILE A N   1 
ATOM   697  C  CA  . ILE A 1 91  ? -0.682  -11.068 -0.422  1.00 10.73 ? 91  ILE A CA  1 
ATOM   698  C  C   . ILE A 1 91  ? -0.338  -9.610  -0.625  1.00 12.36 ? 91  ILE A C   1 
ATOM   699  O  O   . ILE A 1 91  ? 0.783   -9.348  -1.024  1.00 13.18 ? 91  ILE A O   1 
ATOM   700  C  CB  . ILE A 1 91  ? 0.198   -11.635 0.682   1.00 16.02 ? 91  ILE A CB  1 
ATOM   701  C  CG1 . ILE A 1 91  ? -0.213  -13.074 0.967   1.00 17.44 ? 91  ILE A CG1 1 
ATOM   702  C  CG2 . ILE A 1 91  ? 0.017   -10.816 1.967   1.00 18.25 ? 91  ILE A CG2 1 
ATOM   703  C  CD1 . ILE A 1 91  ? 0.648   -13.709 2.055   1.00 14.07 ? 91  ILE A CD1 1 
ATOM   704  N  N   . MET A 1 92  ? -1.273  -8.680  -0.357  1.00 6.69  ? 92  MET A N   1 
ATOM   705  C  CA  . MET A 1 92  ? -1.021  -7.260  -0.511  1.00 9.22  ? 92  MET A CA  1 
ATOM   706  C  C   . MET A 1 92  ? -0.706  -6.555  0.833   1.00 13.66 ? 92  MET A C   1 
ATOM   707  O  O   . MET A 1 92  ? -1.471  -6.679  1.803   1.00 13.97 ? 92  MET A O   1 
ATOM   708  C  CB  . MET A 1 92  ? -2.280  -6.623  -1.175  1.00 6.19  ? 92  MET A CB  1 
ATOM   709  C  CG  . MET A 1 92  ? -2.630  -7.282  -2.503  1.00 10.34 ? 92  MET A CG  1 
ATOM   710  S  SD  . MET A 1 92  ? -1.308  -7.212  -3.769  1.00 15.47 ? 92  MET A SD  1 
ATOM   711  C  CE  . MET A 1 92  ? -1.264  -5.443  -4.123  1.00 12.00 ? 92  MET A CE  1 
ATOM   712  N  N   . VAL A 1 93  ? 0.406   -5.826  0.907   1.00 9.58  ? 93  VAL A N   1 
ATOM   713  C  CA  . VAL A 1 93  ? 0.829   -5.072  2.101   1.00 9.63  ? 93  VAL A CA  1 
ATOM   714  C  C   . VAL A 1 93  ? 0.472   -3.635  1.756   1.00 11.99 ? 93  VAL A C   1 
ATOM   715  O  O   . VAL A 1 93  ? 0.984   -3.116  0.753   1.00 10.81 ? 93  VAL A O   1 
ATOM   716  C  CB  . VAL A 1 93  ? 2.283   -5.301  2.413   1.00 8.65  ? 93  VAL A CB  1 
ATOM   717  C  CG1 . VAL A 1 93  ? 2.650   -4.474  3.659   1.00 5.53  ? 93  VAL A CG1 1 
ATOM   718  C  CG2 . VAL A 1 93  ? 2.359   -6.780  2.721   1.00 7.42  ? 93  VAL A CG2 1 
ATOM   719  N  N   . ILE A 1 94  ? -0.414  -3.033  2.541   1.00 8.46  ? 94  ILE A N   1 
ATOM   720  C  CA  . ILE A 1 94  ? -0.887  -1.661  2.288   1.00 4.33  ? 94  ILE A CA  1 
ATOM   721  C  C   . ILE A 1 94  ? -0.434  -0.563  3.228   1.00 6.99  ? 94  ILE A C   1 
ATOM   722  O  O   . ILE A 1 94  ? -1.001  0.520   3.275   1.00 12.84 ? 94  ILE A O   1 
ATOM   723  C  CB  . ILE A 1 94  ? -2.391  -1.592  2.061   1.00 6.01  ? 94  ILE A CB  1 
ATOM   724  C  CG1 . ILE A 1 94  ? -3.061  -1.685  3.430   1.00 12.41 ? 94  ILE A CG1 1 
ATOM   725  C  CG2 . ILE A 1 94  ? -2.900  -2.685  1.121   1.00 10.31 ? 94  ILE A CG2 1 
ATOM   726  C  CD1 . ILE A 1 94  ? -4.575  -1.525  3.333   1.00 14.76 ? 94  ILE A CD1 1 
ATOM   727  N  N   . GLY A 1 95  ? 0.603   -0.830  3.977   1.00 8.96  ? 95  GLY A N   1 
ATOM   728  C  CA  . GLY A 1 95  ? 1.152   0.204   4.853   1.00 11.93 ? 95  GLY A CA  1 
ATOM   729  C  C   . GLY A 1 95  ? 0.653   0.208   6.285   1.00 11.38 ? 95  GLY A C   1 
ATOM   730  O  O   . GLY A 1 95  ? -0.091  -0.657  6.665   1.00 14.07 ? 95  GLY A O   1 
ATOM   731  N  N   . GLY A 1 96  ? 1.076   1.182   7.111   1.00 9.53  ? 96  GLY A N   1 
ATOM   732  C  CA  . GLY A 1 96  ? 1.929   2.298   6.756   1.00 7.66  ? 96  GLY A CA  1 
ATOM   733  C  C   . GLY A 1 96  ? 3.418   2.082   6.684   1.00 10.46 ? 96  GLY A C   1 
ATOM   734  O  O   . GLY A 1 96  ? 3.944   1.009   6.402   1.00 13.27 ? 96  GLY A O   1 
ATOM   735  N  N   . GLY A 1 97  ? 4.113   3.169   6.936   1.00 13.33 ? 97  GLY A N   1 
ATOM   736  C  CA  . GLY A 1 97  ? 5.569   3.150   6.866   1.00 10.71 ? 97  GLY A CA  1 
ATOM   737  C  C   . GLY A 1 97  ? 6.310   2.015   7.516   1.00 9.77  ? 97  GLY A C   1 
ATOM   738  O  O   . GLY A 1 97  ? 7.124   1.380   6.863   1.00 16.84 ? 97  GLY A O   1 
ATOM   739  N  N   . ARG A 1 98  ? 6.066   1.730   8.790   1.00 9.35  ? 98  ARG A N   1 
ATOM   740  C  CA  . ARG A 1 98  ? 6.788   0.675   9.453   1.00 9.36  ? 98  ARG A CA  1 
ATOM   741  C  C   . ARG A 1 98  ? 6.452   -0.724  8.916   1.00 19.89 ? 98  ARG A C   1 
ATOM   742  O  O   . ARG A 1 98  ? 7.311   -1.601  8.831   1.00 16.51 ? 98  ARG A O   1 
ATOM   743  C  CB  . ARG A 1 98  ? 6.306   0.803   10.876  1.00 15.38 ? 98  ARG A CB  1 
ATOM   744  C  CG  . ARG A 1 98  ? 7.151   0.174   11.948  1.00 42.23 ? 98  ARG A CG  1 
ATOM   745  C  CD  . ARG A 1 98  ? 8.157   -0.877  11.522  1.00 60.62 ? 98  ARG A CD  1 
ATOM   746  N  NE  . ARG A 1 98  ? 8.455   -1.637  12.725  1.00 69.36 ? 98  ARG A NE  1 
ATOM   747  C  CZ  . ARG A 1 98  ? 9.626   -2.115  13.078  1.00 68.75 ? 98  ARG A CZ  1 
ATOM   748  N  NH1 . ARG A 1 98  ? 10.719  -1.931  12.333  1.00 56.98 ? 98  ARG A NH1 1 
ATOM   749  N  NH2 . ARG A 1 98  ? 9.661   -2.783  14.233  1.00 72.50 ? 98  ARG A NH2 1 
ATOM   750  N  N   . VAL A 1 99  ? 5.176   -0.894  8.555   1.00 10.04 ? 99  VAL A N   1 
ATOM   751  C  CA  . VAL A 1 99  ? 4.700   -2.154  7.997   1.00 8.68  ? 99  VAL A CA  1 
ATOM   752  C  C   . VAL A 1 99  ? 5.404   -2.344  6.651   1.00 11.18 ? 99  VAL A C   1 
ATOM   753  O  O   . VAL A 1 99  ? 5.885   -3.403  6.316   1.00 14.39 ? 99  VAL A O   1 
ATOM   754  C  CB  . VAL A 1 99  ? 3.185   -2.078  7.909   1.00 12.64 ? 99  VAL A CB  1 
ATOM   755  C  CG1 . VAL A 1 99  ? 2.627   -3.265  7.137   1.00 13.92 ? 99  VAL A CG1 1 
ATOM   756  C  CG2 . VAL A 1 99  ? 2.606   -2.089  9.315   1.00 13.78 ? 99  VAL A CG2 1 
ATOM   757  N  N   . TYR A 1 100 ? 5.497   -1.286  5.847   1.00 8.95  ? 100 TYR A N   1 
ATOM   758  C  CA  . TYR A 1 100 ? 6.177   -1.431  4.565   1.00 13.56 ? 100 TYR A CA  1 
ATOM   759  C  C   . TYR A 1 100 ? 7.619   -1.907  4.744   1.00 15.66 ? 100 TYR A C   1 
ATOM   760  O  O   . TYR A 1 100 ? 8.159   -2.785  4.055   1.00 12.33 ? 100 TYR A O   1 
ATOM   761  C  CB  . TYR A 1 100 ? 6.186   -0.060  3.826   1.00 12.23 ? 100 TYR A CB  1 
ATOM   762  C  CG  . TYR A 1 100 ? 4.871   0.348   3.156   1.00 7.98  ? 100 TYR A CG  1 
ATOM   763  C  CD1 . TYR A 1 100 ? 4.089   -0.559  2.443   1.00 10.03 ? 100 TYR A CD1 1 
ATOM   764  C  CD2 . TYR A 1 100 ? 4.425   1.668   3.181   1.00 9.54  ? 100 TYR A CD2 1 
ATOM   765  C  CE1 . TYR A 1 100 ? 2.910   -0.171  1.793   1.00 7.43  ? 100 TYR A CE1 1 
ATOM   766  C  CE2 . TYR A 1 100 ? 3.250   2.069   2.545   1.00 13.65 ? 100 TYR A CE2 1 
ATOM   767  C  CZ  . TYR A 1 100 ? 2.477   1.148   1.841   1.00 9.23  ? 100 TYR A CZ  1 
ATOM   768  O  OH  . TYR A 1 100 ? 1.320   1.531   1.225   1.00 11.17 ? 100 TYR A OH  1 
ATOM   769  N  N   . GLU A 1 101 ? 8.237   -1.302  5.736   1.00 17.62 ? 101 GLU A N   1 
ATOM   770  C  CA  . GLU A 1 101 ? 9.609   -1.638  6.028   1.00 18.23 ? 101 GLU A CA  1 
ATOM   771  C  C   . GLU A 1 101 ? 9.793   -3.049  6.426   1.00 15.89 ? 101 GLU A C   1 
ATOM   772  O  O   . GLU A 1 101 ? 10.769  -3.616  5.983   1.00 18.46 ? 101 GLU A O   1 
ATOM   773  C  CB  . GLU A 1 101 ? 10.185  -0.872  7.193   1.00 21.90 ? 101 GLU A CB  1 
ATOM   774  C  CG  . GLU A 1 101 ? 10.461  0.594   6.900   1.00 47.29 ? 101 GLU A CG  1 
ATOM   775  C  CD  . GLU A 1 101 ? 11.415  1.056   7.948   1.00 68.27 ? 101 GLU A CD  1 
ATOM   776  O  OE1 . GLU A 1 101 ? 12.479  0.488   8.140   1.00 68.04 ? 101 GLU A OE1 1 
ATOM   777  O  OE2 . GLU A 1 101 ? 10.865  1.940   8.747   1.00 72.81 ? 101 GLU A OE2 1 
ATOM   778  N  N   . GLN A 1 102 ? 8.885   -3.561  7.253   1.00 17.59 ? 102 GLN A N   1 
ATOM   779  C  CA  . GLN A 1 102 ? 8.994   -4.924  7.686   1.00 13.00 ? 102 GLN A CA  1 
ATOM   780  C  C   . GLN A 1 102 ? 8.758   -5.874  6.540   1.00 16.30 ? 102 GLN A C   1 
ATOM   781  O  O   . GLN A 1 102 ? 9.369   -6.915  6.474   1.00 18.32 ? 102 GLN A O   1 
ATOM   782  C  CB  . GLN A 1 102 ? 7.950   -5.224  8.775   1.00 16.04 ? 102 GLN A CB  1 
ATOM   783  C  CG  . GLN A 1 102 ? 8.342   -4.519  10.076  1.00 26.06 ? 102 GLN A CG  1 
ATOM   784  C  CD  . GLN A 1 102 ? 7.305   -4.603  11.203  1.00 34.93 ? 102 GLN A CD  1 
ATOM   785  O  OE1 . GLN A 1 102 ? 7.550   -5.069  12.327  1.00 43.32 ? 102 GLN A OE1 1 
ATOM   786  N  NE2 . GLN A 1 102 ? 6.158   -4.006  10.955  1.00 23.56 ? 102 GLN A NE2 1 
ATOM   787  N  N   . PHE A 1 103 ? 7.872   -5.567  5.615   1.00 14.87 ? 103 PHE A N   1 
ATOM   788  C  CA  . PHE A 1 103 ? 7.660   -6.516  4.544   1.00 11.13 ? 103 PHE A CA  1 
ATOM   789  C  C   . PHE A 1 103 ? 8.531   -6.378  3.292   1.00 14.04 ? 103 PHE A C   1 
ATOM   790  O  O   . PHE A 1 103 ? 8.592   -7.300  2.499   1.00 15.25 ? 103 PHE A O   1 
ATOM   791  C  CB  . PHE A 1 103 ? 6.189   -6.522  4.099   1.00 10.56 ? 103 PHE A CB  1 
ATOM   792  C  CG  . PHE A 1 103 ? 5.305   -7.220  5.094   1.00 14.35 ? 103 PHE A CG  1 
ATOM   793  C  CD1 . PHE A 1 103 ? 5.091   -8.594  5.002   1.00 14.41 ? 103 PHE A CD1 1 
ATOM   794  C  CD2 . PHE A 1 103 ? 4.667   -6.540  6.130   1.00 10.06 ? 103 PHE A CD2 1 
ATOM   795  C  CE1 . PHE A 1 103 ? 4.286   -9.299  5.891   1.00 15.77 ? 103 PHE A CE1 1 
ATOM   796  C  CE2 . PHE A 1 103 ? 3.848   -7.228  7.035   1.00 13.43 ? 103 PHE A CE2 1 
ATOM   797  C  CZ  . PHE A 1 103 ? 3.653   -8.609  6.924   1.00 12.05 ? 103 PHE A CZ  1 
ATOM   798  N  N   . LEU A 1 104 ? 9.186   -5.252  3.095   1.00 13.68 ? 104 LEU A N   1 
ATOM   799  C  CA  . LEU A 1 104 ? 9.990   -5.086  1.883   1.00 12.09 ? 104 LEU A CA  1 
ATOM   800  C  C   . LEU A 1 104 ? 10.962  -6.203  1.516   1.00 21.03 ? 104 LEU A C   1 
ATOM   801  O  O   . LEU A 1 104 ? 11.029  -6.666  0.397   1.00 16.68 ? 104 LEU A O   1 
ATOM   802  C  CB  . LEU A 1 104 ? 10.701  -3.716  1.853   1.00 16.40 ? 104 LEU A CB  1 
ATOM   803  C  CG  . LEU A 1 104 ? 11.516  -3.368  0.591   1.00 22.06 ? 104 LEU A CG  1 
ATOM   804  C  CD1 . LEU A 1 104 ? 10.610  -3.146  -0.596  1.00 17.74 ? 104 LEU A CD1 1 
ATOM   805  C  CD2 . LEU A 1 104 ? 12.189  -2.008  0.767   1.00 20.29 ? 104 LEU A CD2 1 
ATOM   806  N  N   . PRO A 1 105 ? 11.750  -6.648  2.469   1.00 20.38 ? 105 PRO A N   1 
ATOM   807  C  CA  . PRO A 1 105 ? 12.694  -7.689  2.126   1.00 13.55 ? 105 PRO A CA  1 
ATOM   808  C  C   . PRO A 1 105 ? 12.069  -8.967  1.680   1.00 16.41 ? 105 PRO A C   1 
ATOM   809  O  O   . PRO A 1 105 ? 12.727  -9.762  1.039   1.00 21.32 ? 105 PRO A O   1 
ATOM   810  C  CB  . PRO A 1 105 ? 13.513  -7.961  3.383   1.00 20.17 ? 105 PRO A CB  1 
ATOM   811  C  CG  . PRO A 1 105 ? 13.003  -7.024  4.469   1.00 21.60 ? 105 PRO A CG  1 
ATOM   812  C  CD  . PRO A 1 105 ? 11.883  -6.180  3.870   1.00 15.27 ? 105 PRO A CD  1 
ATOM   813  N  N   . LYS A 1 106 ? 10.819  -9.206  2.008   1.00 13.73 ? 106 LYS A N   1 
ATOM   814  C  CA  . LYS A 1 106 ? 10.152  -10.432 1.605   1.00 18.21 ? 106 LYS A CA  1 
ATOM   815  C  C   . LYS A 1 106 ? 9.370   -10.280 0.344   1.00 15.58 ? 106 LYS A C   1 
ATOM   816  O  O   . LYS A 1 106 ? 8.826   -11.225 -0.243  1.00 15.54 ? 106 LYS A O   1 
ATOM   817  C  CB  . LYS A 1 106 ? 9.096   -10.724 2.657   1.00 18.38 ? 106 LYS A CB  1 
ATOM   818  C  CG  . LYS A 1 106 ? 9.772   -11.075 3.956   1.00 32.08 ? 106 LYS A CG  1 
ATOM   819  C  CD  . LYS A 1 106 ? 8.921   -11.960 4.838   1.00 37.79 ? 106 LYS A CD  1 
ATOM   820  C  CE  . LYS A 1 106 ? 9.716   -12.926 5.718   1.00 45.19 ? 106 LYS A CE  1 
ATOM   821  N  NZ  . LYS A 1 106 ? 10.070  -12.335 7.007   1.00 47.01 ? 106 LYS A NZ  1 
ATOM   822  N  N   . ALA A 1 107 ? 9.282   -9.037  -0.059  1.00 14.04 ? 107 ALA A N   1 
ATOM   823  C  CA  . ALA A 1 107 ? 8.503   -8.772  -1.236  1.00 17.38 ? 107 ALA A CA  1 
ATOM   824  C  C   . ALA A 1 107 ? 9.160   -9.016  -2.586  1.00 17.94 ? 107 ALA A C   1 
ATOM   825  O  O   . ALA A 1 107 ? 10.343  -8.802  -2.783  1.00 13.43 ? 107 ALA A O   1 
ATOM   826  C  CB  . ALA A 1 107 ? 7.973   -7.359  -1.142  1.00 8.59  ? 107 ALA A CB  1 
ATOM   827  N  N   . GLN A 1 108 ? 8.298   -9.444  -3.504  1.00 13.10 ? 108 GLN A N   1 
ATOM   828  C  CA  . GLN A 1 108 ? 8.704   -9.708  -4.872  1.00 23.83 ? 108 GLN A CA  1 
ATOM   829  C  C   . GLN A 1 108 ? 8.212   -8.711  -5.891  1.00 16.40 ? 108 GLN A C   1 
ATOM   830  O  O   . GLN A 1 108 ? 8.775   -8.643  -6.971  1.00 16.79 ? 108 GLN A O   1 
ATOM   831  C  CB  . GLN A 1 108 ? 8.318   -11.126 -5.312  1.00 21.98 ? 108 GLN A CB  1 
ATOM   832  C  CG  . GLN A 1 108 ? 9.162   -12.070 -4.453  1.00 35.14 ? 108 GLN A CG  1 
ATOM   833  C  CD  . GLN A 1 108 ? 10.598  -12.138 -4.932  1.00 38.56 ? 108 GLN A CD  1 
ATOM   834  O  OE1 . GLN A 1 108 ? 10.856  -11.880 -6.122  1.00 42.91 ? 108 GLN A OE1 1 
ATOM   835  N  NE2 . GLN A 1 108 ? 11.518  -12.513 -4.044  1.00 35.99 ? 108 GLN A NE2 1 
ATOM   836  N  N   . LYS A 1 109 ? 7.161   -7.936  -5.541  1.00 12.73 ? 109 LYS A N   1 
ATOM   837  C  CA  . LYS A 1 109 ? 6.585   -6.956  -6.424  1.00 13.42 ? 109 LYS A CA  1 
ATOM   838  C  C   . LYS A 1 109 ? 6.147   -5.684  -5.702  1.00 12.60 ? 109 LYS A C   1 
ATOM   839  O  O   . LYS A 1 109 ? 5.779   -5.711  -4.509  1.00 10.07 ? 109 LYS A O   1 
ATOM   840  C  CB  . LYS A 1 109 ? 5.401   -7.726  -6.975  1.00 17.42 ? 109 LYS A CB  1 
ATOM   841  C  CG  . LYS A 1 109 ? 4.651   -7.043  -8.062  1.00 24.93 ? 109 LYS A CG  1 
ATOM   842  C  CD  . LYS A 1 109 ? 3.783   -8.104  -8.693  1.00 28.49 ? 109 LYS A CD  1 
ATOM   843  C  CE  . LYS A 1 109 ? 3.085   -7.536  -9.907  1.00 37.65 ? 109 LYS A CE  1 
ATOM   844  N  NZ  . LYS A 1 109 ? 2.014   -8.384  -10.452 1.00 30.59 ? 109 LYS A NZ  1 
ATOM   845  N  N   . LEU A 1 110 ? 6.194   -4.557  -6.379  1.00 11.32 ? 110 LEU A N   1 
ATOM   846  C  CA  . LEU A 1 110 ? 5.780   -3.289  -5.790  1.00 10.75 ? 110 LEU A CA  1 
ATOM   847  C  C   . LEU A 1 110 ? 4.819   -2.662  -6.761  1.00 14.12 ? 110 LEU A C   1 
ATOM   848  O  O   . LEU A 1 110 ? 5.055   -2.662  -7.973  1.00 13.15 ? 110 LEU A O   1 
ATOM   849  C  CB  . LEU A 1 110 ? 6.929   -2.280  -5.571  1.00 9.36  ? 110 LEU A CB  1 
ATOM   850  C  CG  . LEU A 1 110 ? 8.107   -2.802  -4.771  1.00 11.83 ? 110 LEU A CG  1 
ATOM   851  C  CD1 . LEU A 1 110 ? 9.195   -1.756  -4.806  1.00 12.78 ? 110 LEU A CD1 1 
ATOM   852  C  CD2 . LEU A 1 110 ? 7.719   -3.076  -3.311  1.00 9.37  ? 110 LEU A CD2 1 
ATOM   853  N  N   . TYR A 1 111 ? 3.717   -2.137  -6.264  1.00 10.09 ? 111 TYR A N   1 
ATOM   854  C  CA  . TYR A 1 111 ? 2.799   -1.465  -7.153  1.00 10.57 ? 111 TYR A CA  1 
ATOM   855  C  C   . TYR A 1 111 ? 2.846   -0.029  -6.657  1.00 11.64 ? 111 TYR A C   1 
ATOM   856  O  O   . TYR A 1 111 ? 2.345   0.234   -5.570  1.00 11.28 ? 111 TYR A O   1 
ATOM   857  C  CB  . TYR A 1 111 ? 1.357   -1.915  -6.985  1.00 18.44 ? 111 TYR A CB  1 
ATOM   858  C  CG  . TYR A 1 111 ? 1.091   -3.346  -7.340  1.00 15.28 ? 111 TYR A CG  1 
ATOM   859  C  CD1 . TYR A 1 111 ? 1.524   -4.403  -6.531  1.00 9.65  ? 111 TYR A CD1 1 
ATOM   860  C  CD2 . TYR A 1 111 ? 0.340   -3.603  -8.490  1.00 13.77 ? 111 TYR A CD2 1 
ATOM   861  C  CE1 . TYR A 1 111 ? 1.212   -5.718  -6.894  1.00 13.34 ? 111 TYR A CE1 1 
ATOM   862  C  CE2 . TYR A 1 111 ? 0.027   -4.915  -8.852  1.00 13.21 ? 111 TYR A CE2 1 
ATOM   863  C  CZ  . TYR A 1 111 ? 0.461   -5.973  -8.050  1.00 13.43 ? 111 TYR A CZ  1 
ATOM   864  O  OH  . TYR A 1 111 ? 0.149   -7.275  -8.404  1.00 16.98 ? 111 TYR A OH  1 
ATOM   865  N  N   . LEU A 1 112 ? 3.463   0.878   -7.403  1.00 12.47 ? 112 LEU A N   1 
ATOM   866  C  CA  . LEU A 1 112 ? 3.587   2.244   -6.946  1.00 18.67 ? 112 LEU A CA  1 
ATOM   867  C  C   . LEU A 1 112 ? 2.880   3.374   -7.726  1.00 11.08 ? 112 LEU A C   1 
ATOM   868  O  O   . LEU A 1 112 ? 2.861   3.366   -8.949  1.00 13.65 ? 112 LEU A O   1 
ATOM   869  C  CB  . LEU A 1 112 ? 5.113   2.575   -6.868  1.00 9.19  ? 112 LEU A CB  1 
ATOM   870  C  CG  . LEU A 1 112 ? 5.974   1.624   -6.022  1.00 9.26  ? 112 LEU A CG  1 
ATOM   871  C  CD1 . LEU A 1 112 ? 7.447   2.036   -6.009  1.00 11.71 ? 112 LEU A CD1 1 
ATOM   872  C  CD2 . LEU A 1 112 ? 5.462   1.593   -4.580  1.00 12.35 ? 112 LEU A CD2 1 
ATOM   873  N  N   . THR A 1 113 ? 2.323   4.355   -7.029  1.00 7.82  ? 113 THR A N   1 
ATOM   874  C  CA  . THR A 1 113 ? 1.707   5.478   -7.713  1.00 9.13  ? 113 THR A CA  1 
ATOM   875  C  C   . THR A 1 113 ? 2.596   6.629   -7.335  1.00 12.24 ? 113 THR A C   1 
ATOM   876  O  O   . THR A 1 113 ? 2.734   6.913   -6.156  1.00 12.02 ? 113 THR A O   1 
ATOM   877  C  CB  . THR A 1 113 ? 0.260   5.775   -7.316  1.00 14.16 ? 113 THR A CB  1 
ATOM   878  O  OG1 . THR A 1 113 ? -0.495  4.613   -7.613  1.00 11.20 ? 113 THR A OG1 1 
ATOM   879  C  CG2 . THR A 1 113 ? -0.258  6.919   -8.172  1.00 14.32 ? 113 THR A CG2 1 
ATOM   880  N  N   . HIS A 1 114 ? 3.233   7.255   -8.309  1.00 11.78 ? 114 HIS A N   1 
ATOM   881  C  CA  . HIS A 1 114 ? 4.106   8.373   -8.014  1.00 13.81 ? 114 HIS A CA  1 
ATOM   882  C  C   . HIS A 1 114 ? 3.331   9.637   -8.311  1.00 18.43 ? 114 HIS A C   1 
ATOM   883  O  O   . HIS A 1 114 ? 3.025   9.969   -9.455  1.00 13.33 ? 114 HIS A O   1 
ATOM   884  C  CB  . HIS A 1 114 ? 5.369   8.325   -8.921  1.00 13.19 ? 114 HIS A CB  1 
ATOM   885  C  CG  . HIS A 1 114 ? 6.209   7.121   -8.711  1.00 14.15 ? 114 HIS A CG  1 
ATOM   886  N  ND1 . HIS A 1 114 ? 7.133   7.053   -7.678  1.00 17.20 ? 114 HIS A ND1 1 
ATOM   887  C  CD2 . HIS A 1 114 ? 6.284   5.965   -9.424  1.00 16.10 ? 114 HIS A CD2 1 
ATOM   888  C  CE1 . HIS A 1 114 ? 7.734   5.880   -7.766  1.00 17.20 ? 114 HIS A CE1 1 
ATOM   889  N  NE2 . HIS A 1 114 ? 7.247   5.215   -8.811  1.00 23.99 ? 114 HIS A NE2 1 
ATOM   890  N  N   . ILE A 1 115 ? 2.987   10.359  -7.283  1.00 14.14 ? 115 ILE A N   1 
ATOM   891  C  CA  . ILE A 1 115 ? 2.221   11.554  -7.467  1.00 13.02 ? 115 ILE A CA  1 
ATOM   892  C  C   . ILE A 1 115 ? 3.061   12.787  -7.472  1.00 16.49 ? 115 ILE A C   1 
ATOM   893  O  O   . ILE A 1 115 ? 3.911   13.028  -6.616  1.00 17.51 ? 115 ILE A O   1 
ATOM   894  C  CB  . ILE A 1 115 ? 1.238   11.601  -6.322  1.00 16.28 ? 115 ILE A CB  1 
ATOM   895  C  CG1 . ILE A 1 115 ? 0.554   10.239  -6.292  1.00 17.05 ? 115 ILE A CG1 1 
ATOM   896  C  CG2 . ILE A 1 115 ? 0.236   12.752  -6.434  1.00 16.38 ? 115 ILE A CG2 1 
ATOM   897  C  CD1 . ILE A 1 115 ? -0.177  10.001  -4.987  1.00 16.70 ? 115 ILE A CD1 1 
ATOM   898  N  N   . ASP A 1 116 ? 2.776   13.556  -8.473  1.00 17.21 ? 116 ASP A N   1 
ATOM   899  C  CA  . ASP A 1 116 ? 3.496   14.778  -8.625  1.00 24.76 ? 116 ASP A CA  1 
ATOM   900  C  C   . ASP A 1 116 ? 3.027   15.858  -7.626  1.00 25.33 ? 116 ASP A C   1 
ATOM   901  O  O   . ASP A 1 116 ? 2.347   16.821  -7.946  1.00 25.03 ? 116 ASP A O   1 
ATOM   902  C  CB  . ASP A 1 116 ? 3.419   15.111  -10.110 1.00 31.09 ? 116 ASP A CB  1 
ATOM   903  C  CG  . ASP A 1 116 ? 4.195   16.327  -10.402 1.00 57.61 ? 116 ASP A CG  1 
ATOM   904  O  OD1 . ASP A 1 116 ? 4.907   16.880  -9.579  1.00 62.24 ? 116 ASP A OD1 1 
ATOM   905  O  OD2 . ASP A 1 116 ? 3.970   16.731  -11.620 1.00 76.07 ? 116 ASP A OD2 1 
ATOM   906  N  N   . ALA A 1 117 ? 3.407   15.683  -6.364  1.00 25.65 ? 117 ALA A N   1 
ATOM   907  C  CA  . ALA A 1 117 ? 3.011   16.633  -5.345  1.00 27.40 ? 117 ALA A CA  1 
ATOM   908  C  C   . ALA A 1 117 ? 4.082   16.828  -4.286  1.00 35.69 ? 117 ALA A C   1 
ATOM   909  O  O   . ALA A 1 117 ? 4.794   15.893  -3.920  1.00 29.66 ? 117 ALA A O   1 
ATOM   910  C  CB  . ALA A 1 117 ? 1.760   16.090  -4.671  1.00 19.83 ? 117 ALA A CB  1 
ATOM   911  N  N   . GLU A 1 118 ? 4.210   18.054  -3.783  1.00 35.55 ? 118 GLU A N   1 
ATOM   912  C  CA  . GLU A 1 118 ? 5.179   18.297  -2.736  1.00 32.40 ? 118 GLU A CA  1 
ATOM   913  C  C   . GLU A 1 118 ? 4.356   18.392  -1.491  1.00 39.30 ? 118 GLU A C   1 
ATOM   914  O  O   . GLU A 1 118 ? 3.372   19.113  -1.456  1.00 37.34 ? 118 GLU A O   1 
ATOM   915  C  CB  . GLU A 1 118 ? 6.016   19.544  -2.931  1.00 28.52 ? 118 GLU A CB  1 
ATOM   916  C  CG  . GLU A 1 118 ? 6.971   19.141  -4.050  1.00 44.35 ? 118 GLU A CG  1 
ATOM   917  C  CD  . GLU A 1 118 ? 7.507   20.283  -4.834  1.00 69.91 ? 118 GLU A CD  1 
ATOM   918  O  OE1 . GLU A 1 118 ? 7.264   21.422  -4.240  1.00 80.72 ? 118 GLU A OE1 1 
ATOM   919  O  OE2 . GLU A 1 118 ? 8.137   20.141  -5.874  1.00 75.14 ? 118 GLU A OE2 1 
ATOM   920  N  N   . VAL A 1 119 ? 4.739   17.654  -0.477  1.00 41.27 ? 119 VAL A N   1 
ATOM   921  C  CA  . VAL A 1 119 ? 3.972   17.707  0.742   1.00 38.13 ? 119 VAL A CA  1 
ATOM   922  C  C   . VAL A 1 119 ? 4.842   17.360  1.907   1.00 39.42 ? 119 VAL A C   1 
ATOM   923  O  O   . VAL A 1 119 ? 5.775   16.575  1.774   1.00 39.96 ? 119 VAL A O   1 
ATOM   924  C  CB  . VAL A 1 119 ? 2.798   16.730  0.731   1.00 40.17 ? 119 VAL A CB  1 
ATOM   925  C  CG1 . VAL A 1 119 ? 3.010   15.671  -0.325  1.00 36.88 ? 119 VAL A CG1 1 
ATOM   926  C  CG2 . VAL A 1 119 ? 2.825   15.972  2.047   1.00 42.29 ? 119 VAL A CG2 1 
ATOM   927  N  N   . GLU A 1 120 ? 4.543   17.948  3.058   1.00 55.43 ? 120 GLU A N   1 
ATOM   928  C  CA  . GLU A 1 120 ? 5.378   17.594  4.179   1.00 62.15 ? 120 GLU A CA  1 
ATOM   929  C  C   . GLU A 1 120 ? 4.913   16.346  4.870   1.00 49.62 ? 120 GLU A C   1 
ATOM   930  O  O   . GLU A 1 120 ? 3.715   16.027  4.956   1.00 48.35 ? 120 GLU A O   1 
ATOM   931  C  CB  . GLU A 1 120 ? 6.146   18.640  5.029   1.00 75.79 ? 120 GLU A CB  1 
ATOM   932  C  CG  . GLU A 1 120 ? 7.360   18.108  5.859   1.00 81.28 ? 120 GLU A CG  1 
ATOM   933  C  CD  . GLU A 1 120 ? 7.650   18.959  7.081   1.00 87.47 ? 120 GLU A CD  1 
ATOM   934  O  OE1 . GLU A 1 120 ? 7.054   19.986  7.305   1.00 87.74 ? 120 GLU A OE1 1 
ATOM   935  O  OE2 . GLU A 1 120 ? 8.595   18.534  7.889   1.00 86.66 ? 120 GLU A OE2 1 
ATOM   936  N  N   . GLY A 1 121 ? 5.941   15.662  5.330   1.00 46.03 ? 121 GLY A N   1 
ATOM   937  C  CA  . GLY A 1 121 ? 5.751   14.429  6.016   1.00 43.14 ? 121 GLY A CA  1 
ATOM   938  C  C   . GLY A 1 121 ? 6.980   13.762  6.586   1.00 47.86 ? 121 GLY A C   1 
ATOM   939  O  O   . GLY A 1 121 ? 8.102   13.668  6.074   1.00 61.33 ? 121 GLY A O   1 
ATOM   940  N  N   . ASP A 1 122 ? 6.627   13.282  7.735   1.00 53.24 ? 122 ASP A N   1 
ATOM   941  C  CA  . ASP A 1 122 ? 7.421   12.542  8.640   1.00 47.67 ? 122 ASP A CA  1 
ATOM   942  C  C   . ASP A 1 122 ? 7.891   11.306  7.918   1.00 34.53 ? 122 ASP A C   1 
ATOM   943  O  O   . ASP A 1 122 ? 9.071   10.994  7.772   1.00 36.47 ? 122 ASP A O   1 
ATOM   944  C  CB  . ASP A 1 122 ? 6.299   11.884  9.475   1.00 62.45 ? 122 ASP A CB  1 
ATOM   945  C  CG  . ASP A 1 122 ? 5.927   12.410  10.828  1.00 78.22 ? 122 ASP A CG  1 
ATOM   946  O  OD1 . ASP A 1 122 ? 6.684   13.076  11.496  1.00 85.59 ? 122 ASP A OD1 1 
ATOM   947  O  OD2 . ASP A 1 122 ? 4.783   11.924  11.278  1.00 82.75 ? 122 ASP A OD2 1 
ATOM   948  N  N   . THR A 1 123 ? 6.842   10.612  7.495   1.00 21.73 ? 123 THR A N   1 
ATOM   949  C  CA  . THR A 1 123 ? 6.945   9.333   6.837   1.00 20.75 ? 123 THR A CA  1 
ATOM   950  C  C   . THR A 1 123 ? 7.204   9.194   5.354   1.00 17.40 ? 123 THR A C   1 
ATOM   951  O  O   . THR A 1 123 ? 6.545   9.803   4.532   1.00 22.76 ? 123 THR A O   1 
ATOM   952  C  CB  . THR A 1 123 ? 5.945   8.301   7.401   1.00 27.69 ? 123 THR A CB  1 
ATOM   953  O  OG1 . THR A 1 123 ? 4.807   8.186   6.586   1.00 49.06 ? 123 THR A OG1 1 
ATOM   954  C  CG2 . THR A 1 123 ? 5.446   8.801   8.748   1.00 26.52 ? 123 THR A CG2 1 
ATOM   955  N  N   . HIS A 1 124 ? 8.172   8.321   5.090   1.00 23.54 ? 124 HIS A N   1 
ATOM   956  C  CA  . HIS A 1 124 ? 8.616   7.986   3.752   1.00 20.12 ? 124 HIS A CA  1 
ATOM   957  C  C   . HIS A 1 124 ? 8.485   6.504   3.486   1.00 29.88 ? 124 HIS A C   1 
ATOM   958  O  O   . HIS A 1 124 ? 8.570   5.673   4.403   1.00 25.07 ? 124 HIS A O   1 
ATOM   959  C  CB  . HIS A 1 124 ? 10.123  8.364   3.584   1.00 18.19 ? 124 HIS A CB  1 
ATOM   960  C  CG  . HIS A 1 124 ? 10.373  9.774   4.006   1.00 23.20 ? 124 HIS A CG  1 
ATOM   961  N  ND1 . HIS A 1 124 ? 10.619  10.783  3.100   1.00 29.46 ? 124 HIS A ND1 1 
ATOM   962  C  CD2 . HIS A 1 124 ? 10.388  10.326  5.262   1.00 28.99 ? 124 HIS A CD2 1 
ATOM   963  C  CE1 . HIS A 1 124 ? 10.783  11.902  3.804   1.00 31.11 ? 124 HIS A CE1 1 
ATOM   964  N  NE2 . HIS A 1 124 ? 10.651  11.661  5.106   1.00 30.10 ? 124 HIS A NE2 1 
ATOM   965  N  N   . PHE A 1 125 ? 8.271   6.153   2.218   1.00 18.98 ? 125 PHE A N   1 
ATOM   966  C  CA  . PHE A 1 125 ? 8.196   4.756   1.852   1.00 12.19 ? 125 PHE A CA  1 
ATOM   967  C  C   . PHE A 1 125 ? 9.668   4.288   1.999   1.00 21.83 ? 125 PHE A C   1 
ATOM   968  O  O   . PHE A 1 125 ? 10.617  5.079   1.809   1.00 20.31 ? 125 PHE A O   1 
ATOM   969  C  CB  . PHE A 1 125 ? 7.810   4.748   0.351   1.00 10.60 ? 125 PHE A CB  1 
ATOM   970  C  CG  . PHE A 1 125 ? 7.633   3.345   -0.141  1.00 17.79 ? 125 PHE A CG  1 
ATOM   971  C  CD1 . PHE A 1 125 ? 6.469   2.646   0.174   1.00 19.04 ? 125 PHE A CD1 1 
ATOM   972  C  CD2 . PHE A 1 125 ? 8.609   2.715   -0.907  1.00 21.03 ? 125 PHE A CD2 1 
ATOM   973  C  CE1 . PHE A 1 125 ? 6.288   1.344   -0.273  1.00 16.82 ? 125 PHE A CE1 1 
ATOM   974  C  CE2 . PHE A 1 125 ? 8.449   1.410   -1.365  1.00 18.49 ? 125 PHE A CE2 1 
ATOM   975  C  CZ  . PHE A 1 125 ? 7.276   0.728   -1.040  1.00 16.51 ? 125 PHE A CZ  1 
ATOM   976  N  N   . PRO A 1 126 ? 9.955   3.040   2.344   1.00 23.82 ? 126 PRO A N   1 
ATOM   977  C  CA  . PRO A 1 126 ? 11.348  2.590   2.473   1.00 16.06 ? 126 PRO A CA  1 
ATOM   978  C  C   . PRO A 1 126 ? 12.211  2.768   1.203   1.00 18.13 ? 126 PRO A C   1 
ATOM   979  O  O   . PRO A 1 126 ? 11.799  2.685   0.029   1.00 15.05 ? 126 PRO A O   1 
ATOM   980  C  CB  . PRO A 1 126 ? 11.266  1.092   2.794   1.00 17.29 ? 126 PRO A CB  1 
ATOM   981  C  CG  . PRO A 1 126 ? 9.796   0.732   2.938   1.00 15.23 ? 126 PRO A CG  1 
ATOM   982  C  CD  . PRO A 1 126 ? 8.999   2.015   2.847   1.00 16.64 ? 126 PRO A CD  1 
ATOM   983  N  N   . ASP A 1 127 ? 13.489  3.025   1.428   1.00 19.45 ? 127 ASP A N   1 
ATOM   984  C  CA  . ASP A 1 127 ? 14.303  3.191   0.272   1.00 21.11 ? 127 ASP A CA  1 
ATOM   985  C  C   . ASP A 1 127 ? 14.480  1.838   -0.382  1.00 19.52 ? 127 ASP A C   1 
ATOM   986  O  O   . ASP A 1 127 ? 14.773  0.839   0.239   1.00 25.64 ? 127 ASP A O   1 
ATOM   987  C  CB  . ASP A 1 127 ? 15.712  3.695   0.597   1.00 31.27 ? 127 ASP A CB  1 
ATOM   988  C  CG  . ASP A 1 127 ? 16.473  4.071   -0.645  1.00 47.46 ? 127 ASP A CG  1 
ATOM   989  O  OD1 . ASP A 1 127 ? 15.955  4.601   -1.616  1.00 49.11 ? 127 ASP A OD1 1 
ATOM   990  O  OD2 . ASP A 1 127 ? 17.738  3.731   -0.569  1.00 53.09 ? 127 ASP A OD2 1 
ATOM   991  N  N   . TYR A 1 128 ? 14.307  1.807   -1.660  1.00 22.76 ? 128 TYR A N   1 
ATOM   992  C  CA  . TYR A 1 128 ? 14.504  0.534   -2.283  1.00 24.57 ? 128 TYR A CA  1 
ATOM   993  C  C   . TYR A 1 128 ? 15.513  0.852   -3.364  1.00 38.22 ? 128 TYR A C   1 
ATOM   994  O  O   . TYR A 1 128 ? 15.445  1.954   -3.897  1.00 37.42 ? 128 TYR A O   1 
ATOM   995  C  CB  . TYR A 1 128 ? 13.182  -0.008  -2.858  1.00 23.66 ? 128 TYR A CB  1 
ATOM   996  C  CG  . TYR A 1 128 ? 12.482  0.948   -3.791  1.00 29.01 ? 128 TYR A CG  1 
ATOM   997  C  CD1 . TYR A 1 128 ? 11.622  1.924   -3.280  1.00 27.40 ? 128 TYR A CD1 1 
ATOM   998  C  CD2 . TYR A 1 128 ? 12.654  0.878   -5.174  1.00 19.92 ? 128 TYR A CD2 1 
ATOM   999  C  CE1 . TYR A 1 128 ? 10.957  2.815   -4.126  1.00 30.37 ? 128 TYR A CE1 1 
ATOM   1000 C  CE2 . TYR A 1 128 ? 11.995  1.759   -6.036  1.00 18.13 ? 128 TYR A CE2 1 
ATOM   1001 C  CZ  . TYR A 1 128 ? 11.144  2.727   -5.505  1.00 22.13 ? 128 TYR A CZ  1 
ATOM   1002 O  OH  . TYR A 1 128 ? 10.489  3.599   -6.336  1.00 24.50 ? 128 TYR A OH  1 
ATOM   1003 N  N   . GLU A 1 129 ? 16.423  -0.092  -3.637  1.00 35.31 ? 129 GLU A N   1 
ATOM   1004 C  CA  . GLU A 1 129 ? 17.485  -0.016  -4.622  1.00 27.39 ? 129 GLU A CA  1 
ATOM   1005 C  C   . GLU A 1 129 ? 16.936  -0.332  -5.998  1.00 29.75 ? 129 GLU A C   1 
ATOM   1006 O  O   . GLU A 1 129 ? 16.547  -1.430  -6.354  1.00 29.36 ? 129 GLU A O   1 
ATOM   1007 C  CB  . GLU A 1 129 ? 18.568  -1.042  -4.279  1.00 37.01 ? 129 GLU A CB  1 
ATOM   1008 C  CG  . GLU A 1 129 ? 19.484  -1.278  -5.485  1.00 51.62 ? 129 GLU A CG  1 
ATOM   1009 C  CD  . GLU A 1 129 ? 20.116  0.000   -5.960  1.00 58.13 ? 129 GLU A CD  1 
ATOM   1010 O  OE1 . GLU A 1 129 ? 20.071  0.959   -5.066  1.00 70.06 ? 129 GLU A OE1 1 
ATOM   1011 O  OE2 . GLU A 1 129 ? 20.661  0.119   -7.038  1.00 54.53 ? 129 GLU A OE2 1 
ATOM   1012 N  N   . PRO A 1 130 ? 16.896  0.686   -6.795  1.00 29.18 ? 130 PRO A N   1 
ATOM   1013 C  CA  . PRO A 1 130 ? 16.391  0.566   -8.124  1.00 30.13 ? 130 PRO A CA  1 
ATOM   1014 C  C   . PRO A 1 130 ? 17.099  -0.476  -8.940  1.00 33.99 ? 130 PRO A C   1 
ATOM   1015 O  O   . PRO A 1 130 ? 16.494  -1.086  -9.808  1.00 38.17 ? 130 PRO A O   1 
ATOM   1016 C  CB  . PRO A 1 130 ? 16.582  1.939   -8.738  1.00 38.50 ? 130 PRO A CB  1 
ATOM   1017 C  CG  . PRO A 1 130 ? 17.601  2.643   -7.850  1.00 44.52 ? 130 PRO A CG  1 
ATOM   1018 C  CD  . PRO A 1 130 ? 17.560  1.968   -6.499  1.00 37.67 ? 130 PRO A CD  1 
ATOM   1019 N  N   . ASP A 1 131 ? 18.374  -0.674  -8.671  1.00 34.74 ? 131 ASP A N   1 
ATOM   1020 C  CA  . ASP A 1 131 ? 19.066  -1.658  -9.445  1.00 38.83 ? 131 ASP A CA  1 
ATOM   1021 C  C   . ASP A 1 131 ? 18.524  -3.022  -9.077  1.00 43.80 ? 131 ASP A C   1 
ATOM   1022 O  O   . ASP A 1 131 ? 18.653  -3.983  -9.826  1.00 52.35 ? 131 ASP A O   1 
ATOM   1023 C  CB  . ASP A 1 131 ? 20.603  -1.545  -9.325  1.00 47.35 ? 131 ASP A CB  1 
ATOM   1024 C  CG  . ASP A 1 131 ? 21.252  -0.230  -9.751  1.00 60.28 ? 131 ASP A CG  1 
ATOM   1025 O  OD1 . ASP A 1 131 ? 20.553  0.490   -10.591 1.00 53.92 ? 131 ASP A OD1 1 
ATOM   1026 O  OD2 . ASP A 1 131 ? 22.356  0.128   -9.373  1.00 72.75 ? 131 ASP A OD2 1 
ATOM   1027 N  N   . ASP A 1 132 ? 17.901  -3.127  -7.916  1.00 34.37 ? 132 ASP A N   1 
ATOM   1028 C  CA  . ASP A 1 132 ? 17.385  -4.436  -7.557  1.00 29.22 ? 132 ASP A CA  1 
ATOM   1029 C  C   . ASP A 1 132 ? 15.994  -4.694  -8.039  1.00 30.91 ? 132 ASP A C   1 
ATOM   1030 O  O   . ASP A 1 132 ? 15.437  -5.745  -7.728  1.00 29.68 ? 132 ASP A O   1 
ATOM   1031 C  CB  . ASP A 1 132 ? 17.276  -4.618  -6.049  1.00 32.14 ? 132 ASP A CB  1 
ATOM   1032 C  CG  . ASP A 1 132 ? 18.617  -4.857  -5.453  1.00 56.55 ? 132 ASP A CG  1 
ATOM   1033 O  OD1 . ASP A 1 132 ? 19.640  -4.592  -6.056  1.00 62.08 ? 132 ASP A OD1 1 
ATOM   1034 O  OD2 . ASP A 1 132 ? 18.547  -5.406  -4.263  1.00 67.59 ? 132 ASP A OD2 1 
ATOM   1035 N  N   . TRP A 1 133 ? 15.425  -3.753  -8.769  1.00 27.24 ? 133 TRP A N   1 
ATOM   1036 C  CA  . TRP A 1 133 ? 14.072  -3.955  -9.210  1.00 18.66 ? 133 TRP A CA  1 
ATOM   1037 C  C   . TRP A 1 133 ? 13.913  -3.594  -10.644 1.00 21.51 ? 133 TRP A C   1 
ATOM   1038 O  O   . TRP A 1 133 ? 14.588  -2.693  -11.110 1.00 35.60 ? 133 TRP A O   1 
ATOM   1039 C  CB  . TRP A 1 133 ? 13.172  -3.009  -8.390  1.00 15.56 ? 133 TRP A CB  1 
ATOM   1040 C  CG  . TRP A 1 133 ? 13.123  -3.337  -6.934  1.00 17.01 ? 133 TRP A CG  1 
ATOM   1041 C  CD1 . TRP A 1 133 ? 13.994  -2.932  -5.972  1.00 14.66 ? 133 TRP A CD1 1 
ATOM   1042 C  CD2 . TRP A 1 133 ? 12.162  -4.155  -6.284  1.00 12.57 ? 133 TRP A CD2 1 
ATOM   1043 N  NE1 . TRP A 1 133 ? 13.649  -3.447  -4.746  1.00 17.14 ? 133 TRP A NE1 1 
ATOM   1044 C  CE2 . TRP A 1 133 ? 12.520  -4.194  -4.910  1.00 17.82 ? 133 TRP A CE2 1 
ATOM   1045 C  CE3 . TRP A 1 133 ? 11.048  -4.830  -6.765  1.00 8.29  ? 133 TRP A CE3 1 
ATOM   1046 C  CZ2 . TRP A 1 133 ? 11.781  -4.903  -3.977  1.00 17.37 ? 133 TRP A CZ2 1 
ATOM   1047 C  CZ3 . TRP A 1 133 ? 10.320  -5.547  -5.841  1.00 11.63 ? 133 TRP A CZ3 1 
ATOM   1048 C  CH2 . TRP A 1 133 ? 10.683  -5.569  -4.487  1.00 13.89 ? 133 TRP A CH2 1 
ATOM   1049 N  N   . GLU A 1 134 ? 13.019  -4.286  -11.329 1.00 19.98 ? 134 GLU A N   1 
ATOM   1050 C  CA  . GLU A 1 134 ? 12.773  -4.007  -12.718 1.00 19.06 ? 134 GLU A CA  1 
ATOM   1051 C  C   . GLU A 1 134 ? 11.404  -3.482  -12.957 1.00 23.03 ? 134 GLU A C   1 
ATOM   1052 O  O   . GLU A 1 134 ? 10.388  -4.037  -12.524 1.00 21.02 ? 134 GLU A O   1 
ATOM   1053 C  CB  . GLU A 1 134 ? 12.820  -5.309  -13.492 1.00 28.93 ? 134 GLU A CB  1 
ATOM   1054 C  CG  . GLU A 1 134 ? 12.403  -5.093  -14.952 1.00 39.22 ? 134 GLU A CG  1 
ATOM   1055 C  CD  . GLU A 1 134 ? 12.465  -6.422  -15.609 1.00 49.48 ? 134 GLU A CD  1 
ATOM   1056 O  OE1 . GLU A 1 134 ? 12.786  -7.409  -14.975 1.00 59.97 ? 134 GLU A OE1 1 
ATOM   1057 O  OE2 . GLU A 1 134 ? 12.129  -6.413  -16.874 1.00 54.20 ? 134 GLU A OE2 1 
ATOM   1058 N  N   . SER A 1 135 ? 11.376  -2.413  -13.680 1.00 19.46 ? 135 SER A N   1 
ATOM   1059 C  CA  . SER A 1 135 ? 10.103  -1.815  -13.987 1.00 21.07 ? 135 SER A CA  1 
ATOM   1060 C  C   . SER A 1 135 ? 9.394   -2.594  -15.092 1.00 25.83 ? 135 SER A C   1 
ATOM   1061 O  O   . SER A 1 135 ? 9.897   -2.795  -16.186 1.00 29.82 ? 135 SER A O   1 
ATOM   1062 C  CB  . SER A 1 135 ? 10.364  -0.340  -14.222 1.00 20.68 ? 135 SER A CB  1 
ATOM   1063 O  OG  . SER A 1 135 ? 9.166   0.307   -14.546 1.00 22.96 ? 135 SER A OG  1 
ATOM   1064 N  N   . VAL A 1 136 ? 8.200   -3.091  -14.835 1.00 14.31 ? 136 VAL A N   1 
ATOM   1065 C  CA  . VAL A 1 136 ? 7.550   -3.852  -15.850 1.00 19.70 ? 136 VAL A CA  1 
ATOM   1066 C  C   . VAL A 1 136 ? 6.295   -3.227  -16.434 1.00 30.24 ? 136 VAL A C   1 
ATOM   1067 O  O   . VAL A 1 136 ? 5.707   -3.714  -17.405 1.00 30.20 ? 136 VAL A O   1 
ATOM   1068 C  CB  . VAL A 1 136 ? 7.357   -5.245  -15.299 1.00 25.45 ? 136 VAL A CB  1 
ATOM   1069 C  CG1 . VAL A 1 136 ? 8.696   -5.660  -14.682 1.00 26.68 ? 136 VAL A CG1 1 
ATOM   1070 C  CG2 . VAL A 1 136 ? 6.262   -5.203  -14.238 1.00 23.16 ? 136 VAL A CG2 1 
ATOM   1071 N  N   . PHE A 1 137 ? 5.898   -2.129  -15.821 1.00 17.41 ? 137 PHE A N   1 
ATOM   1072 C  CA  . PHE A 1 137 ? 4.750   -1.378  -16.222 1.00 13.95 ? 137 PHE A CA  1 
ATOM   1073 C  C   . PHE A 1 137 ? 4.883   0.053   -15.693 1.00 18.45 ? 137 PHE A C   1 
ATOM   1074 O  O   . PHE A 1 137 ? 5.264   0.237   -14.544 1.00 14.73 ? 137 PHE A O   1 
ATOM   1075 C  CB  . PHE A 1 137 ? 3.454   -1.970  -15.651 1.00 18.63 ? 137 PHE A CB  1 
ATOM   1076 C  CG  . PHE A 1 137 ? 2.239   -1.133  -15.974 1.00 19.55 ? 137 PHE A CG  1 
ATOM   1077 C  CD1 . PHE A 1 137 ? 1.673   -1.096  -17.250 1.00 22.16 ? 137 PHE A CD1 1 
ATOM   1078 C  CD2 . PHE A 1 137 ? 1.632   -0.367  -14.971 1.00 14.89 ? 137 PHE A CD2 1 
ATOM   1079 C  CE1 . PHE A 1 137 ? 0.545   -0.337  -17.567 1.00 18.82 ? 137 PHE A CE1 1 
ATOM   1080 C  CE2 . PHE A 1 137 ? 0.502   0.398   -15.266 1.00 18.06 ? 137 PHE A CE2 1 
ATOM   1081 C  CZ  . PHE A 1 137 ? -0.046  0.424   -16.551 1.00 22.09 ? 137 PHE A CZ  1 
ATOM   1082 N  N   . SER A 1 138 ? 4.589   1.058   -16.524 1.00 16.01 ? 138 SER A N   1 
ATOM   1083 C  CA  . SER A 1 138 ? 4.647   2.469   -16.150 1.00 19.64 ? 138 SER A CA  1 
ATOM   1084 C  C   . SER A 1 138 ? 3.591   3.166   -16.966 1.00 26.17 ? 138 SER A C   1 
ATOM   1085 O  O   . SER A 1 138 ? 3.330   2.887   -18.141 1.00 37.05 ? 138 SER A O   1 
ATOM   1086 C  CB  . SER A 1 138 ? 5.962   3.248   -16.227 1.00 26.49 ? 138 SER A CB  1 
ATOM   1087 O  OG  . SER A 1 138 ? 6.118   3.722   -17.540 1.00 33.98 ? 138 SER A OG  1 
ATOM   1088 N  N   . GLU A 1 139 ? 2.927   4.088   -16.367 1.00 18.17 ? 139 GLU A N   1 
ATOM   1089 C  CA  . GLU A 1 139 ? 1.914   4.714   -17.184 1.00 19.64 ? 139 GLU A CA  1 
ATOM   1090 C  C   . GLU A 1 139 ? 1.588   6.020   -16.550 1.00 17.05 ? 139 GLU A C   1 
ATOM   1091 O  O   . GLU A 1 139 ? 1.166   6.059   -15.397 1.00 15.53 ? 139 GLU A O   1 
ATOM   1092 C  CB  . GLU A 1 139 ? 0.669   3.817   -17.298 1.00 18.17 ? 139 GLU A CB  1 
ATOM   1093 C  CG  . GLU A 1 139 ? -0.496  4.476   -18.034 1.00 18.44 ? 139 GLU A CG  1 
ATOM   1094 C  CD  . GLU A 1 139 ? -1.674  3.541   -18.016 1.00 36.45 ? 139 GLU A CD  1 
ATOM   1095 O  OE1 . GLU A 1 139 ? -1.632  2.654   -18.977 1.00 47.07 ? 139 GLU A OE1 1 
ATOM   1096 O  OE2 . GLU A 1 139 ? -2.525  3.557   -17.144 1.00 33.33 ? 139 GLU A OE2 1 
ATOM   1097 N  N   . PHE A 1 140 ? 1.823   7.066   -17.329 1.00 20.57 ? 140 PHE A N   1 
ATOM   1098 C  CA  . PHE A 1 140 ? 1.614   8.422   -16.913 1.00 15.89 ? 140 PHE A CA  1 
ATOM   1099 C  C   . PHE A 1 140 ? 0.225   8.970   -17.199 1.00 14.56 ? 140 PHE A C   1 
ATOM   1100 O  O   . PHE A 1 140 ? -0.343  8.698   -18.252 1.00 20.65 ? 140 PHE A O   1 
ATOM   1101 C  CB  . PHE A 1 140 ? 2.702   9.278   -17.577 1.00 21.07 ? 140 PHE A CB  1 
ATOM   1102 C  CG  . PHE A 1 140 ? 2.531   10.721  -17.188 1.00 24.84 ? 140 PHE A CG  1 
ATOM   1103 C  CD1 . PHE A 1 140 ? 3.002   11.140  -15.940 1.00 31.27 ? 140 PHE A CD1 1 
ATOM   1104 C  CD2 . PHE A 1 140 ? 1.900   11.626  -18.026 1.00 25.02 ? 140 PHE A CD2 1 
ATOM   1105 C  CE1 . PHE A 1 140 ? 2.858   12.472  -15.522 1.00 31.33 ? 140 PHE A CE1 1 
ATOM   1106 C  CE2 . PHE A 1 140 ? 1.747   12.964  -17.618 1.00 26.82 ? 140 PHE A CE2 1 
ATOM   1107 C  CZ  . PHE A 1 140 ? 2.229   13.369  -16.370 1.00 30.08 ? 140 PHE A CZ  1 
ATOM   1108 N  N   . HIS A 1 141 ? -0.273  9.752   -16.246 1.00 17.14 ? 141 HIS A N   1 
ATOM   1109 C  CA  . HIS A 1 141 ? -1.566  10.377  -16.336 1.00 20.34 ? 141 HIS A CA  1 
ATOM   1110 C  C   . HIS A 1 141 ? -1.565  11.841  -15.933 1.00 26.93 ? 141 HIS A C   1 
ATOM   1111 O  O   . HIS A 1 141 ? -1.097  12.198  -14.863 1.00 22.10 ? 141 HIS A O   1 
ATOM   1112 C  CB  . HIS A 1 141 ? -2.584  9.717   -15.387 1.00 21.22 ? 141 HIS A CB  1 
ATOM   1113 C  CG  . HIS A 1 141 ? -2.857  8.356   -15.856 1.00 25.16 ? 141 HIS A CG  1 
ATOM   1114 N  ND1 . HIS A 1 141 ? -3.820  8.161   -16.812 1.00 23.14 ? 141 HIS A ND1 1 
ATOM   1115 C  CD2 . HIS A 1 141 ? -2.294  7.168   -15.523 1.00 18.80 ? 141 HIS A CD2 1 
ATOM   1116 C  CE1 . HIS A 1 141 ? -3.857  6.868   -17.057 1.00 19.94 ? 141 HIS A CE1 1 
ATOM   1117 N  NE2 . HIS A 1 141 ? -2.959  6.244   -16.302 1.00 21.58 ? 141 HIS A NE2 1 
ATOM   1118 N  N   . ASP A 1 142 ? -2.121  12.702  -16.778 1.00 25.48 ? 142 ASP A N   1 
ATOM   1119 C  CA  . ASP A 1 142 ? -2.152  14.082  -16.367 1.00 28.80 ? 142 ASP A CA  1 
ATOM   1120 C  C   . ASP A 1 142 ? -3.314  14.269  -15.444 1.00 19.94 ? 142 ASP A C   1 
ATOM   1121 O  O   . ASP A 1 142 ? -4.209  13.438  -15.389 1.00 18.24 ? 142 ASP A O   1 
ATOM   1122 C  CB  . ASP A 1 142 ? -2.588  14.990  -17.506 1.00 37.40 ? 142 ASP A CB  1 
ATOM   1123 C  CG  . ASP A 1 142 ? -1.419  15.622  -18.112 1.00 56.74 ? 142 ASP A CG  1 
ATOM   1124 O  OD1 . ASP A 1 142 ? -0.780  16.494  -17.535 1.00 69.89 ? 142 ASP A OD1 1 
ATOM   1125 O  OD2 . ASP A 1 142 ? -1.114  14.993  -19.217 1.00 61.90 ? 142 ASP A OD2 1 
ATOM   1126 N  N   . ALA A 1 143 ? -3.287  15.400  -14.745 1.00 18.76 ? 143 ALA A N   1 
ATOM   1127 C  CA  . ALA A 1 143 ? -4.359  15.756  -13.852 1.00 22.35 ? 143 ALA A CA  1 
ATOM   1128 C  C   . ALA A 1 143 ? -5.560  16.132  -14.724 1.00 20.21 ? 143 ALA A C   1 
ATOM   1129 O  O   . ALA A 1 143 ? -5.476  16.458  -15.910 1.00 24.48 ? 143 ALA A O   1 
ATOM   1130 C  CB  . ALA A 1 143 ? -3.945  17.010  -13.082 1.00 19.98 ? 143 ALA A CB  1 
ATOM   1131 N  N   . ASP A 1 144 ? -6.717  16.103  -14.149 1.00 19.24 ? 144 ASP A N   1 
ATOM   1132 C  CA  . ASP A 1 144 ? -7.901  16.457  -14.898 1.00 22.74 ? 144 ASP A CA  1 
ATOM   1133 C  C   . ASP A 1 144 ? -8.885  16.988  -13.867 1.00 30.87 ? 144 ASP A C   1 
ATOM   1134 O  O   . ASP A 1 144 ? -8.507  17.267  -12.725 1.00 35.61 ? 144 ASP A O   1 
ATOM   1135 C  CB  . ASP A 1 144 ? -8.512  15.276  -15.649 1.00 22.06 ? 144 ASP A CB  1 
ATOM   1136 C  CG  . ASP A 1 144 ? -8.816  14.121  -14.730 1.00 27.07 ? 144 ASP A CG  1 
ATOM   1137 O  OD1 . ASP A 1 144 ? -9.297  14.236  -13.611 1.00 34.52 ? 144 ASP A OD1 1 
ATOM   1138 O  OD2 . ASP A 1 144 ? -8.504  12.979  -15.275 1.00 31.66 ? 144 ASP A OD2 1 
ATOM   1139 N  N   . ALA A 1 145 ? -10.134 17.104  -14.292 1.00 25.77 ? 145 ALA A N   1 
ATOM   1140 C  CA  . ALA A 1 145 ? -11.226 17.587  -13.466 1.00 35.44 ? 145 ALA A CA  1 
ATOM   1141 C  C   . ALA A 1 145 ? -11.461 16.714  -12.256 1.00 27.69 ? 145 ALA A C   1 
ATOM   1142 O  O   . ALA A 1 145 ? -11.828 17.188  -11.187 1.00 36.96 ? 145 ALA A O   1 
ATOM   1143 C  CB  . ALA A 1 145 ? -12.522 17.579  -14.272 1.00 42.59 ? 145 ALA A CB  1 
ATOM   1144 N  N   . GLN A 1 146 ? -11.252 15.426  -12.435 1.00 21.29 ? 146 GLN A N   1 
ATOM   1145 C  CA  . GLN A 1 146 ? -11.461 14.500  -11.346 1.00 25.96 ? 146 GLN A CA  1 
ATOM   1146 C  C   . GLN A 1 146 ? -10.284 14.265  -10.445 1.00 24.10 ? 146 GLN A C   1 
ATOM   1147 O  O   . GLN A 1 146 ? -10.443 14.029  -9.242  1.00 22.80 ? 146 GLN A O   1 
ATOM   1148 C  CB  . GLN A 1 146 ? -11.688 13.138  -11.972 1.00 31.56 ? 146 GLN A CB  1 
ATOM   1149 C  CG  . GLN A 1 146 ? -12.947 13.132  -12.824 1.00 43.60 ? 146 GLN A CG  1 
ATOM   1150 C  CD  . GLN A 1 146 ? -13.714 11.999  -12.244 1.00 62.87 ? 146 GLN A CD  1 
ATOM   1151 O  OE1 . GLN A 1 146 ? -14.404 12.213  -11.235 1.00 69.60 ? 146 GLN A OE1 1 
ATOM   1152 N  NE2 . GLN A 1 146 ? -13.324 10.791  -12.652 1.00 69.61 ? 146 GLN A NE2 1 
ATOM   1153 N  N   . ASN A 1 147 ? -9.140  14.305  -11.105 1.00 16.14 ? 147 ASN A N   1 
ATOM   1154 C  CA  . ASN A 1 147 ? -7.843  14.086  -10.527 1.00 21.36 ? 147 ASN A CA  1 
ATOM   1155 C  C   . ASN A 1 147 ? -6.982  15.330  -10.425 1.00 18.62 ? 147 ASN A C   1 
ATOM   1156 O  O   . ASN A 1 147 ? -6.561  15.897  -11.408 1.00 17.21 ? 147 ASN A O   1 
ATOM   1157 C  CB  . ASN A 1 147 ? -7.117  12.972  -11.287 1.00 17.04 ? 147 ASN A CB  1 
ATOM   1158 C  CG  . ASN A 1 147 ? -7.901  11.679  -11.199 1.00 26.66 ? 147 ASN A CG  1 
ATOM   1159 O  OD1 . ASN A 1 147 ? -7.825  10.964  -10.198 1.00 26.24 ? 147 ASN A OD1 1 
ATOM   1160 N  ND2 . ASN A 1 147 ? -8.721  11.403  -12.210 1.00 24.75 ? 147 ASN A ND2 1 
ATOM   1161 N  N   . SER A 1 148 ? -6.771  15.655  -9.147  1.00 19.72 ? 148 SER A N   1 
ATOM   1162 C  CA  . SER A 1 148 ? -6.036  16.775  -8.645  1.00 22.79 ? 148 SER A CA  1 
ATOM   1163 C  C   . SER A 1 148 ? -4.624  17.002  -9.171  1.00 28.57 ? 148 SER A C   1 
ATOM   1164 O  O   . SER A 1 148 ? -4.272  18.123  -9.552  1.00 25.81 ? 148 SER A O   1 
ATOM   1165 C  CB  . SER A 1 148 ? -6.161  16.945  -7.127  1.00 19.16 ? 148 SER A CB  1 
ATOM   1166 O  OG  . SER A 1 148 ? -5.539  15.923  -6.369  1.00 25.65 ? 148 SER A OG  1 
ATOM   1167 N  N   . HIS A 1 149 ? -3.826  15.951  -9.201  1.00 18.49 ? 149 HIS A N   1 
ATOM   1168 C  CA  . HIS A 1 149 ? -2.459  16.046  -9.652  1.00 14.13 ? 149 HIS A CA  1 
ATOM   1169 C  C   . HIS A 1 149 ? -2.120  15.035  -10.688 1.00 18.11 ? 149 HIS A C   1 
ATOM   1170 O  O   . HIS A 1 149 ? -2.917  14.143  -10.974 1.00 19.20 ? 149 HIS A O   1 
ATOM   1171 C  CB  . HIS A 1 149 ? -1.593  15.636  -8.461  1.00 17.35 ? 149 HIS A CB  1 
ATOM   1172 C  CG  . HIS A 1 149 ? -1.690  16.588  -7.333  1.00 20.08 ? 149 HIS A CG  1 
ATOM   1173 N  ND1 . HIS A 1 149 ? -2.827  16.663  -6.538  1.00 25.21 ? 149 HIS A ND1 1 
ATOM   1174 C  CD2 . HIS A 1 149 ? -0.778  17.487  -6.891  1.00 24.14 ? 149 HIS A CD2 1 
ATOM   1175 C  CE1 . HIS A 1 149 ? -2.596  17.594  -5.631  1.00 26.24 ? 149 HIS A CE1 1 
ATOM   1176 N  NE2 . HIS A 1 149 ? -1.379  18.101  -5.821  1.00 29.43 ? 149 HIS A NE2 1 
ATOM   1177 N  N   . SER A 1 150 ? -0.932  15.159  -11.248 1.00 15.96 ? 150 SER A N   1 
ATOM   1178 C  CA  . SER A 1 150 ? -0.605  14.149  -12.236 1.00 14.30 ? 150 SER A CA  1 
ATOM   1179 C  C   . SER A 1 150 ? 0.044   13.014  -11.460 1.00 14.69 ? 150 SER A C   1 
ATOM   1180 O  O   . SER A 1 150 ? 0.582   13.185  -10.363 1.00 15.91 ? 150 SER A O   1 
ATOM   1181 C  CB  . SER A 1 150 ? 0.268   14.675  -13.352 1.00 25.69 ? 150 SER A CB  1 
ATOM   1182 O  OG  . SER A 1 150 ? 1.491   14.995  -12.741 1.00 34.72 ? 150 SER A OG  1 
ATOM   1183 N  N   . TYR A 1 151 ? -0.039  11.831  -12.050 1.00 21.09 ? 151 TYR A N   1 
ATOM   1184 C  CA  . TYR A 1 151 ? 0.501   10.637  -11.454 1.00 16.94 ? 151 TYR A CA  1 
ATOM   1185 C  C   . TYR A 1 151 ? 0.978   9.647   -12.522 1.00 15.23 ? 151 TYR A C   1 
ATOM   1186 O  O   . TYR A 1 151 ? 0.606   9.693   -13.703 1.00 18.11 ? 151 TYR A O   1 
ATOM   1187 C  CB  . TYR A 1 151 ? -0.542  10.011  -10.496 1.00 14.09 ? 151 TYR A CB  1 
ATOM   1188 C  CG  . TYR A 1 151 ? -1.822  9.779   -11.242 1.00 14.41 ? 151 TYR A CG  1 
ATOM   1189 C  CD1 . TYR A 1 151 ? -2.626  10.881  -11.561 1.00 30.65 ? 151 TYR A CD1 1 
ATOM   1190 C  CD2 . TYR A 1 151 ? -2.242  8.526   -11.678 1.00 13.04 ? 151 TYR A CD2 1 
ATOM   1191 C  CE1 . TYR A 1 151 ? -3.816  10.744  -12.279 1.00 29.31 ? 151 TYR A CE1 1 
ATOM   1192 C  CE2 . TYR A 1 151 ? -3.423  8.368   -12.397 1.00 16.70 ? 151 TYR A CE2 1 
ATOM   1193 C  CZ  . TYR A 1 151 ? -4.211  9.477   -12.697 1.00 22.59 ? 151 TYR A CZ  1 
ATOM   1194 O  OH  . TYR A 1 151 ? -5.377  9.341   -13.404 1.00 25.83 ? 151 TYR A OH  1 
ATOM   1195 N  N   . CYS A 1 152 ? 1.831   8.746   -12.028 1.00 16.43 ? 152 CYS A N   1 
ATOM   1196 C  CA  . CYS A 1 152 ? 2.458   7.662   -12.768 1.00 20.46 ? 152 CYS A CA  1 
ATOM   1197 C  C   . CYS A 1 152 ? 2.370   6.367   -11.993 1.00 18.19 ? 152 CYS A C   1 
ATOM   1198 O  O   . CYS A 1 152 ? 2.930   6.229   -10.909 1.00 14.16 ? 152 CYS A O   1 
ATOM   1199 C  CB  . CYS A 1 152 ? 3.951   7.866   -13.147 1.00 17.49 ? 152 CYS A CB  1 
ATOM   1200 S  SG  . CYS A 1 152 ? 4.597   6.530   -14.204 1.00 18.23 ? 152 CYS A SG  1 
ATOM   1201 N  N   . PHE A 1 153 ? 1.646   5.429   -12.603 1.00 13.29 ? 153 PHE A N   1 
ATOM   1202 C  CA  . PHE A 1 153 ? 1.501   4.119   -12.013 1.00 8.31  ? 153 PHE A CA  1 
ATOM   1203 C  C   . PHE A 1 153 ? 2.672   3.281   -12.468 1.00 11.22 ? 153 PHE A C   1 
ATOM   1204 O  O   . PHE A 1 153 ? 3.054   3.274   -13.643 1.00 16.52 ? 153 PHE A O   1 
ATOM   1205 C  CB  . PHE A 1 153 ? 0.285   3.356   -12.569 1.00 9.96  ? 153 PHE A CB  1 
ATOM   1206 C  CG  . PHE A 1 153 ? -1.038  3.940   -12.212 1.00 12.70 ? 153 PHE A CG  1 
ATOM   1207 C  CD1 . PHE A 1 153 ? -1.322  4.260   -10.885 1.00 12.72 ? 153 PHE A CD1 1 
ATOM   1208 C  CD2 . PHE A 1 153 ? -2.021  4.149   -13.181 1.00 17.93 ? 153 PHE A CD2 1 
ATOM   1209 C  CE1 . PHE A 1 153 ? -2.581  4.794   -10.571 1.00 16.08 ? 153 PHE A CE1 1 
ATOM   1210 C  CE2 . PHE A 1 153 ? -3.279  4.675   -12.888 1.00 20.82 ? 153 PHE A CE2 1 
ATOM   1211 C  CZ  . PHE A 1 153 ? -3.559  5.006   -11.555 1.00 16.46 ? 153 PHE A CZ  1 
ATOM   1212 N  N   . GLU A 1 154 ? 3.249   2.514   -11.544 1.00 10.53 ? 154 GLU A N   1 
ATOM   1213 C  CA  . GLU A 1 154 ? 4.354   1.694   -11.915 1.00 11.33 ? 154 GLU A CA  1 
ATOM   1214 C  C   . GLU A 1 154 ? 4.335   0.348   -11.201 1.00 17.35 ? 154 GLU A C   1 
ATOM   1215 O  O   . GLU A 1 154 ? 3.983   0.292   -10.028 1.00 16.79 ? 154 GLU A O   1 
ATOM   1216 C  CB  . GLU A 1 154 ? 5.621   2.438   -11.459 1.00 14.17 ? 154 GLU A CB  1 
ATOM   1217 C  CG  . GLU A 1 154 ? 6.884   1.652   -11.783 1.00 20.51 ? 154 GLU A CG  1 
ATOM   1218 C  CD  . GLU A 1 154 ? 8.154   2.424   -11.553 1.00 22.99 ? 154 GLU A CD  1 
ATOM   1219 O  OE1 . GLU A 1 154 ? 8.138   3.145   -10.475 1.00 27.56 ? 154 GLU A OE1 1 
ATOM   1220 O  OE2 . GLU A 1 154 ? 9.152   2.258   -12.220 1.00 29.54 ? 154 GLU A OE2 1 
ATOM   1221 N  N   . ILE A 1 155 ? 4.711   -0.722  -11.891 1.00 5.88  ? 155 ILE A N   1 
ATOM   1222 C  CA  . ILE A 1 155 ? 4.802   -2.018  -11.268 1.00 8.95  ? 155 ILE A CA  1 
ATOM   1223 C  C   . ILE A 1 155 ? 6.240   -2.451  -11.446 1.00 16.12 ? 155 ILE A C   1 
ATOM   1224 O  O   . ILE A 1 155 ? 6.782   -2.413  -12.552 1.00 13.96 ? 155 ILE A O   1 
ATOM   1225 C  CB  . ILE A 1 155 ? 3.855   -3.130  -11.789 1.00 13.81 ? 155 ILE A CB  1 
ATOM   1226 C  CG1 . ILE A 1 155 ? 2.435   -2.667  -11.573 1.00 16.21 ? 155 ILE A CG1 1 
ATOM   1227 C  CG2 . ILE A 1 155 ? 4.100   -4.470  -11.075 1.00 13.68 ? 155 ILE A CG2 1 
ATOM   1228 C  CD1 . ILE A 1 155 ? 1.404   -3.478  -12.363 1.00 18.50 ? 155 ILE A CD1 1 
ATOM   1229 N  N   . LEU A 1 156 ? 6.855   -2.840  -10.348 1.00 9.64  ? 156 LEU A N   1 
ATOM   1230 C  CA  . LEU A 1 156 ? 8.247   -3.291  -10.306 1.00 14.93 ? 156 LEU A CA  1 
ATOM   1231 C  C   . LEU A 1 156 ? 8.337   -4.705  -9.753  1.00 16.46 ? 156 LEU A C   1 
ATOM   1232 O  O   . LEU A 1 156 ? 7.597   -5.099  -8.850  1.00 16.28 ? 156 LEU A O   1 
ATOM   1233 C  CB  . LEU A 1 156 ? 9.144   -2.402  -9.440  1.00 18.14 ? 156 LEU A CB  1 
ATOM   1234 C  CG  . LEU A 1 156 ? 9.188   -0.926  -9.831  1.00 26.43 ? 156 LEU A CG  1 
ATOM   1235 C  CD1 . LEU A 1 156 ? 10.127  -0.250  -8.870  1.00 26.27 ? 156 LEU A CD1 1 
ATOM   1236 C  CD2 . LEU A 1 156 ? 9.844   -0.799  -11.193 1.00 36.71 ? 156 LEU A CD2 1 
ATOM   1237 N  N   . GLU A 1 157 ? 9.257   -5.479  -10.298 1.00 13.67 ? 157 GLU A N   1 
ATOM   1238 C  CA  . GLU A 1 157 ? 9.451   -6.846  -9.842  1.00 17.27 ? 157 GLU A CA  1 
ATOM   1239 C  C   . GLU A 1 157 ? 10.872  -7.019  -9.420  1.00 15.54 ? 157 GLU A C   1 
ATOM   1240 O  O   . GLU A 1 157 ? 11.758  -6.461  -10.053 1.00 19.26 ? 157 GLU A O   1 
ATOM   1241 C  CB  . GLU A 1 157 ? 9.214   -7.883  -10.956 1.00 22.86 ? 157 GLU A CB  1 
ATOM   1242 C  CG  . GLU A 1 157 ? 7.747   -7.953  -11.397 1.00 32.41 ? 157 GLU A CG  1 
ATOM   1243 C  CD  . GLU A 1 157 ? 7.541   -8.960  -12.497 1.00 46.55 ? 157 GLU A CD  1 
ATOM   1244 O  OE1 . GLU A 1 157 ? 8.476   -9.484  -13.067 1.00 53.99 ? 157 GLU A OE1 1 
ATOM   1245 O  OE2 . GLU A 1 157 ? 6.276   -9.149  -12.804 1.00 48.94 ? 157 GLU A OE2 1 
ATOM   1246 N  N   . ARG A 1 158 ? 11.087  -7.782  -8.366  1.00 14.46 ? 158 ARG A N   1 
ATOM   1247 C  CA  . ARG A 1 158 ? 12.439  -7.965  -7.918  1.00 14.73 ? 158 ARG A CA  1 
ATOM   1248 C  C   . ARG A 1 158 ? 13.225  -8.720  -8.990  1.00 22.35 ? 158 ARG A C   1 
ATOM   1249 O  O   . ARG A 1 158 ? 12.732  -9.722  -9.483  1.00 29.13 ? 158 ARG A O   1 
ATOM   1250 C  CB  . ARG A 1 158 ? 12.407  -8.657  -6.585  1.00 11.53 ? 158 ARG A CB  1 
ATOM   1251 C  CG  . ARG A 1 158 ? 13.642  -8.314  -5.789  1.00 17.94 ? 158 ARG A CG  1 
ATOM   1252 C  CD  . ARG A 1 158 ? 13.603  -9.135  -4.527  1.00 22.47 ? 158 ARG A CD  1 
ATOM   1253 N  NE  . ARG A 1 158 ? 12.810  -8.529  -3.466  1.00 18.49 ? 158 ARG A NE  1 
ATOM   1254 C  CZ  . ARG A 1 158 ? 13.433  -7.680  -2.683  1.00 22.14 ? 158 ARG A CZ  1 
ATOM   1255 N  NH1 . ARG A 1 158 ? 14.728  -7.387  -2.874  1.00 21.35 ? 158 ARG A NH1 1 
ATOM   1256 N  NH2 . ARG A 1 158 ? 12.786  -7.100  -1.699  1.00 23.96 ? 158 ARG A NH2 1 
ATOM   1257 N  N   . ARG A 1 159 ? 14.415  -8.256  -9.370  1.00 21.87 ? 159 ARG A N   1 
ATOM   1258 C  CA  . ARG A 1 159 ? 15.225  -8.937  -10.404 1.00 32.20 ? 159 ARG A CA  1 
ATOM   1259 C  C   . ARG A 1 159 ? 15.746  -10.239 -9.833  1.00 49.05 ? 159 ARG A C   1 
ATOM   1260 O  O   . ARG A 1 159 ? 16.390  -10.118 -8.784  1.00 52.23 ? 159 ARG A O   1 
ATOM   1261 C  CB  . ARG A 1 159 ? 16.449  -8.106  -10.816 1.00 28.90 ? 159 ARG A CB  1 
ATOM   1262 C  CG  . ARG A 1 159 ? 16.121  -6.685  -11.276 1.00 31.82 ? 159 ARG A CG  1 
ATOM   1263 C  CD  . ARG A 1 159 ? 17.263  -5.785  -11.748 1.00 34.79 ? 159 ARG A CD  1 
ATOM   1264 N  NE  . ARG A 1 159 ? 16.817  -4.685  -12.634 1.00 36.60 ? 159 ARG A NE  1 
ATOM   1265 C  CZ  . ARG A 1 159 ? 16.309  -4.739  -13.892 1.00 34.61 ? 159 ARG A CZ  1 
ATOM   1266 N  NH1 . ARG A 1 159 ? 16.105  -5.851  -14.612 1.00 39.41 ? 159 ARG A NH1 1 
ATOM   1267 N  NH2 . ARG A 1 159 ? 15.964  -3.605  -14.492 1.00 39.35 ? 159 ARG A NH2 1 
ATOM   1268 O  OXT . ARG A 1 159 ? 15.466  -11.355 -10.343 1.00 61.27 ? 159 ARG A OXT 1 
HETATM 1269 CL CL  . CL  B 2 .   ? 0.013   1.861   10.050  1.00 16.83 ? 299 CL  A CL  1 
HETATM 1270 MN MN  . MN  C 3 .   ? -17.417 -9.970  20.280  0.50 29.90 ? 300 MN  A MN  1 
HETATM 1271 N  N1  . DHF D 4 .   ? -1.740  2.673   -2.634  1.00 15.16 ? 161 DHF A N1  1 
HETATM 1272 C  C2  . DHF D 4 .   ? -2.098  3.497   -3.621  1.00 19.10 ? 161 DHF A C2  1 
HETATM 1273 N  NA2 . DHF D 4 .   ? -1.676  3.452   -4.722  1.00 24.53 ? 161 DHF A NA2 1 
HETATM 1274 N  N3  . DHF D 4 .   ? -3.077  4.547   -3.329  1.00 13.95 ? 161 DHF A N3  1 
HETATM 1275 C  C4  . DHF D 4 .   ? -3.649  4.730   -2.069  1.00 21.27 ? 161 DHF A C4  1 
HETATM 1276 O  O4  . DHF D 4 .   ? -4.473  5.646   -1.888  1.00 22.01 ? 161 DHF A O4  1 
HETATM 1277 C  C4A . DHF D 4 .   ? -3.250  3.792   -0.986  1.00 18.15 ? 161 DHF A C4A 1 
HETATM 1278 N  N5  . DHF D 4 .   ? -3.803  3.956   0.361   1.00 14.57 ? 161 DHF A N5  1 
HETATM 1279 C  C6  . DHF D 4 .   ? -3.302  3.091   1.286   1.00 19.55 ? 161 DHF A C6  1 
HETATM 1280 C  C7  . DHF D 4 .   ? -2.366  2.191   0.786   1.00 15.83 ? 161 DHF A C7  1 
HETATM 1281 N  N8  . DHF D 4 .   ? -1.860  2.032   -0.471  1.00 15.96 ? 161 DHF A N8  1 
HETATM 1282 C  C8A . DHF D 4 .   ? -2.328  2.840   -1.305  1.00 12.58 ? 161 DHF A C8A 1 
HETATM 1283 C  C9  . DHF D 4 .   ? -3.781  3.156   2.656   1.00 25.82 ? 161 DHF A C9  1 
HETATM 1284 N  N10 . DHF D 4 .   ? -4.994  4.048   2.728   1.00 16.31 ? 161 DHF A N10 1 
HETATM 1285 C  C11 . DHF D 4 .   ? -9.139  3.437   1.178   1.00 21.92 ? 161 DHF A C11 1 
HETATM 1286 C  C12 . DHF D 4 .   ? -8.768  4.535   2.068   1.00 22.40 ? 161 DHF A C12 1 
HETATM 1287 C  C13 . DHF D 4 .   ? -7.321  4.677   2.556   1.00 21.87 ? 161 DHF A C13 1 
HETATM 1288 C  C14 . DHF D 4 .   ? -6.189  3.746   2.180   1.00 14.54 ? 161 DHF A C14 1 
HETATM 1289 C  C15 . DHF D 4 .   ? -6.443  2.698   1.350   1.00 15.59 ? 161 DHF A C15 1 
HETATM 1290 C  C16 . DHF D 4 .   ? -7.939  2.482   0.794   1.00 16.06 ? 161 DHF A C16 1 
HETATM 1291 C  C   . DHF D 4 .   ? -10.466 3.123   0.590   1.00 33.31 ? 161 DHF A C   1 
HETATM 1292 O  O   . DHF D 4 .   ? -11.694 3.469   0.831   1.00 45.80 ? 161 DHF A O   1 
HETATM 1293 N  N   . DHF D 4 .   ? -10.366 2.398   -0.318  1.00 19.86 ? 161 DHF A N   1 
HETATM 1294 C  CA  . DHF D 4 .   ? -11.540 1.921   -1.189  1.00 25.36 ? 161 DHF A CA  1 
HETATM 1295 C  CB  . DHF D 4 .   ? -11.618 2.796   -2.343  1.00 35.95 ? 161 DHF A CB  1 
HETATM 1296 C  CG  . DHF D 4 .   ? -12.510 2.217   -3.528  1.00 39.11 ? 161 DHF A CG  1 
HETATM 1297 C  CT  . DHF D 4 .   ? -11.347 0.408   -1.598  1.00 23.77 ? 161 DHF A CT  1 
HETATM 1298 O  O1  . DHF D 4 .   ? -10.193 -0.099  -1.856  1.00 18.62 ? 161 DHF A O1  1 
HETATM 1299 O  O2  . DHF D 4 .   ? -12.384 -0.263  -1.521  1.00 25.17 ? 161 DHF A O2  1 
HETATM 1300 N  N1  . DHF E 4 .   ? 9.709   6.975   -10.025 1.00 27.65 ? 163 DHF A N1  1 
HETATM 1301 C  C2  . DHF E 4 .   ? 9.869   8.094   -9.270  1.00 30.61 ? 163 DHF A C2  1 
HETATM 1302 N  NA2 . DHF E 4 .   ? 10.527  8.182   -8.179  1.00 42.79 ? 163 DHF A NA2 1 
HETATM 1303 N  N3  . DHF E 4 .   ? 9.266   9.290   -9.705  1.00 26.15 ? 163 DHF A N3  1 
HETATM 1304 C  C4  . DHF E 4 .   ? 8.527   9.388   -10.845 1.00 26.25 ? 163 DHF A C4  1 
HETATM 1305 O  O4  . DHF E 4 .   ? 8.010   10.430  -11.217 1.00 24.05 ? 163 DHF A O4  1 
HETATM 1306 C  C4A . DHF E 4 .   ? 8.368   8.168   -11.641 1.00 24.55 ? 163 DHF A C4A 1 
HETATM 1307 N  N5  . DHF E 4 .   ? 7.566   8.269   -12.757 1.00 24.56 ? 163 DHF A N5  1 
HETATM 1308 C  C6  . DHF E 4 .   ? 7.235   7.095   -13.311 1.00 22.95 ? 163 DHF A C6  1 
HETATM 1309 C  C7  . DHF E 4 .   ? 7.614   5.922   -12.639 1.00 29.09 ? 163 DHF A C7  1 
HETATM 1310 N  N8  . DHF E 4 .   ? 8.438   5.846   -11.546 1.00 32.99 ? 163 DHF A N8  1 
HETATM 1311 C  C8A . DHF E 4 .   ? 8.943   7.031   -11.210 1.00 23.04 ? 163 DHF A C8A 1 
HETATM 1312 C  C9  . DHF E 4 .   ? 6.484   7.114   -14.574 1.00 22.65 ? 163 DHF A C9  1 
HETATM 1313 N  N10 . DHF E 4 .   ? 6.555   8.471   -15.172 1.00 17.75 ? 163 DHF A N10 1 
HETATM 1314 C  C11 . DHF E 4 .   ? 5.730   9.029   -19.202 1.00 27.13 ? 163 DHF A C11 1 
HETATM 1315 C  C12 . DHF E 4 .   ? 6.222   10.079  -18.399 1.00 29.11 ? 163 DHF A C12 1 
HETATM 1316 C  C13 . DHF E 4 .   ? 6.493   9.889   -17.079 1.00 27.46 ? 163 DHF A C13 1 
HETATM 1317 C  C14 . DHF E 4 .   ? 6.257   8.595   -16.533 1.00 19.58 ? 163 DHF A C14 1 
HETATM 1318 C  C15 . DHF E 4 .   ? 5.787   7.569   -17.266 1.00 24.53 ? 163 DHF A C15 1 
HETATM 1319 C  C16 . DHF E 4 .   ? 5.514   7.795   -18.636 1.00 20.55 ? 163 DHF A C16 1 
HETATM 1320 C  C   . DHF E 4 .   ? 5.422   9.171   -20.609 1.00 33.84 ? 163 DHF A C   1 
HETATM 1321 O  O   . DHF E 4 .   ? 5.639   10.192  -21.220 1.00 37.29 ? 163 DHF A O   1 
HETATM 1322 N  N   . DHF E 4 .   ? 4.796   8.233   -21.243 1.00 38.35 ? 163 DHF A N   1 
HETATM 1323 C  CA  . DHF E 4 .   ? 4.430   8.384   -22.689 1.00 61.94 ? 163 DHF A CA  1 
HETATM 1324 C  CB  . DHF E 4 .   ? 5.653   8.038   -23.615 1.00 70.80 ? 163 DHF A CB  1 
HETATM 1325 C  CG  . DHF E 4 .   ? 6.316   9.363   -24.283 1.00 72.54 ? 163 DHF A CG  1 
HETATM 1326 C  CD  . DHF E 4 .   ? 7.712   9.206   -24.963 1.00 73.29 ? 163 DHF A CD  1 
HETATM 1327 O  OE1 . DHF E 4 .   ? 7.971   10.274  -25.586 1.00 73.94 ? 163 DHF A OE1 1 
HETATM 1328 O  OE2 . DHF E 4 .   ? 8.464   8.203   -24.896 1.00 71.87 ? 163 DHF A OE2 1 
HETATM 1329 C  CT  . DHF E 4 .   ? 3.341   7.419   -22.981 1.00 80.76 ? 163 DHF A CT  1 
HETATM 1330 O  O1  . DHF E 4 .   ? 3.508   6.208   -22.719 1.00 90.26 ? 163 DHF A O1  1 
HETATM 1331 O  O2  . DHF E 4 .   ? 2.306   7.920   -23.469 1.00 87.58 ? 163 DHF A O2  1 
HETATM 1332 O  O   . HOH F 5 .   ? 3.362   1.181   10.007  1.00 24.58 ? 301 HOH A O   1 
HETATM 1333 O  O   . HOH F 5 .   ? 0.032   2.131   -6.411  1.00 10.79 ? 302 HOH A O   1 
HETATM 1334 O  O   . HOH F 5 .   ? -16.949 0.948   10.362  1.00 16.10 ? 303 HOH A O   1 
HETATM 1335 O  O   . HOH F 5 .   ? -4.156  -13.710 -3.759  1.00 11.61 ? 304 HOH A O   1 
HETATM 1336 O  O   . HOH F 5 .   ? -4.762  -13.335 -6.367  1.00 23.59 ? 305 HOH A O   1 
HETATM 1337 O  O   . HOH F 5 .   ? -2.748  -7.760  17.422  1.00 19.44 ? 306 HOH A O   1 
HETATM 1338 O  O   . HOH F 5 .   ? -8.571  -11.664 15.201  1.00 14.72 ? 307 HOH A O   1 
HETATM 1339 O  O   . HOH F 5 .   ? -4.745  8.345   -3.360  1.00 25.51 ? 308 HOH A O   1 
HETATM 1340 O  O   . HOH F 5 .   ? -7.438  -8.131  -7.370  1.00 32.21 ? 309 HOH A O   1 
HETATM 1341 O  O   . HOH F 5 .   ? -5.069  19.828  -0.049  1.00 16.61 ? 311 HOH A O   1 
HETATM 1342 O  O   . HOH F 5 .   ? -1.549  -25.449 -2.693  1.00 35.35 ? 312 HOH A O   1 
HETATM 1343 O  O   . HOH F 5 .   ? -2.881  -7.304  -9.614  1.00 21.64 ? 313 HOH A O   1 
HETATM 1344 O  O   . HOH F 5 .   ? 7.234   -9.449  13.306  1.00 26.86 ? 314 HOH A O   1 
HETATM 1345 O  O   . HOH F 5 .   ? 7.640   -12.602 12.306  1.00 36.61 ? 315 HOH A O   1 
HETATM 1346 O  O   . HOH F 5 .   ? -6.752  -14.382 -2.819  1.00 23.39 ? 316 HOH A O   1 
HETATM 1347 O  O   . HOH F 5 .   ? -10.036 -0.762  16.325  1.00 19.19 ? 317 HOH A O   1 
HETATM 1348 O  O   . HOH F 5 .   ? -7.731  0.163   16.946  1.00 33.85 ? 318 HOH A O   1 
HETATM 1349 O  O   . HOH F 5 .   ? 7.565   8.968   -6.231  1.00 35.19 ? 319 HOH A O   1 
HETATM 1350 O  O   . HOH F 5 .   ? 6.183   11.203  -6.966  1.00 36.51 ? 320 HOH A O   1 
HETATM 1351 O  O   . HOH F 5 .   ? -16.995 -3.267  4.816   1.00 28.72 ? 321 HOH A O   1 
HETATM 1352 O  O   . HOH F 5 .   ? 10.649  3.964   -9.055  1.00 34.24 ? 322 HOH A O   1 
HETATM 1353 O  O   . HOH F 5 .   ? 6.383   10.789  -13.887 1.00 33.27 ? 323 HOH A O   1 
HETATM 1354 O  O   . HOH F 5 .   ? 0.332   -1.610  13.819  1.00 21.12 ? 324 HOH A O   1 
HETATM 1355 O  O   . HOH F 5 .   ? -6.095  -9.993  19.469  1.00 24.32 ? 325 HOH A O   1 
HETATM 1356 O  O   . HOH F 5 .   ? -0.467  -8.797  23.359  1.00 43.89 ? 326 HOH A O   1 
HETATM 1357 O  O   . HOH F 5 .   ? -12.445 5.449   -7.747  1.00 33.32 ? 327 HOH A O   1 
HETATM 1358 O  O   . HOH F 5 .   ? -1.189  3.081   4.725   1.00 20.27 ? 328 HOH A O   1 
HETATM 1359 O  O   . HOH F 5 .   ? 0.558   4.610   0.537   1.00 23.49 ? 329 HOH A O   1 
HETATM 1360 O  O   . HOH F 5 .   ? 13.038  -4.931  7.677   1.00 34.27 ? 330 HOH A O   1 
HETATM 1361 O  O   . HOH F 5 .   ? -0.110  -10.379 -9.545  1.00 31.68 ? 331 HOH A O   1 
HETATM 1362 O  O   . HOH F 5 .   ? 3.134   -0.194  12.587  1.00 32.82 ? 332 HOH A O   1 
HETATM 1363 O  O   . HOH F 5 .   ? -11.220 -11.085 14.872  1.00 30.50 ? 333 HOH A O   1 
HETATM 1364 O  O   . HOH F 5 .   ? 2.231   -14.130 16.570  1.00 36.73 ? 334 HOH A O   1 
HETATM 1365 O  O   . HOH F 5 .   ? -2.004  -20.351 -3.876  1.00 32.50 ? 335 HOH A O   1 
HETATM 1366 O  O   . HOH F 5 .   ? 5.503   4.392   -20.507 1.00 41.18 ? 336 HOH A O   1 
HETATM 1367 O  O   . HOH F 5 .   ? 5.928   19.976  -8.631  1.00 35.83 ? 337 HOH A O   1 
HETATM 1368 O  O   . HOH F 5 .   ? -2.500  -12.281 -7.786  1.00 30.67 ? 338 HOH A O   1 
HETATM 1369 O  O   . HOH F 5 .   ? 0.763   16.277  -20.263 1.00 32.12 ? 339 HOH A O   1 
HETATM 1370 O  O   . HOH F 5 .   ? 6.995   15.771  -0.569  1.00 27.11 ? 340 HOH A O   1 
HETATM 1371 O  O   . HOH F 5 .   ? -13.100 8.104   -5.668  1.00 47.49 ? 341 HOH A O   1 
HETATM 1372 O  O   . HOH F 5 .   ? -12.783 14.350  -8.031  1.00 30.84 ? 342 HOH A O   1 
HETATM 1373 O  O   . HOH F 5 .   ? -6.112  11.970  -14.636 1.00 28.63 ? 343 HOH A O   1 
HETATM 1374 O  O   . HOH F 5 .   ? -7.429  3.638   -12.390 1.00 28.23 ? 344 HOH A O   1 
HETATM 1375 O  O   . HOH F 5 .   ? -5.142  -2.358  -13.082 1.00 40.01 ? 345 HOH A O   1 
HETATM 1376 O  O   . HOH F 5 .   ? 13.657  -1.377  -15.072 1.00 33.43 ? 346 HOH A O   1 
HETATM 1377 O  O   . HOH F 5 .   ? -10.803 9.340   -12.586 1.00 32.91 ? 347 HOH A O   1 
HETATM 1378 O  O   . HOH F 5 .   ? 15.051  -3.408  -2.511  1.00 32.84 ? 348 HOH A O   1 
HETATM 1379 O  O   . HOH F 5 .   ? 14.402  4.309   -4.359  1.00 48.22 ? 349 HOH A O   1 
HETATM 1380 O  O   . HOH F 5 .   ? -13.402 -11.296 11.221  1.00 48.16 ? 350 HOH A O   1 
HETATM 1381 O  O   . HOH F 5 .   ? -5.118  -3.365  22.609  1.00 46.62 ? 351 HOH A O   1 
HETATM 1382 O  O   . HOH F 5 .   ? -7.075  10.189  -3.553  1.00 30.82 ? 352 HOH A O   1 
HETATM 1383 O  O   . HOH F 5 .   ? -7.013  10.485  -0.837  1.00 44.91 ? 353 HOH A O   1 
HETATM 1384 O  O   . HOH F 5 .   ? -5.849  6.492   0.487   1.00 45.08 ? 354 HOH A O   1 
HETATM 1385 O  O   . HOH F 5 .   ? 0.106   -1.470  16.737  1.00 39.97 ? 355 HOH A O   1 
HETATM 1386 O  O   . HOH F 5 .   ? 2.905   -2.893  17.408  1.00 34.22 ? 356 HOH A O   1 
HETATM 1387 O  O   . HOH F 5 .   ? 4.345   11.454  6.514   1.00 38.16 ? 357 HOH A O   1 
HETATM 1388 O  O   . HOH F 5 .   ? 9.445   9.385   -4.976  1.00 41.82 ? 358 HOH A O   1 
HETATM 1389 O  O   . HOH F 5 .   ? 1.540   -15.957 -1.011  1.00 32.20 ? 359 HOH A O   1 
HETATM 1390 O  O   . HOH F 5 .   ? 0.482   -17.955 3.433   1.00 27.13 ? 360 HOH A O   1 
HETATM 1391 O  O   . HOH F 5 .   ? -8.046  -16.803 9.289   1.00 32.88 ? 361 HOH A O   1 
HETATM 1392 O  O   . HOH F 5 .   ? 4.047   11.676  -11.817 1.00 26.90 ? 362 HOH A O   1 
HETATM 1393 O  O   . HOH F 5 .   ? 6.356   13.803  -14.448 1.00 39.43 ? 363 HOH A O   1 
HETATM 1394 O  O   . HOH F 5 .   ? 14.871  -5.330  0.274   1.00 29.05 ? 364 HOH A O   1 
HETATM 1395 O  O   . HOH F 5 .   ? -12.800 3.026   -6.608  1.00 34.75 ? 365 HOH A O   1 
HETATM 1396 O  O   . HOH F 5 .   ? -11.294 -11.290 9.087   1.00 28.95 ? 366 HOH A O   1 
HETATM 1397 O  O   . HOH F 5 .   ? 2.453   -17.166 1.461   1.00 34.22 ? 367 HOH A O   1 
HETATM 1398 O  O   . HOH F 5 .   ? -4.179  17.359  4.669   1.00 55.01 ? 368 HOH A O   1 
HETATM 1399 O  O   . HOH F 5 .   ? -16.098 -8.442  2.278   1.00 31.20 ? 369 HOH A O   1 
HETATM 1400 O  O   . HOH F 5 .   ? -13.053 7.128   6.353   1.00 48.12 ? 370 HOH A O   1 
HETATM 1401 O  O   . HOH F 5 .   ? -13.937 -7.396  4.231   1.00 37.27 ? 371 HOH A O   1 
HETATM 1402 O  O   . HOH F 5 .   ? -11.883 -9.176  7.096   1.00 35.43 ? 372 HOH A O   1 
HETATM 1403 O  O   . HOH F 5 .   ? 4.481   -2.890  12.892  1.00 35.32 ? 373 HOH A O   1 
HETATM 1404 O  O   . HOH F 5 .   ? -4.451  -20.617 -5.684  1.00 44.10 ? 374 HOH A O   1 
HETATM 1405 O  O   . HOH F 5 .   ? -9.310  -12.070 0.466   1.00 32.94 ? 375 HOH A O   1 
HETATM 1406 O  O   . HOH F 5 .   ? 9.209   11.628  -7.619  1.00 45.07 ? 376 HOH A O   1 
HETATM 1407 O  O   . HOH F 5 .   ? -0.215  -22.157 2.607   1.00 48.32 ? 377 HOH A O   1 
HETATM 1408 O  O   . HOH F 5 .   ? 2.212   -20.258 0.463   1.00 59.65 ? 378 HOH A O   1 
HETATM 1409 O  O   . HOH F 5 .   ? -11.567 -0.334  -9.742  1.00 35.69 ? 379 HOH A O   1 
HETATM 1410 O  O   . HOH F 5 .   ? 22.930  2.626   -9.068  1.00 45.75 ? 380 HOH A O   1 
HETATM 1411 O  O   . HOH F 5 .   ? -11.143 1.206   11.068  1.00 36.83 ? 381 HOH A O   1 
HETATM 1412 O  O   . HOH F 5 .   ? -9.940  -6.599  -9.624  1.00 45.87 ? 382 HOH A O   1 
HETATM 1413 O  O   . HOH F 5 .   ? 17.210  -8.555  -7.318  1.00 52.05 ? 383 HOH A O   1 
HETATM 1414 O  O   . HOH F 5 .   ? -0.472  17.444  4.333   1.00 54.51 ? 384 HOH A O   1 
HETATM 1415 O  O   . HOH F 5 .   ? -0.269  -23.310 -3.433  1.00 49.02 ? 385 HOH A O   1 
HETATM 1416 O  O   . HOH F 5 .   ? 4.283   0.026   -19.473 1.00 36.17 ? 386 HOH A O   1 
HETATM 1417 O  O   . HOH F 5 .   ? 6.174   11.664  -9.906  1.00 43.11 ? 387 HOH A O   1 
HETATM 1418 O  O   . HOH F 5 .   ? 4.206   -17.316 -2.550  1.00 48.56 ? 388 HOH A O   1 
HETATM 1419 O  O   . HOH F 5 .   ? 4.625   3.714   10.335  1.00 36.51 ? 389 HOH A O   1 
HETATM 1420 O  O   . HOH F 5 .   ? -1.160  -14.119 18.314  1.00 48.65 ? 390 HOH A O   1 
HETATM 1421 O  O   . HOH F 5 .   ? -6.452  4.874   -14.671 1.00 45.42 ? 391 HOH A O   1 
HETATM 1422 O  O   . HOH F 5 .   ? -13.355 1.623   -8.574  1.00 49.22 ? 392 HOH A O   1 
HETATM 1423 O  O   . HOH F 5 .   ? -1.415  -17.078 16.365  1.00 37.41 ? 393 HOH A O   1 
HETATM 1424 O  O   . HOH F 5 .   ? -16.399 -2.456  -2.688  1.00 46.35 ? 394 HOH A O   1 
HETATM 1425 O  O   . HOH F 5 .   ? -4.885  6.526   4.802   1.00 47.42 ? 395 HOH A O   1 
HETATM 1426 O  O   . HOH F 5 .   ? 11.272  3.662   -12.023 1.00 42.19 ? 396 HOH A O   1 
HETATM 1427 O  O   . HOH F 5 .   ? -3.820  0.779   -19.322 1.00 44.84 ? 397 HOH A O   1 
HETATM 1428 O  O   . HOH F 5 .   ? 10.292  12.283  -12.010 1.00 45.48 ? 398 HOH A O   1 
HETATM 1429 O  O   . HOH F 5 .   ? -5.061  10.229  0.344   1.00 56.23 ? 399 HOH A O   1 
HETATM 1430 O  O   . HOH F 5 .   ? -17.042 -6.027  4.390   1.00 42.52 ? 400 HOH A O   1 
HETATM 1431 O  O   . HOH F 5 .   ? -6.866  -16.768 -4.484  1.00 51.70 ? 401 HOH A O   1 
HETATM 1432 O  O   . HOH F 5 .   ? 16.441  -1.245  -12.877 1.00 46.94 ? 402 HOH A O   1 
HETATM 1433 O  O   . HOH F 5 .   ? -11.687 -11.950 -0.575  1.00 45.61 ? 403 HOH A O   1 
HETATM 1434 O  O   . HOH F 5 .   ? 2.191   20.067  -5.065  1.00 37.71 ? 404 HOH A O   1 
HETATM 1435 O  O   . HOH F 5 .   ? -11.715 6.873   10.230  1.00 40.53 ? 405 HOH A O   1 
HETATM 1436 O  O   . HOH F 5 .   ? 7.596   18.035  -8.482  1.00 47.29 ? 406 HOH A O   1 
HETATM 1437 O  O   . HOH F 5 .   ? 11.979  -2.879  -18.488 1.00 52.13 ? 407 HOH A O   1 
HETATM 1438 O  O   . HOH F 5 .   ? 2.668   5.769   7.354   1.00 39.47 ? 408 HOH A O   1 
HETATM 1439 O  O   . HOH F 5 .   ? 1.519   4.915   10.255  1.00 40.71 ? 409 HOH A O   1 
HETATM 1440 O  O   . HOH F 5 .   ? -5.316  10.216  -17.549 1.00 46.97 ? 410 HOH A O   1 
HETATM 1441 O  O   . HOH F 5 .   ? -2.746  12.227  -19.350 1.00 40.60 ? 411 HOH A O   1 
HETATM 1442 O  O   . HOH F 5 .   ? -6.545  7.521   -15.045 1.00 49.03 ? 412 HOH A O   1 
HETATM 1443 O  O   . HOH F 5 .   ? 4.710   -17.593 8.309   1.00 50.67 ? 413 HOH A O   1 
HETATM 1444 O  O   . HOH F 5 .   ? 14.412  0.171   -11.013 1.00 43.03 ? 414 HOH A O   1 
HETATM 1445 O  O   . HOH F 5 .   ? -9.408  18.079  -10.090 1.00 43.27 ? 415 HOH A O   1 
HETATM 1446 O  O   . HOH F 5 .   ? -10.450 16.857  -7.790  1.00 59.50 ? 416 HOH A O   1 
HETATM 1447 O  O   . HOH F 5 .   ? -0.681  8.131   -23.371 1.00 54.12 ? 417 HOH A O   1 
HETATM 1448 O  O   . HOH F 5 .   ? 2.631   2.366   16.806  1.00 60.53 ? 418 HOH A O   1 
HETATM 1449 O  O   . HOH F 5 .   ? 1.389   -19.880 -3.037  1.00 53.58 ? 419 HOH A O   1 
HETATM 1450 O  O   . HOH F 5 .   ? 9.024   9.267   10.183  1.00 47.19 ? 420 HOH A O   1 
HETATM 1451 O  O   . HOH F 5 .   ? 17.745  5.754   -3.908  1.00 53.77 ? 421 HOH A O   1 
HETATM 1452 O  O   . HOH F 5 .   ? 17.709  1.700   -12.695 1.00 45.61 ? 422 HOH A O   1 
HETATM 1453 O  O   . HOH F 5 .   ? 2.686   6.726   -20.112 1.00 41.58 ? 423 HOH A O   1 
HETATM 1454 O  O   . HOH F 5 .   ? -6.736  -18.859 2.531   1.00 44.92 ? 424 HOH A O   1 
HETATM 1455 O  O   . HOH F 5 .   ? -14.745 -0.014  -1.045  1.00 43.50 ? 425 HOH A O   1 
HETATM 1456 O  O   . HOH F 5 .   ? 9.682   -11.339 -8.402  1.00 42.43 ? 426 HOH A O   1 
HETATM 1457 O  O   . HOH F 5 .   ? -11.100 -7.916  18.148  1.00 45.28 ? 427 HOH A O   1 
HETATM 1458 O  O   . HOH F 5 .   ? -3.735  -10.274 18.123  1.00 43.02 ? 428 HOH A O   1 
HETATM 1459 O  O   . HOH F 5 .   ? 15.479  -9.448  0.537   1.00 46.16 ? 429 HOH A O   1 
HETATM 1460 O  O   . HOH F 5 .   ? -13.360 -10.403 4.212   1.00 53.83 ? 430 HOH A O   1 
HETATM 1461 O  O   . HOH F 5 .   ? 9.333   -7.856  12.395  1.00 49.83 ? 431 HOH A O   1 
HETATM 1462 O  O   . HOH F 5 .   ? 17.160  -13.380 -8.460  1.00 56.00 ? 432 HOH A O   1 
HETATM 1463 O  O   . HOH F 5 .   ? 16.991  -8.360  -4.196  1.00 50.82 ? 433 HOH A O   1 
HETATM 1464 O  O   . HOH F 5 .   ? 13.034  -2.266  4.820   1.00 49.61 ? 434 HOH A O   1 
HETATM 1465 O  O   . HOH F 5 .   ? 7.212   -16.044 7.535   1.00 52.62 ? 435 HOH A O   1 
# 
